data_1CK2
# 
_entry.id   1CK2 
# 
_audit_conform.dict_name       mmcif_pdbx.dic 
_audit_conform.dict_version    5.383 
_audit_conform.dict_location   http://mmcif.pdb.org/dictionaries/ascii/mmcif_pdbx.dic 
# 
loop_
_database_2.database_id 
_database_2.database_code 
_database_2.pdbx_database_accession 
_database_2.pdbx_DOI 
PDB   1CK2         pdb_00001ck2 10.2210/pdb1ck2/pdb 
RCSB  RCSB000941   ?            ?                   
WWPDB D_1000000941 ?            ?                   
# 
loop_
_pdbx_audit_revision_history.ordinal 
_pdbx_audit_revision_history.data_content_type 
_pdbx_audit_revision_history.major_revision 
_pdbx_audit_revision_history.minor_revision 
_pdbx_audit_revision_history.revision_date 
1 'Structure model' 1 0 1999-10-14 
2 'Structure model' 1 1 2008-04-26 
3 'Structure model' 1 2 2011-07-13 
4 'Structure model' 1 3 2022-02-16 
5 'Structure model' 1 4 2023-12-27 
# 
_pdbx_audit_revision_details.ordinal             1 
_pdbx_audit_revision_details.revision_ordinal    1 
_pdbx_audit_revision_details.data_content_type   'Structure model' 
_pdbx_audit_revision_details.provider            repository 
_pdbx_audit_revision_details.type                'Initial release' 
_pdbx_audit_revision_details.description         ? 
_pdbx_audit_revision_details.details             ? 
# 
loop_
_pdbx_audit_revision_group.ordinal 
_pdbx_audit_revision_group.revision_ordinal 
_pdbx_audit_revision_group.data_content_type 
_pdbx_audit_revision_group.group 
1 2 'Structure model' 'Version format compliance' 
2 3 'Structure model' 'Version format compliance' 
3 4 'Structure model' 'Data collection'           
4 4 'Structure model' 'Database references'       
5 4 'Structure model' 'Derived calculations'      
6 5 'Structure model' 'Data collection'           
# 
loop_
_pdbx_audit_revision_category.ordinal 
_pdbx_audit_revision_category.revision_ordinal 
_pdbx_audit_revision_category.data_content_type 
_pdbx_audit_revision_category.category 
1 4 'Structure model' database_2            
2 4 'Structure model' pdbx_nmr_software     
3 4 'Structure model' pdbx_struct_assembly  
4 4 'Structure model' pdbx_struct_oper_list 
5 5 'Structure model' chem_comp_atom        
6 5 'Structure model' chem_comp_bond        
# 
loop_
_pdbx_audit_revision_item.ordinal 
_pdbx_audit_revision_item.revision_ordinal 
_pdbx_audit_revision_item.data_content_type 
_pdbx_audit_revision_item.item 
1 4 'Structure model' '_database_2.pdbx_DOI'                
2 4 'Structure model' '_database_2.pdbx_database_accession' 
3 4 'Structure model' '_pdbx_nmr_software.name'             
# 
_pdbx_database_status.status_code                     REL 
_pdbx_database_status.entry_id                        1CK2 
_pdbx_database_status.recvd_initial_deposition_date   1999-04-26 
_pdbx_database_status.deposit_site                    BNL 
_pdbx_database_status.process_site                    RCSB 
_pdbx_database_status.status_code_mr                  REL 
_pdbx_database_status.status_code_sf                  ? 
_pdbx_database_status.SG_entry                        N 
_pdbx_database_status.pdb_format_compatible           Y 
_pdbx_database_status.status_code_cs                  ? 
_pdbx_database_status.status_code_nmr_data            ? 
_pdbx_database_status.methods_development_category    ? 
# 
loop_
_audit_author.name 
_audit_author.pdbx_ordinal 
'Mao, H.'         1 
'Willamson, J.R.' 2 
# 
loop_
_citation.id 
_citation.title 
_citation.journal_abbrev 
_citation.journal_volume 
_citation.page_first 
_citation.page_last 
_citation.year 
_citation.journal_id_ASTM 
_citation.country 
_citation.journal_id_ISSN 
_citation.journal_id_CSD 
_citation.book_publisher 
_citation.pdbx_database_id_PubMed 
_citation.pdbx_database_id_DOI 
primary 'Local folding coupled to RNA binding in the yeast ribosomal protein L30' J.Mol.Biol.  292 345   359 1999 JMOBAK UK 
0022-2836 0070 ? 10493880 10.1006/jmbi.1999.3044 
1       'The Yeast Ribosomal Protein L32 and its Gene'                            J.Biol.Chem. 262 16055 ?   1987 JBCHA3 US 
0021-9258 0071 ? ?        ?                      
# 
loop_
_citation_author.citation_id 
_citation_author.name 
_citation_author.ordinal 
_citation_author.identifier_ORCID 
primary 'Mao, H.'          1 ? 
primary 'Williamson, J.R.' 2 ? 
1       'Dabeva, M.D.'     3 ? 
1       'Warner, J.R.'     4 ? 
# 
_entity.id                         1 
_entity.type                       polymer 
_entity.src_method                 man 
_entity.pdbx_description           '60S RIBOSOMAL PROTEIN L30' 
_entity.formula_weight             11299.168 
_entity.pdbx_number_of_molecules   1 
_entity.pdbx_ec                    ? 
_entity.pdbx_mutation              ? 
_entity.pdbx_fragment              ? 
_entity.details                    'This entry, 1CK2, is the replacement of 1CN6 cited in the primary reference' 
# 
_entity_name_com.entity_id   1 
_entity_name_com.name        RL30_YEAST 
# 
_entity_poly.entity_id                      1 
_entity_poly.type                           'polypeptide(L)' 
_entity_poly.nstd_linkage                   no 
_entity_poly.nstd_monomer                   no 
_entity_poly.pdbx_seq_one_letter_code       
;APVKSQESINQKLALVIKSGKYTLGYKSTVKSLRQGKSKLIIIAANTPVLRKSELEYYAMLSKTKVYYFQGGNNELGTAV
GKLFRVGVVSILEAGDSDILTTLA
;
_entity_poly.pdbx_seq_one_letter_code_can   
;APVKSQESINQKLALVIKSGKYTLGYKSTVKSLRQGKSKLIIIAANTPVLRKSELEYYAMLSKTKVYYFQGGNNELGTAV
GKLFRVGVVSILEAGDSDILTTLA
;
_entity_poly.pdbx_strand_id                 A 
_entity_poly.pdbx_target_identifier         ? 
# 
loop_
_entity_poly_seq.entity_id 
_entity_poly_seq.num 
_entity_poly_seq.mon_id 
_entity_poly_seq.hetero 
1 1   ALA n 
1 2   PRO n 
1 3   VAL n 
1 4   LYS n 
1 5   SER n 
1 6   GLN n 
1 7   GLU n 
1 8   SER n 
1 9   ILE n 
1 10  ASN n 
1 11  GLN n 
1 12  LYS n 
1 13  LEU n 
1 14  ALA n 
1 15  LEU n 
1 16  VAL n 
1 17  ILE n 
1 18  LYS n 
1 19  SER n 
1 20  GLY n 
1 21  LYS n 
1 22  TYR n 
1 23  THR n 
1 24  LEU n 
1 25  GLY n 
1 26  TYR n 
1 27  LYS n 
1 28  SER n 
1 29  THR n 
1 30  VAL n 
1 31  LYS n 
1 32  SER n 
1 33  LEU n 
1 34  ARG n 
1 35  GLN n 
1 36  GLY n 
1 37  LYS n 
1 38  SER n 
1 39  LYS n 
1 40  LEU n 
1 41  ILE n 
1 42  ILE n 
1 43  ILE n 
1 44  ALA n 
1 45  ALA n 
1 46  ASN n 
1 47  THR n 
1 48  PRO n 
1 49  VAL n 
1 50  LEU n 
1 51  ARG n 
1 52  LYS n 
1 53  SER n 
1 54  GLU n 
1 55  LEU n 
1 56  GLU n 
1 57  TYR n 
1 58  TYR n 
1 59  ALA n 
1 60  MET n 
1 61  LEU n 
1 62  SER n 
1 63  LYS n 
1 64  THR n 
1 65  LYS n 
1 66  VAL n 
1 67  TYR n 
1 68  TYR n 
1 69  PHE n 
1 70  GLN n 
1 71  GLY n 
1 72  GLY n 
1 73  ASN n 
1 74  ASN n 
1 75  GLU n 
1 76  LEU n 
1 77  GLY n 
1 78  THR n 
1 79  ALA n 
1 80  VAL n 
1 81  GLY n 
1 82  LYS n 
1 83  LEU n 
1 84  PHE n 
1 85  ARG n 
1 86  VAL n 
1 87  GLY n 
1 88  VAL n 
1 89  VAL n 
1 90  SER n 
1 91  ILE n 
1 92  LEU n 
1 93  GLU n 
1 94  ALA n 
1 95  GLY n 
1 96  ASP n 
1 97  SER n 
1 98  ASP n 
1 99  ILE n 
1 100 LEU n 
1 101 THR n 
1 102 THR n 
1 103 LEU n 
1 104 ALA n 
# 
_entity_src_gen.entity_id                          1 
_entity_src_gen.pdbx_src_id                        1 
_entity_src_gen.pdbx_alt_source_flag               sample 
_entity_src_gen.pdbx_seq_type                      ? 
_entity_src_gen.pdbx_beg_seq_num                   ? 
_entity_src_gen.pdbx_end_seq_num                   ? 
_entity_src_gen.gene_src_common_name               
;baker's yeast
;
_entity_src_gen.gene_src_genus                     Saccharomyces 
_entity_src_gen.pdbx_gene_src_gene                 RPL30 
_entity_src_gen.gene_src_species                   ? 
_entity_src_gen.gene_src_strain                    ? 
_entity_src_gen.gene_src_tissue                    ? 
_entity_src_gen.gene_src_tissue_fraction           ? 
_entity_src_gen.gene_src_details                   ? 
_entity_src_gen.pdbx_gene_src_fragment             ? 
_entity_src_gen.pdbx_gene_src_scientific_name      'Saccharomyces cerevisiae' 
_entity_src_gen.pdbx_gene_src_ncbi_taxonomy_id     4932 
_entity_src_gen.pdbx_gene_src_variant              ? 
_entity_src_gen.pdbx_gene_src_cell_line            ? 
_entity_src_gen.pdbx_gene_src_atcc                 ? 
_entity_src_gen.pdbx_gene_src_organ                ? 
_entity_src_gen.pdbx_gene_src_organelle            'RIBOSOME, 60S SUBUNIT' 
_entity_src_gen.pdbx_gene_src_cell                 ? 
_entity_src_gen.pdbx_gene_src_cellular_location    CYTOPLASM 
_entity_src_gen.host_org_common_name               ? 
_entity_src_gen.pdbx_host_org_scientific_name      'Escherichia coli BL21(DE3)' 
_entity_src_gen.pdbx_host_org_ncbi_taxonomy_id     469008 
_entity_src_gen.host_org_genus                     Escherichia 
_entity_src_gen.pdbx_host_org_gene                 ? 
_entity_src_gen.pdbx_host_org_organ                ? 
_entity_src_gen.host_org_species                   'Escherichia coli' 
_entity_src_gen.pdbx_host_org_tissue               ? 
_entity_src_gen.pdbx_host_org_tissue_fraction      ? 
_entity_src_gen.pdbx_host_org_strain               'BL21(DE3)' 
_entity_src_gen.pdbx_host_org_variant              ? 
_entity_src_gen.pdbx_host_org_cell_line            ? 
_entity_src_gen.pdbx_host_org_atcc                 ? 
_entity_src_gen.pdbx_host_org_culture_collection   ? 
_entity_src_gen.pdbx_host_org_cell                 ? 
_entity_src_gen.pdbx_host_org_organelle            ? 
_entity_src_gen.pdbx_host_org_cellular_location    CYTOPLASM 
_entity_src_gen.pdbx_host_org_vector_type          ? 
_entity_src_gen.pdbx_host_org_vector               ? 
_entity_src_gen.host_org_details                   ? 
_entity_src_gen.expression_system_id               ? 
_entity_src_gen.plasmid_name                       PMALC-L30 
_entity_src_gen.plasmid_details                    ? 
_entity_src_gen.pdbx_description                   
'RECOMBINANT EXPRESSION AS A C-TERMINAL MALTOSE-BINDING PROTEIN FUSION IN ESCHERICHIA COLI STRAIN JM109 HOSTING PLASMID PMALC-30' 
# 
loop_
_chem_comp.id 
_chem_comp.type 
_chem_comp.mon_nstd_flag 
_chem_comp.name 
_chem_comp.pdbx_synonyms 
_chem_comp.formula 
_chem_comp.formula_weight 
ALA 'L-peptide linking' y ALANINE         ? 'C3 H7 N O2'     89.093  
ARG 'L-peptide linking' y ARGININE        ? 'C6 H15 N4 O2 1' 175.209 
ASN 'L-peptide linking' y ASPARAGINE      ? 'C4 H8 N2 O3'    132.118 
ASP 'L-peptide linking' y 'ASPARTIC ACID' ? 'C4 H7 N O4'     133.103 
GLN 'L-peptide linking' y GLUTAMINE       ? 'C5 H10 N2 O3'   146.144 
GLU 'L-peptide linking' y 'GLUTAMIC ACID' ? 'C5 H9 N O4'     147.129 
GLY 'peptide linking'   y GLYCINE         ? 'C2 H5 N O2'     75.067  
ILE 'L-peptide linking' y ISOLEUCINE      ? 'C6 H13 N O2'    131.173 
LEU 'L-peptide linking' y LEUCINE         ? 'C6 H13 N O2'    131.173 
LYS 'L-peptide linking' y LYSINE          ? 'C6 H15 N2 O2 1' 147.195 
MET 'L-peptide linking' y METHIONINE      ? 'C5 H11 N O2 S'  149.211 
PHE 'L-peptide linking' y PHENYLALANINE   ? 'C9 H11 N O2'    165.189 
PRO 'L-peptide linking' y PROLINE         ? 'C5 H9 N O2'     115.130 
SER 'L-peptide linking' y SERINE          ? 'C3 H7 N O3'     105.093 
THR 'L-peptide linking' y THREONINE       ? 'C4 H9 N O3'     119.119 
TYR 'L-peptide linking' y TYROSINE        ? 'C9 H11 N O3'    181.189 
VAL 'L-peptide linking' y VALINE          ? 'C5 H11 N O2'    117.146 
# 
loop_
_pdbx_poly_seq_scheme.asym_id 
_pdbx_poly_seq_scheme.entity_id 
_pdbx_poly_seq_scheme.seq_id 
_pdbx_poly_seq_scheme.mon_id 
_pdbx_poly_seq_scheme.ndb_seq_num 
_pdbx_poly_seq_scheme.pdb_seq_num 
_pdbx_poly_seq_scheme.auth_seq_num 
_pdbx_poly_seq_scheme.pdb_mon_id 
_pdbx_poly_seq_scheme.auth_mon_id 
_pdbx_poly_seq_scheme.pdb_strand_id 
_pdbx_poly_seq_scheme.pdb_ins_code 
_pdbx_poly_seq_scheme.hetero 
A 1 1   ALA 1   2   2   ALA ALA A . n 
A 1 2   PRO 2   3   3   PRO PRO A . n 
A 1 3   VAL 3   4   4   VAL VAL A . n 
A 1 4   LYS 4   5   5   LYS LYS A . n 
A 1 5   SER 5   6   6   SER SER A . n 
A 1 6   GLN 6   7   7   GLN GLN A . n 
A 1 7   GLU 7   8   8   GLU GLU A . n 
A 1 8   SER 8   9   9   SER SER A . n 
A 1 9   ILE 9   10  10  ILE ILE A . n 
A 1 10  ASN 10  11  11  ASN ASN A . n 
A 1 11  GLN 11  12  12  GLN GLN A . n 
A 1 12  LYS 12  13  13  LYS LYS A . n 
A 1 13  LEU 13  14  14  LEU LEU A . n 
A 1 14  ALA 14  15  15  ALA ALA A . n 
A 1 15  LEU 15  16  16  LEU LEU A . n 
A 1 16  VAL 16  17  17  VAL VAL A . n 
A 1 17  ILE 17  18  18  ILE ILE A . n 
A 1 18  LYS 18  19  19  LYS LYS A . n 
A 1 19  SER 19  20  20  SER SER A . n 
A 1 20  GLY 20  21  21  GLY GLY A . n 
A 1 21  LYS 21  22  22  LYS LYS A . n 
A 1 22  TYR 22  23  23  TYR TYR A . n 
A 1 23  THR 23  24  24  THR THR A . n 
A 1 24  LEU 24  25  25  LEU LEU A . n 
A 1 25  GLY 25  26  26  GLY GLY A . n 
A 1 26  TYR 26  27  27  TYR TYR A . n 
A 1 27  LYS 27  28  28  LYS LYS A . n 
A 1 28  SER 28  29  29  SER SER A . n 
A 1 29  THR 29  30  30  THR THR A . n 
A 1 30  VAL 30  31  31  VAL VAL A . n 
A 1 31  LYS 31  32  32  LYS LYS A . n 
A 1 32  SER 32  33  33  SER SER A . n 
A 1 33  LEU 33  34  34  LEU LEU A . n 
A 1 34  ARG 34  35  35  ARG ARG A . n 
A 1 35  GLN 35  36  36  GLN GLN A . n 
A 1 36  GLY 36  37  37  GLY GLY A . n 
A 1 37  LYS 37  38  38  LYS LYS A . n 
A 1 38  SER 38  39  39  SER SER A . n 
A 1 39  LYS 39  40  40  LYS LYS A . n 
A 1 40  LEU 40  41  41  LEU LEU A . n 
A 1 41  ILE 41  42  42  ILE ILE A . n 
A 1 42  ILE 42  43  43  ILE ILE A . n 
A 1 43  ILE 43  44  44  ILE ILE A . n 
A 1 44  ALA 44  45  45  ALA ALA A . n 
A 1 45  ALA 45  46  46  ALA ALA A . n 
A 1 46  ASN 46  47  47  ASN ASN A . n 
A 1 47  THR 47  48  48  THR THR A . n 
A 1 48  PRO 48  49  49  PRO PRO A . n 
A 1 49  VAL 49  50  50  VAL VAL A . n 
A 1 50  LEU 50  51  51  LEU LEU A . n 
A 1 51  ARG 51  52  52  ARG ARG A . n 
A 1 52  LYS 52  53  53  LYS LYS A . n 
A 1 53  SER 53  54  54  SER SER A . n 
A 1 54  GLU 54  55  55  GLU GLU A . n 
A 1 55  LEU 55  56  56  LEU LEU A . n 
A 1 56  GLU 56  57  57  GLU GLU A . n 
A 1 57  TYR 57  58  58  TYR TYR A . n 
A 1 58  TYR 58  59  59  TYR TYR A . n 
A 1 59  ALA 59  60  60  ALA ALA A . n 
A 1 60  MET 60  61  61  MET MET A . n 
A 1 61  LEU 61  62  62  LEU LEU A . n 
A 1 62  SER 62  63  63  SER SER A . n 
A 1 63  LYS 63  64  64  LYS LYS A . n 
A 1 64  THR 64  65  65  THR THR A . n 
A 1 65  LYS 65  66  66  LYS LYS A . n 
A 1 66  VAL 66  67  67  VAL VAL A . n 
A 1 67  TYR 67  68  68  TYR TYR A . n 
A 1 68  TYR 68  69  69  TYR TYR A . n 
A 1 69  PHE 69  70  70  PHE PHE A . n 
A 1 70  GLN 70  71  71  GLN GLN A . n 
A 1 71  GLY 71  72  72  GLY GLY A . n 
A 1 72  GLY 72  73  73  GLY GLY A . n 
A 1 73  ASN 73  74  74  ASN ASN A . n 
A 1 74  ASN 74  75  75  ASN ASN A . n 
A 1 75  GLU 75  76  76  GLU GLU A . n 
A 1 76  LEU 76  77  77  LEU LEU A . n 
A 1 77  GLY 77  78  78  GLY GLY A . n 
A 1 78  THR 78  79  79  THR THR A . n 
A 1 79  ALA 79  80  80  ALA ALA A . n 
A 1 80  VAL 80  81  81  VAL VAL A . n 
A 1 81  GLY 81  82  82  GLY GLY A . n 
A 1 82  LYS 82  83  83  LYS LYS A . n 
A 1 83  LEU 83  84  84  LEU LEU A . n 
A 1 84  PHE 84  85  85  PHE PHE A . n 
A 1 85  ARG 85  86  86  ARG ARG A . n 
A 1 86  VAL 86  87  87  VAL VAL A . n 
A 1 87  GLY 87  88  88  GLY GLY A . n 
A 1 88  VAL 88  89  89  VAL VAL A . n 
A 1 89  VAL 89  90  90  VAL VAL A . n 
A 1 90  SER 90  91  91  SER SER A . n 
A 1 91  ILE 91  92  92  ILE ILE A . n 
A 1 92  LEU 92  93  93  LEU LEU A . n 
A 1 93  GLU 93  94  94  GLU GLU A . n 
A 1 94  ALA 94  95  95  ALA ALA A . n 
A 1 95  GLY 95  96  96  GLY GLY A . n 
A 1 96  ASP 96  97  97  ASP ASP A . n 
A 1 97  SER 97  98  98  SER SER A . n 
A 1 98  ASP 98  99  99  ASP ASP A . n 
A 1 99  ILE 99  100 100 ILE ILE A . n 
A 1 100 LEU 100 101 101 LEU LEU A . n 
A 1 101 THR 101 102 102 THR THR A . n 
A 1 102 THR 102 103 103 THR THR A . n 
A 1 103 LEU 103 104 104 LEU LEU A . n 
A 1 104 ALA 104 105 105 ALA ALA A . n 
# 
_cell.entry_id           1CK2 
_cell.length_a           1.000 
_cell.length_b           1.000 
_cell.length_c           1.000 
_cell.angle_alpha        90.00 
_cell.angle_beta         90.00 
_cell.angle_gamma        90.00 
_cell.Z_PDB              1 
_cell.pdbx_unique_axis   ? 
# 
_symmetry.entry_id                         1CK2 
_symmetry.space_group_name_H-M             'P 1' 
_symmetry.pdbx_full_space_group_name_H-M   ? 
_symmetry.cell_setting                     ? 
_symmetry.Int_Tables_number                1 
# 
_exptl.entry_id          1CK2 
_exptl.method            'SOLUTION NMR' 
_exptl.crystals_number   ? 
# 
_struct.entry_id                  1CK2 
_struct.title                     'YEAST (SACCHAROMYCES CEREVISIAE) RIBOSOMAL PROTEIN L30' 
_struct.pdbx_model_details        ? 
_struct.pdbx_CASP_flag            ? 
_struct.pdbx_model_type_details   ? 
# 
_struct_keywords.entry_id        1CK2 
_struct_keywords.pdbx_keywords   RIBOSOME 
_struct_keywords.text            'RIBOSOMAL PROTEIN, AUTO-REGULATION OF PRE-MRNA SPLICING AND MRNA TRANSLATION, RIBOSOME' 
# 
_struct_asym.id                            A 
_struct_asym.pdbx_blank_PDB_chainid_flag   N 
_struct_asym.pdbx_modified                 N 
_struct_asym.entity_id                     1 
_struct_asym.details                       ? 
# 
_struct_ref.id                         1 
_struct_ref.db_name                    UNP 
_struct_ref.db_code                    RL30_YEAST 
_struct_ref.entity_id                  1 
_struct_ref.pdbx_db_accession          P14120 
_struct_ref.pdbx_align_begin           ? 
_struct_ref.pdbx_seq_one_letter_code   ? 
_struct_ref.pdbx_db_isoform            ? 
# 
_struct_ref_seq.align_id                      1 
_struct_ref_seq.ref_id                        1 
_struct_ref_seq.pdbx_PDB_id_code              1CK2 
_struct_ref_seq.pdbx_strand_id                A 
_struct_ref_seq.seq_align_beg                 1 
_struct_ref_seq.pdbx_seq_align_beg_ins_code   ? 
_struct_ref_seq.seq_align_end                 104 
_struct_ref_seq.pdbx_seq_align_end_ins_code   ? 
_struct_ref_seq.pdbx_db_accession             P14120 
_struct_ref_seq.db_align_beg                  1 
_struct_ref_seq.pdbx_db_align_beg_ins_code    ? 
_struct_ref_seq.db_align_end                  104 
_struct_ref_seq.pdbx_db_align_end_ins_code    ? 
_struct_ref_seq.pdbx_auth_seq_align_beg       2 
_struct_ref_seq.pdbx_auth_seq_align_end       105 
# 
_pdbx_struct_assembly.id                   1 
_pdbx_struct_assembly.details              author_defined_assembly 
_pdbx_struct_assembly.method_details       ? 
_pdbx_struct_assembly.oligomeric_details   monomeric 
_pdbx_struct_assembly.oligomeric_count     1 
# 
_pdbx_struct_assembly_gen.assembly_id       1 
_pdbx_struct_assembly_gen.oper_expression   1 
_pdbx_struct_assembly_gen.asym_id_list      A 
# 
_pdbx_struct_oper_list.id                   1 
_pdbx_struct_oper_list.type                 'identity operation' 
_pdbx_struct_oper_list.name                 1_555 
_pdbx_struct_oper_list.symmetry_operation   x,y,z 
_pdbx_struct_oper_list.matrix[1][1]         1.0000000000 
_pdbx_struct_oper_list.matrix[1][2]         0.0000000000 
_pdbx_struct_oper_list.matrix[1][3]         0.0000000000 
_pdbx_struct_oper_list.vector[1]            0.0000000000 
_pdbx_struct_oper_list.matrix[2][1]         0.0000000000 
_pdbx_struct_oper_list.matrix[2][2]         1.0000000000 
_pdbx_struct_oper_list.matrix[2][3]         0.0000000000 
_pdbx_struct_oper_list.vector[2]            0.0000000000 
_pdbx_struct_oper_list.matrix[3][1]         0.0000000000 
_pdbx_struct_oper_list.matrix[3][2]         0.0000000000 
_pdbx_struct_oper_list.matrix[3][3]         1.0000000000 
_pdbx_struct_oper_list.vector[3]            0.0000000000 
# 
_struct_biol.id   1 
# 
loop_
_struct_conf.conf_type_id 
_struct_conf.id 
_struct_conf.pdbx_PDB_helix_id 
_struct_conf.beg_label_comp_id 
_struct_conf.beg_label_asym_id 
_struct_conf.beg_label_seq_id 
_struct_conf.pdbx_beg_PDB_ins_code 
_struct_conf.end_label_comp_id 
_struct_conf.end_label_asym_id 
_struct_conf.end_label_seq_id 
_struct_conf.pdbx_end_PDB_ins_code 
_struct_conf.beg_auth_comp_id 
_struct_conf.beg_auth_asym_id 
_struct_conf.beg_auth_seq_id 
_struct_conf.end_auth_comp_id 
_struct_conf.end_auth_asym_id 
_struct_conf.end_auth_seq_id 
_struct_conf.pdbx_PDB_helix_class 
_struct_conf.details 
_struct_conf.pdbx_PDB_helix_length 
HELX_P HELX_P1 1 SER A 8  ? ILE A 17  ? SER A 9   ILE A 18  1 ? 10 
HELX_P HELX_P2 2 TYR A 26 ? ARG A 34  ? TYR A 27  ARG A 35  1 ? 9  
HELX_P HELX_P3 3 VAL A 49 ? LEU A 61  ? VAL A 50  LEU A 62  1 ? 13 
HELX_P HELX_P4 4 GLY A 77 ? VAL A 80  ? GLY A 78  VAL A 81  1 ? 4  
HELX_P HELX_P5 5 ILE A 99 ? THR A 102 ? ILE A 100 THR A 103 1 ? 4  
# 
_struct_conf_type.id          HELX_P 
_struct_conf_type.criteria    ? 
_struct_conf_type.reference   ? 
# 
_struct_sheet.id               A 
_struct_sheet.type             ? 
_struct_sheet.number_strands   4 
_struct_sheet.details          ? 
# 
loop_
_struct_sheet_order.sheet_id 
_struct_sheet_order.range_id_1 
_struct_sheet_order.range_id_2 
_struct_sheet_order.offset 
_struct_sheet_order.sense 
A 1 2 ? parallel      
A 2 3 ? anti-parallel 
A 3 4 ? anti-parallel 
# 
loop_
_struct_sheet_range.sheet_id 
_struct_sheet_range.id 
_struct_sheet_range.beg_label_comp_id 
_struct_sheet_range.beg_label_asym_id 
_struct_sheet_range.beg_label_seq_id 
_struct_sheet_range.pdbx_beg_PDB_ins_code 
_struct_sheet_range.end_label_comp_id 
_struct_sheet_range.end_label_asym_id 
_struct_sheet_range.end_label_seq_id 
_struct_sheet_range.pdbx_end_PDB_ins_code 
_struct_sheet_range.beg_auth_comp_id 
_struct_sheet_range.beg_auth_asym_id 
_struct_sheet_range.beg_auth_seq_id 
_struct_sheet_range.end_auth_comp_id 
_struct_sheet_range.end_auth_asym_id 
_struct_sheet_range.end_auth_seq_id 
A 1 LYS A 65 ? TYR A 68 ? LYS A 66 TYR A 69 
A 2 LEU A 40 ? ALA A 44 ? LEU A 41 ALA A 45 
A 3 GLY A 87 ? GLU A 93 ? GLY A 88 GLU A 94 
A 4 LYS A 21 ? LEU A 24 ? LYS A 22 LEU A 25 
# 
loop_
_pdbx_struct_sheet_hbond.sheet_id 
_pdbx_struct_sheet_hbond.range_id_1 
_pdbx_struct_sheet_hbond.range_id_2 
_pdbx_struct_sheet_hbond.range_1_label_atom_id 
_pdbx_struct_sheet_hbond.range_1_label_comp_id 
_pdbx_struct_sheet_hbond.range_1_label_asym_id 
_pdbx_struct_sheet_hbond.range_1_label_seq_id 
_pdbx_struct_sheet_hbond.range_1_PDB_ins_code 
_pdbx_struct_sheet_hbond.range_1_auth_atom_id 
_pdbx_struct_sheet_hbond.range_1_auth_comp_id 
_pdbx_struct_sheet_hbond.range_1_auth_asym_id 
_pdbx_struct_sheet_hbond.range_1_auth_seq_id 
_pdbx_struct_sheet_hbond.range_2_label_atom_id 
_pdbx_struct_sheet_hbond.range_2_label_comp_id 
_pdbx_struct_sheet_hbond.range_2_label_asym_id 
_pdbx_struct_sheet_hbond.range_2_label_seq_id 
_pdbx_struct_sheet_hbond.range_2_PDB_ins_code 
_pdbx_struct_sheet_hbond.range_2_auth_atom_id 
_pdbx_struct_sheet_hbond.range_2_auth_comp_id 
_pdbx_struct_sheet_hbond.range_2_auth_asym_id 
_pdbx_struct_sheet_hbond.range_2_auth_seq_id 
A 1 2 O LYS A 65 ? O LYS A 66 N ILE A 41 ? N ILE A 42 
A 2 3 O LEU A 40 ? O LEU A 41 N ILE A 91 ? N ILE A 92 
A 3 4 O SER A 90 ? O SER A 91 N THR A 23 ? N THR A 24 
# 
loop_
_pdbx_validate_close_contact.id 
_pdbx_validate_close_contact.PDB_model_num 
_pdbx_validate_close_contact.auth_atom_id_1 
_pdbx_validate_close_contact.auth_asym_id_1 
_pdbx_validate_close_contact.auth_comp_id_1 
_pdbx_validate_close_contact.auth_seq_id_1 
_pdbx_validate_close_contact.PDB_ins_code_1 
_pdbx_validate_close_contact.label_alt_id_1 
_pdbx_validate_close_contact.auth_atom_id_2 
_pdbx_validate_close_contact.auth_asym_id_2 
_pdbx_validate_close_contact.auth_comp_id_2 
_pdbx_validate_close_contact.auth_seq_id_2 
_pdbx_validate_close_contact.PDB_ins_code_2 
_pdbx_validate_close_contact.label_alt_id_2 
_pdbx_validate_close_contact.dist 
1  1 OE2 A GLU 8  ? ? HG  A SER 9   ? ? 1.35 
2  1 OE2 A GLU 57 ? ? HH  A TYR 69  ? ? 1.37 
3  1 OE2 A GLU 55 ? ? HH  A TYR 59  ? ? 1.37 
4  1 HH  A TYR 27 ? ? OE1 A GLU 55  ? ? 1.38 
5  1 HG  A SER 20 ? ? OD2 A ASP 97  ? ? 1.40 
6  1 OD2 A ASP 99 ? ? HG1 A THR 103 ? ? 1.42 
7  1 HG  A SER 98 ? ? OD1 A ASP 99  ? ? 1.47 
8  1 O   A SER 29 ? ? HG  A SER 33  ? ? 1.49 
9  1 O   A VAL 50 ? ? HG  A SER 54  ? ? 1.52 
10 1 O   A TYR 59 ? ? HG  A SER 63  ? ? 1.53 
11 1 O   A LEU 25 ? ? HG  A SER 29  ? ? 1.57 
12 1 OG  A SER 63 ? ? HG1 A THR 65  ? ? 1.60 
# 
loop_
_pdbx_validate_rmsd_angle.id 
_pdbx_validate_rmsd_angle.PDB_model_num 
_pdbx_validate_rmsd_angle.auth_atom_id_1 
_pdbx_validate_rmsd_angle.auth_asym_id_1 
_pdbx_validate_rmsd_angle.auth_comp_id_1 
_pdbx_validate_rmsd_angle.auth_seq_id_1 
_pdbx_validate_rmsd_angle.PDB_ins_code_1 
_pdbx_validate_rmsd_angle.label_alt_id_1 
_pdbx_validate_rmsd_angle.auth_atom_id_2 
_pdbx_validate_rmsd_angle.auth_asym_id_2 
_pdbx_validate_rmsd_angle.auth_comp_id_2 
_pdbx_validate_rmsd_angle.auth_seq_id_2 
_pdbx_validate_rmsd_angle.PDB_ins_code_2 
_pdbx_validate_rmsd_angle.label_alt_id_2 
_pdbx_validate_rmsd_angle.auth_atom_id_3 
_pdbx_validate_rmsd_angle.auth_asym_id_3 
_pdbx_validate_rmsd_angle.auth_comp_id_3 
_pdbx_validate_rmsd_angle.auth_seq_id_3 
_pdbx_validate_rmsd_angle.PDB_ins_code_3 
_pdbx_validate_rmsd_angle.label_alt_id_3 
_pdbx_validate_rmsd_angle.angle_value 
_pdbx_validate_rmsd_angle.angle_target_value 
_pdbx_validate_rmsd_angle.angle_deviation 
_pdbx_validate_rmsd_angle.angle_standard_deviation 
_pdbx_validate_rmsd_angle.linker_flag 
1 1 N  A ALA 2  ? ? CA A ALA 2  ? ? CB  A ALA 2  ? ? 98.70  110.10 -11.40 1.40 N 
2 1 NE A ARG 35 ? ? CZ A ARG 35 ? ? NH1 A ARG 35 ? ? 123.96 120.30 3.66   0.50 N 
3 1 NE A ARG 86 ? ? CZ A ARG 86 ? ? NH1 A ARG 86 ? ? 123.48 120.30 3.18   0.50 N 
# 
loop_
_pdbx_validate_torsion.id 
_pdbx_validate_torsion.PDB_model_num 
_pdbx_validate_torsion.auth_comp_id 
_pdbx_validate_torsion.auth_asym_id 
_pdbx_validate_torsion.auth_seq_id 
_pdbx_validate_torsion.PDB_ins_code 
_pdbx_validate_torsion.label_alt_id 
_pdbx_validate_torsion.phi 
_pdbx_validate_torsion.psi 
1  1 SER A 20  ? ? -149.92 -12.04 
2  1 ALA A 45  ? ? -114.53 57.91  
3  1 ASN A 47  ? ? -61.89  75.40  
4  1 ASN A 74  ? ? -131.32 -88.71 
5  1 ASN A 75  ? ? -170.39 13.94  
6  1 VAL A 81  ? ? -80.58  -70.55 
7  1 LYS A 83  ? ? 58.07   -30.43 
8  1 LEU A 84  ? ? -91.20  -60.86 
9  1 ASP A 97  ? ? -145.56 -85.71 
10 1 ASP A 99  ? ? -52.06  12.09  
11 1 LEU A 104 ? ? -77.15  38.72  
# 
_pdbx_nmr_ensemble.entry_id                                      1CK2 
_pdbx_nmr_ensemble.conformers_calculated_total_number            50 
_pdbx_nmr_ensemble.conformers_submitted_total_number             1 
_pdbx_nmr_ensemble.conformer_selection_criteria                  'LOWEST TOTAL ENERGY' 
_pdbx_nmr_ensemble.average_constraints_per_residue               ? 
_pdbx_nmr_ensemble.average_constraint_violations_per_residue     ? 
_pdbx_nmr_ensemble.maximum_distance_constraint_violation         ? 
_pdbx_nmr_ensemble.average_distance_constraint_violation         ? 
_pdbx_nmr_ensemble.maximum_upper_distance_constraint_violation   ? 
_pdbx_nmr_ensemble.maximum_lower_distance_constraint_violation   ? 
_pdbx_nmr_ensemble.distance_constraint_violation_method          ? 
_pdbx_nmr_ensemble.maximum_torsion_angle_constraint_violation    ? 
_pdbx_nmr_ensemble.average_torsion_angle_constraint_violation    ? 
_pdbx_nmr_ensemble.torsion_angle_constraint_violation_method     ? 
# 
_pdbx_nmr_sample_details.solution_id      1 
_pdbx_nmr_sample_details.contents         '10% WATER/90% D2O' 
_pdbx_nmr_sample_details.solvent_system   ? 
# 
_pdbx_nmr_exptl_sample_conditions.conditions_id       1 
_pdbx_nmr_exptl_sample_conditions.temperature         288 
_pdbx_nmr_exptl_sample_conditions.pressure            1 
_pdbx_nmr_exptl_sample_conditions.pH                  6.5 
_pdbx_nmr_exptl_sample_conditions.ionic_strength      '300 mM' 
_pdbx_nmr_exptl_sample_conditions.pressure_units      ATOM 
_pdbx_nmr_exptl_sample_conditions.temperature_units   K 
# 
loop_
_pdbx_nmr_exptl.experiment_id 
_pdbx_nmr_exptl.conditions_id 
_pdbx_nmr_exptl.type 
_pdbx_nmr_exptl.solution_id 
1 1 NOESY        1 
2 1 COSY         1 
3 1 TOCSY        1 
4 1 HNCA         1 
5 1 HNCO         1 
6 1 'HN(CO)CA'   1 
7 1 'CBCA(CO)NH' 1 
8 1 HCCHTOCSY    1 
9 1 NOESYHSQC    1 
# 
_pdbx_nmr_details.entry_id   1CK2 
_pdbx_nmr_details.text       
'MEAN STRUCTURE. THIS STRUCTURE WAS DETERMINED USING TRIPLE-RESONANCE NMR SPECTROSCOPY ON 13C, 15N-LABELED L30 PROTEIN.' 
# 
_pdbx_nmr_refine.entry_id           1CK2 
_pdbx_nmr_refine.method             'SIMULATED ANNEALING MOLECULAR DYNAMIC' 
_pdbx_nmr_refine.details            
;DISTANCE INTRARESIDUE NOES 720 INTERRESIDUE NOES 698 SEQUENTIAL (|I-J|=1) 291 SHORT-RANGE (|I-J|<=4) 149, LONG-RANGE (|I-J|>4) 258, HYDROGEN BONDS 62. TOTAL 1418, TORSION BACKBONE PHI 80, SIDECHAIN KAI1 59, TOTAL 139
;
_pdbx_nmr_refine.software_ordinal   1 
# 
loop_
_pdbx_nmr_software.classification 
_pdbx_nmr_software.name 
_pdbx_nmr_software.version 
_pdbx_nmr_software.authors 
_pdbx_nmr_software.ordinal 
refinement           Amber   ? 'PEARLMAN,CASE,CALDWELL,ROSS,CHEATHAM, FERGUSON,SEIBEL,SINGH,WEINER,KOLLMAN' 1 
'structure solution' NMRDraw ? ?                                                                            2 
'structure solution' NMRPipe ? ?                                                                            3 
# 
loop_
_chem_comp_atom.comp_id 
_chem_comp_atom.atom_id 
_chem_comp_atom.type_symbol 
_chem_comp_atom.pdbx_aromatic_flag 
_chem_comp_atom.pdbx_stereo_config 
_chem_comp_atom.pdbx_ordinal 
ALA N    N N N 1   
ALA CA   C N S 2   
ALA C    C N N 3   
ALA O    O N N 4   
ALA CB   C N N 5   
ALA OXT  O N N 6   
ALA H    H N N 7   
ALA H2   H N N 8   
ALA HA   H N N 9   
ALA HB1  H N N 10  
ALA HB2  H N N 11  
ALA HB3  H N N 12  
ALA HXT  H N N 13  
ARG N    N N N 14  
ARG CA   C N S 15  
ARG C    C N N 16  
ARG O    O N N 17  
ARG CB   C N N 18  
ARG CG   C N N 19  
ARG CD   C N N 20  
ARG NE   N N N 21  
ARG CZ   C N N 22  
ARG NH1  N N N 23  
ARG NH2  N N N 24  
ARG OXT  O N N 25  
ARG H    H N N 26  
ARG H2   H N N 27  
ARG HA   H N N 28  
ARG HB2  H N N 29  
ARG HB3  H N N 30  
ARG HG2  H N N 31  
ARG HG3  H N N 32  
ARG HD2  H N N 33  
ARG HD3  H N N 34  
ARG HE   H N N 35  
ARG HH11 H N N 36  
ARG HH12 H N N 37  
ARG HH21 H N N 38  
ARG HH22 H N N 39  
ARG HXT  H N N 40  
ASN N    N N N 41  
ASN CA   C N S 42  
ASN C    C N N 43  
ASN O    O N N 44  
ASN CB   C N N 45  
ASN CG   C N N 46  
ASN OD1  O N N 47  
ASN ND2  N N N 48  
ASN OXT  O N N 49  
ASN H    H N N 50  
ASN H2   H N N 51  
ASN HA   H N N 52  
ASN HB2  H N N 53  
ASN HB3  H N N 54  
ASN HD21 H N N 55  
ASN HD22 H N N 56  
ASN HXT  H N N 57  
ASP N    N N N 58  
ASP CA   C N S 59  
ASP C    C N N 60  
ASP O    O N N 61  
ASP CB   C N N 62  
ASP CG   C N N 63  
ASP OD1  O N N 64  
ASP OD2  O N N 65  
ASP OXT  O N N 66  
ASP H    H N N 67  
ASP H2   H N N 68  
ASP HA   H N N 69  
ASP HB2  H N N 70  
ASP HB3  H N N 71  
ASP HD2  H N N 72  
ASP HXT  H N N 73  
GLN N    N N N 74  
GLN CA   C N S 75  
GLN C    C N N 76  
GLN O    O N N 77  
GLN CB   C N N 78  
GLN CG   C N N 79  
GLN CD   C N N 80  
GLN OE1  O N N 81  
GLN NE2  N N N 82  
GLN OXT  O N N 83  
GLN H    H N N 84  
GLN H2   H N N 85  
GLN HA   H N N 86  
GLN HB2  H N N 87  
GLN HB3  H N N 88  
GLN HG2  H N N 89  
GLN HG3  H N N 90  
GLN HE21 H N N 91  
GLN HE22 H N N 92  
GLN HXT  H N N 93  
GLU N    N N N 94  
GLU CA   C N S 95  
GLU C    C N N 96  
GLU O    O N N 97  
GLU CB   C N N 98  
GLU CG   C N N 99  
GLU CD   C N N 100 
GLU OE1  O N N 101 
GLU OE2  O N N 102 
GLU OXT  O N N 103 
GLU H    H N N 104 
GLU H2   H N N 105 
GLU HA   H N N 106 
GLU HB2  H N N 107 
GLU HB3  H N N 108 
GLU HG2  H N N 109 
GLU HG3  H N N 110 
GLU HE2  H N N 111 
GLU HXT  H N N 112 
GLY N    N N N 113 
GLY CA   C N N 114 
GLY C    C N N 115 
GLY O    O N N 116 
GLY OXT  O N N 117 
GLY H    H N N 118 
GLY H2   H N N 119 
GLY HA2  H N N 120 
GLY HA3  H N N 121 
GLY HXT  H N N 122 
ILE N    N N N 123 
ILE CA   C N S 124 
ILE C    C N N 125 
ILE O    O N N 126 
ILE CB   C N S 127 
ILE CG1  C N N 128 
ILE CG2  C N N 129 
ILE CD1  C N N 130 
ILE OXT  O N N 131 
ILE H    H N N 132 
ILE H2   H N N 133 
ILE HA   H N N 134 
ILE HB   H N N 135 
ILE HG12 H N N 136 
ILE HG13 H N N 137 
ILE HG21 H N N 138 
ILE HG22 H N N 139 
ILE HG23 H N N 140 
ILE HD11 H N N 141 
ILE HD12 H N N 142 
ILE HD13 H N N 143 
ILE HXT  H N N 144 
LEU N    N N N 145 
LEU CA   C N S 146 
LEU C    C N N 147 
LEU O    O N N 148 
LEU CB   C N N 149 
LEU CG   C N N 150 
LEU CD1  C N N 151 
LEU CD2  C N N 152 
LEU OXT  O N N 153 
LEU H    H N N 154 
LEU H2   H N N 155 
LEU HA   H N N 156 
LEU HB2  H N N 157 
LEU HB3  H N N 158 
LEU HG   H N N 159 
LEU HD11 H N N 160 
LEU HD12 H N N 161 
LEU HD13 H N N 162 
LEU HD21 H N N 163 
LEU HD22 H N N 164 
LEU HD23 H N N 165 
LEU HXT  H N N 166 
LYS N    N N N 167 
LYS CA   C N S 168 
LYS C    C N N 169 
LYS O    O N N 170 
LYS CB   C N N 171 
LYS CG   C N N 172 
LYS CD   C N N 173 
LYS CE   C N N 174 
LYS NZ   N N N 175 
LYS OXT  O N N 176 
LYS H    H N N 177 
LYS H2   H N N 178 
LYS HA   H N N 179 
LYS HB2  H N N 180 
LYS HB3  H N N 181 
LYS HG2  H N N 182 
LYS HG3  H N N 183 
LYS HD2  H N N 184 
LYS HD3  H N N 185 
LYS HE2  H N N 186 
LYS HE3  H N N 187 
LYS HZ1  H N N 188 
LYS HZ2  H N N 189 
LYS HZ3  H N N 190 
LYS HXT  H N N 191 
MET N    N N N 192 
MET CA   C N S 193 
MET C    C N N 194 
MET O    O N N 195 
MET CB   C N N 196 
MET CG   C N N 197 
MET SD   S N N 198 
MET CE   C N N 199 
MET OXT  O N N 200 
MET H    H N N 201 
MET H2   H N N 202 
MET HA   H N N 203 
MET HB2  H N N 204 
MET HB3  H N N 205 
MET HG2  H N N 206 
MET HG3  H N N 207 
MET HE1  H N N 208 
MET HE2  H N N 209 
MET HE3  H N N 210 
MET HXT  H N N 211 
PHE N    N N N 212 
PHE CA   C N S 213 
PHE C    C N N 214 
PHE O    O N N 215 
PHE CB   C N N 216 
PHE CG   C Y N 217 
PHE CD1  C Y N 218 
PHE CD2  C Y N 219 
PHE CE1  C Y N 220 
PHE CE2  C Y N 221 
PHE CZ   C Y N 222 
PHE OXT  O N N 223 
PHE H    H N N 224 
PHE H2   H N N 225 
PHE HA   H N N 226 
PHE HB2  H N N 227 
PHE HB3  H N N 228 
PHE HD1  H N N 229 
PHE HD2  H N N 230 
PHE HE1  H N N 231 
PHE HE2  H N N 232 
PHE HZ   H N N 233 
PHE HXT  H N N 234 
PRO N    N N N 235 
PRO CA   C N S 236 
PRO C    C N N 237 
PRO O    O N N 238 
PRO CB   C N N 239 
PRO CG   C N N 240 
PRO CD   C N N 241 
PRO OXT  O N N 242 
PRO H    H N N 243 
PRO HA   H N N 244 
PRO HB2  H N N 245 
PRO HB3  H N N 246 
PRO HG2  H N N 247 
PRO HG3  H N N 248 
PRO HD2  H N N 249 
PRO HD3  H N N 250 
PRO HXT  H N N 251 
SER N    N N N 252 
SER CA   C N S 253 
SER C    C N N 254 
SER O    O N N 255 
SER CB   C N N 256 
SER OG   O N N 257 
SER OXT  O N N 258 
SER H    H N N 259 
SER H2   H N N 260 
SER HA   H N N 261 
SER HB2  H N N 262 
SER HB3  H N N 263 
SER HG   H N N 264 
SER HXT  H N N 265 
THR N    N N N 266 
THR CA   C N S 267 
THR C    C N N 268 
THR O    O N N 269 
THR CB   C N R 270 
THR OG1  O N N 271 
THR CG2  C N N 272 
THR OXT  O N N 273 
THR H    H N N 274 
THR H2   H N N 275 
THR HA   H N N 276 
THR HB   H N N 277 
THR HG1  H N N 278 
THR HG21 H N N 279 
THR HG22 H N N 280 
THR HG23 H N N 281 
THR HXT  H N N 282 
TYR N    N N N 283 
TYR CA   C N S 284 
TYR C    C N N 285 
TYR O    O N N 286 
TYR CB   C N N 287 
TYR CG   C Y N 288 
TYR CD1  C Y N 289 
TYR CD2  C Y N 290 
TYR CE1  C Y N 291 
TYR CE2  C Y N 292 
TYR CZ   C Y N 293 
TYR OH   O N N 294 
TYR OXT  O N N 295 
TYR H    H N N 296 
TYR H2   H N N 297 
TYR HA   H N N 298 
TYR HB2  H N N 299 
TYR HB3  H N N 300 
TYR HD1  H N N 301 
TYR HD2  H N N 302 
TYR HE1  H N N 303 
TYR HE2  H N N 304 
TYR HH   H N N 305 
TYR HXT  H N N 306 
VAL N    N N N 307 
VAL CA   C N S 308 
VAL C    C N N 309 
VAL O    O N N 310 
VAL CB   C N N 311 
VAL CG1  C N N 312 
VAL CG2  C N N 313 
VAL OXT  O N N 314 
VAL H    H N N 315 
VAL H2   H N N 316 
VAL HA   H N N 317 
VAL HB   H N N 318 
VAL HG11 H N N 319 
VAL HG12 H N N 320 
VAL HG13 H N N 321 
VAL HG21 H N N 322 
VAL HG22 H N N 323 
VAL HG23 H N N 324 
VAL HXT  H N N 325 
# 
loop_
_chem_comp_bond.comp_id 
_chem_comp_bond.atom_id_1 
_chem_comp_bond.atom_id_2 
_chem_comp_bond.value_order 
_chem_comp_bond.pdbx_aromatic_flag 
_chem_comp_bond.pdbx_stereo_config 
_chem_comp_bond.pdbx_ordinal 
ALA N   CA   sing N N 1   
ALA N   H    sing N N 2   
ALA N   H2   sing N N 3   
ALA CA  C    sing N N 4   
ALA CA  CB   sing N N 5   
ALA CA  HA   sing N N 6   
ALA C   O    doub N N 7   
ALA C   OXT  sing N N 8   
ALA CB  HB1  sing N N 9   
ALA CB  HB2  sing N N 10  
ALA CB  HB3  sing N N 11  
ALA OXT HXT  sing N N 12  
ARG N   CA   sing N N 13  
ARG N   H    sing N N 14  
ARG N   H2   sing N N 15  
ARG CA  C    sing N N 16  
ARG CA  CB   sing N N 17  
ARG CA  HA   sing N N 18  
ARG C   O    doub N N 19  
ARG C   OXT  sing N N 20  
ARG CB  CG   sing N N 21  
ARG CB  HB2  sing N N 22  
ARG CB  HB3  sing N N 23  
ARG CG  CD   sing N N 24  
ARG CG  HG2  sing N N 25  
ARG CG  HG3  sing N N 26  
ARG CD  NE   sing N N 27  
ARG CD  HD2  sing N N 28  
ARG CD  HD3  sing N N 29  
ARG NE  CZ   sing N N 30  
ARG NE  HE   sing N N 31  
ARG CZ  NH1  sing N N 32  
ARG CZ  NH2  doub N N 33  
ARG NH1 HH11 sing N N 34  
ARG NH1 HH12 sing N N 35  
ARG NH2 HH21 sing N N 36  
ARG NH2 HH22 sing N N 37  
ARG OXT HXT  sing N N 38  
ASN N   CA   sing N N 39  
ASN N   H    sing N N 40  
ASN N   H2   sing N N 41  
ASN CA  C    sing N N 42  
ASN CA  CB   sing N N 43  
ASN CA  HA   sing N N 44  
ASN C   O    doub N N 45  
ASN C   OXT  sing N N 46  
ASN CB  CG   sing N N 47  
ASN CB  HB2  sing N N 48  
ASN CB  HB3  sing N N 49  
ASN CG  OD1  doub N N 50  
ASN CG  ND2  sing N N 51  
ASN ND2 HD21 sing N N 52  
ASN ND2 HD22 sing N N 53  
ASN OXT HXT  sing N N 54  
ASP N   CA   sing N N 55  
ASP N   H    sing N N 56  
ASP N   H2   sing N N 57  
ASP CA  C    sing N N 58  
ASP CA  CB   sing N N 59  
ASP CA  HA   sing N N 60  
ASP C   O    doub N N 61  
ASP C   OXT  sing N N 62  
ASP CB  CG   sing N N 63  
ASP CB  HB2  sing N N 64  
ASP CB  HB3  sing N N 65  
ASP CG  OD1  doub N N 66  
ASP CG  OD2  sing N N 67  
ASP OD2 HD2  sing N N 68  
ASP OXT HXT  sing N N 69  
GLN N   CA   sing N N 70  
GLN N   H    sing N N 71  
GLN N   H2   sing N N 72  
GLN CA  C    sing N N 73  
GLN CA  CB   sing N N 74  
GLN CA  HA   sing N N 75  
GLN C   O    doub N N 76  
GLN C   OXT  sing N N 77  
GLN CB  CG   sing N N 78  
GLN CB  HB2  sing N N 79  
GLN CB  HB3  sing N N 80  
GLN CG  CD   sing N N 81  
GLN CG  HG2  sing N N 82  
GLN CG  HG3  sing N N 83  
GLN CD  OE1  doub N N 84  
GLN CD  NE2  sing N N 85  
GLN NE2 HE21 sing N N 86  
GLN NE2 HE22 sing N N 87  
GLN OXT HXT  sing N N 88  
GLU N   CA   sing N N 89  
GLU N   H    sing N N 90  
GLU N   H2   sing N N 91  
GLU CA  C    sing N N 92  
GLU CA  CB   sing N N 93  
GLU CA  HA   sing N N 94  
GLU C   O    doub N N 95  
GLU C   OXT  sing N N 96  
GLU CB  CG   sing N N 97  
GLU CB  HB2  sing N N 98  
GLU CB  HB3  sing N N 99  
GLU CG  CD   sing N N 100 
GLU CG  HG2  sing N N 101 
GLU CG  HG3  sing N N 102 
GLU CD  OE1  doub N N 103 
GLU CD  OE2  sing N N 104 
GLU OE2 HE2  sing N N 105 
GLU OXT HXT  sing N N 106 
GLY N   CA   sing N N 107 
GLY N   H    sing N N 108 
GLY N   H2   sing N N 109 
GLY CA  C    sing N N 110 
GLY CA  HA2  sing N N 111 
GLY CA  HA3  sing N N 112 
GLY C   O    doub N N 113 
GLY C   OXT  sing N N 114 
GLY OXT HXT  sing N N 115 
ILE N   CA   sing N N 116 
ILE N   H    sing N N 117 
ILE N   H2   sing N N 118 
ILE CA  C    sing N N 119 
ILE CA  CB   sing N N 120 
ILE CA  HA   sing N N 121 
ILE C   O    doub N N 122 
ILE C   OXT  sing N N 123 
ILE CB  CG1  sing N N 124 
ILE CB  CG2  sing N N 125 
ILE CB  HB   sing N N 126 
ILE CG1 CD1  sing N N 127 
ILE CG1 HG12 sing N N 128 
ILE CG1 HG13 sing N N 129 
ILE CG2 HG21 sing N N 130 
ILE CG2 HG22 sing N N 131 
ILE CG2 HG23 sing N N 132 
ILE CD1 HD11 sing N N 133 
ILE CD1 HD12 sing N N 134 
ILE CD1 HD13 sing N N 135 
ILE OXT HXT  sing N N 136 
LEU N   CA   sing N N 137 
LEU N   H    sing N N 138 
LEU N   H2   sing N N 139 
LEU CA  C    sing N N 140 
LEU CA  CB   sing N N 141 
LEU CA  HA   sing N N 142 
LEU C   O    doub N N 143 
LEU C   OXT  sing N N 144 
LEU CB  CG   sing N N 145 
LEU CB  HB2  sing N N 146 
LEU CB  HB3  sing N N 147 
LEU CG  CD1  sing N N 148 
LEU CG  CD2  sing N N 149 
LEU CG  HG   sing N N 150 
LEU CD1 HD11 sing N N 151 
LEU CD1 HD12 sing N N 152 
LEU CD1 HD13 sing N N 153 
LEU CD2 HD21 sing N N 154 
LEU CD2 HD22 sing N N 155 
LEU CD2 HD23 sing N N 156 
LEU OXT HXT  sing N N 157 
LYS N   CA   sing N N 158 
LYS N   H    sing N N 159 
LYS N   H2   sing N N 160 
LYS CA  C    sing N N 161 
LYS CA  CB   sing N N 162 
LYS CA  HA   sing N N 163 
LYS C   O    doub N N 164 
LYS C   OXT  sing N N 165 
LYS CB  CG   sing N N 166 
LYS CB  HB2  sing N N 167 
LYS CB  HB3  sing N N 168 
LYS CG  CD   sing N N 169 
LYS CG  HG2  sing N N 170 
LYS CG  HG3  sing N N 171 
LYS CD  CE   sing N N 172 
LYS CD  HD2  sing N N 173 
LYS CD  HD3  sing N N 174 
LYS CE  NZ   sing N N 175 
LYS CE  HE2  sing N N 176 
LYS CE  HE3  sing N N 177 
LYS NZ  HZ1  sing N N 178 
LYS NZ  HZ2  sing N N 179 
LYS NZ  HZ3  sing N N 180 
LYS OXT HXT  sing N N 181 
MET N   CA   sing N N 182 
MET N   H    sing N N 183 
MET N   H2   sing N N 184 
MET CA  C    sing N N 185 
MET CA  CB   sing N N 186 
MET CA  HA   sing N N 187 
MET C   O    doub N N 188 
MET C   OXT  sing N N 189 
MET CB  CG   sing N N 190 
MET CB  HB2  sing N N 191 
MET CB  HB3  sing N N 192 
MET CG  SD   sing N N 193 
MET CG  HG2  sing N N 194 
MET CG  HG3  sing N N 195 
MET SD  CE   sing N N 196 
MET CE  HE1  sing N N 197 
MET CE  HE2  sing N N 198 
MET CE  HE3  sing N N 199 
MET OXT HXT  sing N N 200 
PHE N   CA   sing N N 201 
PHE N   H    sing N N 202 
PHE N   H2   sing N N 203 
PHE CA  C    sing N N 204 
PHE CA  CB   sing N N 205 
PHE CA  HA   sing N N 206 
PHE C   O    doub N N 207 
PHE C   OXT  sing N N 208 
PHE CB  CG   sing N N 209 
PHE CB  HB2  sing N N 210 
PHE CB  HB3  sing N N 211 
PHE CG  CD1  doub Y N 212 
PHE CG  CD2  sing Y N 213 
PHE CD1 CE1  sing Y N 214 
PHE CD1 HD1  sing N N 215 
PHE CD2 CE2  doub Y N 216 
PHE CD2 HD2  sing N N 217 
PHE CE1 CZ   doub Y N 218 
PHE CE1 HE1  sing N N 219 
PHE CE2 CZ   sing Y N 220 
PHE CE2 HE2  sing N N 221 
PHE CZ  HZ   sing N N 222 
PHE OXT HXT  sing N N 223 
PRO N   CA   sing N N 224 
PRO N   CD   sing N N 225 
PRO N   H    sing N N 226 
PRO CA  C    sing N N 227 
PRO CA  CB   sing N N 228 
PRO CA  HA   sing N N 229 
PRO C   O    doub N N 230 
PRO C   OXT  sing N N 231 
PRO CB  CG   sing N N 232 
PRO CB  HB2  sing N N 233 
PRO CB  HB3  sing N N 234 
PRO CG  CD   sing N N 235 
PRO CG  HG2  sing N N 236 
PRO CG  HG3  sing N N 237 
PRO CD  HD2  sing N N 238 
PRO CD  HD3  sing N N 239 
PRO OXT HXT  sing N N 240 
SER N   CA   sing N N 241 
SER N   H    sing N N 242 
SER N   H2   sing N N 243 
SER CA  C    sing N N 244 
SER CA  CB   sing N N 245 
SER CA  HA   sing N N 246 
SER C   O    doub N N 247 
SER C   OXT  sing N N 248 
SER CB  OG   sing N N 249 
SER CB  HB2  sing N N 250 
SER CB  HB3  sing N N 251 
SER OG  HG   sing N N 252 
SER OXT HXT  sing N N 253 
THR N   CA   sing N N 254 
THR N   H    sing N N 255 
THR N   H2   sing N N 256 
THR CA  C    sing N N 257 
THR CA  CB   sing N N 258 
THR CA  HA   sing N N 259 
THR C   O    doub N N 260 
THR C   OXT  sing N N 261 
THR CB  OG1  sing N N 262 
THR CB  CG2  sing N N 263 
THR CB  HB   sing N N 264 
THR OG1 HG1  sing N N 265 
THR CG2 HG21 sing N N 266 
THR CG2 HG22 sing N N 267 
THR CG2 HG23 sing N N 268 
THR OXT HXT  sing N N 269 
TYR N   CA   sing N N 270 
TYR N   H    sing N N 271 
TYR N   H2   sing N N 272 
TYR CA  C    sing N N 273 
TYR CA  CB   sing N N 274 
TYR CA  HA   sing N N 275 
TYR C   O    doub N N 276 
TYR C   OXT  sing N N 277 
TYR CB  CG   sing N N 278 
TYR CB  HB2  sing N N 279 
TYR CB  HB3  sing N N 280 
TYR CG  CD1  doub Y N 281 
TYR CG  CD2  sing Y N 282 
TYR CD1 CE1  sing Y N 283 
TYR CD1 HD1  sing N N 284 
TYR CD2 CE2  doub Y N 285 
TYR CD2 HD2  sing N N 286 
TYR CE1 CZ   doub Y N 287 
TYR CE1 HE1  sing N N 288 
TYR CE2 CZ   sing Y N 289 
TYR CE2 HE2  sing N N 290 
TYR CZ  OH   sing N N 291 
TYR OH  HH   sing N N 292 
TYR OXT HXT  sing N N 293 
VAL N   CA   sing N N 294 
VAL N   H    sing N N 295 
VAL N   H2   sing N N 296 
VAL CA  C    sing N N 297 
VAL CA  CB   sing N N 298 
VAL CA  HA   sing N N 299 
VAL C   O    doub N N 300 
VAL C   OXT  sing N N 301 
VAL CB  CG1  sing N N 302 
VAL CB  CG2  sing N N 303 
VAL CB  HB   sing N N 304 
VAL CG1 HG11 sing N N 305 
VAL CG1 HG12 sing N N 306 
VAL CG1 HG13 sing N N 307 
VAL CG2 HG21 sing N N 308 
VAL CG2 HG22 sing N N 309 
VAL CG2 HG23 sing N N 310 
VAL OXT HXT  sing N N 311 
# 
_pdbx_nmr_spectrometer.spectrometer_id   1 
_pdbx_nmr_spectrometer.model             'VARIAN INOVA' 
_pdbx_nmr_spectrometer.manufacturer      Varian 
_pdbx_nmr_spectrometer.field_strength    600 
_pdbx_nmr_spectrometer.type              ? 
# 
_atom_sites.entry_id                    1CK2 
_atom_sites.fract_transf_matrix[1][1]   1.000000 
_atom_sites.fract_transf_matrix[1][2]   0.000000 
_atom_sites.fract_transf_matrix[1][3]   0.000000 
_atom_sites.fract_transf_matrix[2][1]   0.000000 
_atom_sites.fract_transf_matrix[2][2]   1.000000 
_atom_sites.fract_transf_matrix[2][3]   0.000000 
_atom_sites.fract_transf_matrix[3][1]   0.000000 
_atom_sites.fract_transf_matrix[3][2]   0.000000 
_atom_sites.fract_transf_matrix[3][3]   1.000000 
_atom_sites.fract_transf_vector[1]      0.00000 
_atom_sites.fract_transf_vector[2]      0.00000 
_atom_sites.fract_transf_vector[3]      0.00000 
# 
loop_
_atom_type.symbol 
C 
H 
N 
O 
S 
# 
loop_
_atom_site.group_PDB 
_atom_site.id 
_atom_site.type_symbol 
_atom_site.label_atom_id 
_atom_site.label_alt_id 
_atom_site.label_comp_id 
_atom_site.label_asym_id 
_atom_site.label_entity_id 
_atom_site.label_seq_id 
_atom_site.pdbx_PDB_ins_code 
_atom_site.Cartn_x 
_atom_site.Cartn_y 
_atom_site.Cartn_z 
_atom_site.occupancy 
_atom_site.B_iso_or_equiv 
_atom_site.pdbx_formal_charge 
_atom_site.auth_seq_id 
_atom_site.auth_comp_id 
_atom_site.auth_asym_id 
_atom_site.auth_atom_id 
_atom_site.pdbx_PDB_model_num 
ATOM 1    N N    . ALA A 1 1   ? 9.993   4.403   -0.981  1.00 0.00 ? 2   ALA A N    1 
ATOM 2    C CA   . ALA A 1 1   ? 10.729  4.030   -2.207  1.00 0.00 ? 2   ALA A CA   1 
ATOM 3    C C    . ALA A 1 1   ? 12.246  4.249   -2.174  1.00 0.00 ? 2   ALA A C    1 
ATOM 4    O O    . ALA A 1 1   ? 12.692  5.351   -2.490  1.00 0.00 ? 2   ALA A O    1 
ATOM 5    C CB   . ALA A 1 1   ? 9.971   4.912   -3.211  1.00 0.00 ? 2   ALA A CB   1 
ATOM 6    H H1   . ALA A 1 1   ? 10.258  5.337   -0.700  1.00 0.00 ? 2   ALA A H1   1 
ATOM 7    H H2   . ALA A 1 1   ? 8.993   4.414   -1.169  1.00 0.00 ? 2   ALA A H2   1 
ATOM 8    H H3   . ALA A 1 1   ? 10.186  3.750   -0.235  1.00 0.00 ? 2   ALA A H3   1 
ATOM 9    H HA   . ALA A 1 1   ? 10.433  3.016   -2.477  1.00 0.00 ? 2   ALA A HA   1 
ATOM 10   H HB1  . ALA A 1 1   ? 9.934   5.952   -2.879  1.00 0.00 ? 2   ALA A HB1  1 
ATOM 11   H HB2  . ALA A 1 1   ? 10.486  4.889   -4.170  1.00 0.00 ? 2   ALA A HB2  1 
ATOM 12   H HB3  . ALA A 1 1   ? 8.962   4.526   -3.351  1.00 0.00 ? 2   ALA A HB3  1 
ATOM 13   N N    . PRO A 1 2   ? 13.053  3.248   -1.778  1.00 0.00 ? 3   PRO A N    1 
ATOM 14   C CA   . PRO A 1 2   ? 14.502  3.275   -1.984  1.00 0.00 ? 3   PRO A CA   1 
ATOM 15   C C    . PRO A 1 2   ? 14.771  3.406   -3.489  1.00 0.00 ? 3   PRO A C    1 
ATOM 16   O O    . PRO A 1 2   ? 14.142  2.693   -4.272  1.00 0.00 ? 3   PRO A O    1 
ATOM 17   C CB   . PRO A 1 2   ? 15.041  1.951   -1.421  1.00 0.00 ? 3   PRO A CB   1 
ATOM 18   C CG   . PRO A 1 2   ? 13.921  1.454   -0.508  1.00 0.00 ? 3   PRO A CG   1 
ATOM 19   C CD   . PRO A 1 2   ? 12.660  1.987   -1.182  1.00 0.00 ? 3   PRO A CD   1 
ATOM 20   H HA   . PRO A 1 2   ? 14.934  4.115   -1.441  1.00 0.00 ? 3   PRO A HA   1 
ATOM 21   H HB2  . PRO A 1 2   ? 15.200  1.230   -2.225  1.00 0.00 ? 3   PRO A HB2  1 
ATOM 22   H HB3  . PRO A 1 2   ? 15.967  2.100   -0.863  1.00 0.00 ? 3   PRO A HB3  1 
ATOM 23   H HG2  . PRO A 1 2   ? 13.908  0.367   -0.434  1.00 0.00 ? 3   PRO A HG2  1 
ATOM 24   H HG3  . PRO A 1 2   ? 14.023  1.909   0.480   1.00 0.00 ? 3   PRO A HG3  1 
ATOM 25   H HD2  . PRO A 1 2   ? 12.348  1.300   -1.969  1.00 0.00 ? 3   PRO A HD2  1 
ATOM 26   H HD3  . PRO A 1 2   ? 11.871  2.120   -0.442  1.00 0.00 ? 3   PRO A HD3  1 
ATOM 27   N N    . VAL A 1 3   ? 15.712  4.271   -3.888  1.00 0.00 ? 4   VAL A N    1 
ATOM 28   C CA   . VAL A 1 3   ? 15.935  4.734   -5.274  1.00 0.00 ? 4   VAL A CA   1 
ATOM 29   C C    . VAL A 1 3   ? 15.783  3.676   -6.380  1.00 0.00 ? 4   VAL A C    1 
ATOM 30   O O    . VAL A 1 3   ? 15.123  3.953   -7.382  1.00 0.00 ? 4   VAL A O    1 
ATOM 31   C CB   . VAL A 1 3   ? 17.269  5.509   -5.366  1.00 0.00 ? 4   VAL A CB   1 
ATOM 32   C CG1  . VAL A 1 3   ? 18.512  4.636   -5.130  1.00 0.00 ? 4   VAL A CG1  1 
ATOM 33   C CG2  . VAL A 1 3   ? 17.420  6.238   -6.706  1.00 0.00 ? 4   VAL A CG2  1 
ATOM 34   H H    . VAL A 1 3   ? 16.174  4.795   -3.160  1.00 0.00 ? 4   VAL A H    1 
ATOM 35   H HA   . VAL A 1 3   ? 15.149  5.461   -5.474  1.00 0.00 ? 4   VAL A HA   1 
ATOM 36   H HB   . VAL A 1 3   ? 17.253  6.271   -4.585  1.00 0.00 ? 4   VAL A HB   1 
ATOM 37   H HG11 . VAL A 1 3   ? 18.426  4.099   -4.184  1.00 0.00 ? 4   VAL A HG11 1 
ATOM 38   H HG12 . VAL A 1 3   ? 18.643  3.924   -5.946  1.00 0.00 ? 4   VAL A HG12 1 
ATOM 39   H HG13 . VAL A 1 3   ? 19.395  5.274   -5.083  1.00 0.00 ? 4   VAL A HG13 1 
ATOM 40   H HG21 . VAL A 1 3   ? 16.552  6.875   -6.881  1.00 0.00 ? 4   VAL A HG21 1 
ATOM 41   H HG22 . VAL A 1 3   ? 18.312  6.864   -6.684  1.00 0.00 ? 4   VAL A HG22 1 
ATOM 42   H HG23 . VAL A 1 3   ? 17.509  5.524   -7.525  1.00 0.00 ? 4   VAL A HG23 1 
ATOM 43   N N    . LYS A 1 4   ? 16.349  2.472   -6.211  1.00 0.00 ? 5   LYS A N    1 
ATOM 44   C CA   . LYS A 1 4   ? 16.281  1.397   -7.214  1.00 0.00 ? 5   LYS A CA   1 
ATOM 45   C C    . LYS A 1 4   ? 15.091  0.439   -7.076  1.00 0.00 ? 5   LYS A C    1 
ATOM 46   O O    . LYS A 1 4   ? 14.834  -0.309  -8.006  1.00 0.00 ? 5   LYS A O    1 
ATOM 47   C CB   . LYS A 1 4   ? 17.602  0.594   -7.211  1.00 0.00 ? 5   LYS A CB   1 
ATOM 48   C CG   . LYS A 1 4   ? 17.785  -0.386  -6.023  1.00 0.00 ? 5   LYS A CG   1 
ATOM 49   C CD   . LYS A 1 4   ? 18.023  -1.850  -6.449  1.00 0.00 ? 5   LYS A CD   1 
ATOM 50   C CE   . LYS A 1 4   ? 16.877  -2.495  -7.250  1.00 0.00 ? 5   LYS A CE   1 
ATOM 51   N NZ   . LYS A 1 4   ? 15.726  -2.910  -6.414  1.00 0.00 ? 5   LYS A NZ   1 
ATOM 52   H H    . LYS A 1 4   ? 16.866  2.322   -5.354  1.00 0.00 ? 5   LYS A H    1 
ATOM 53   H HA   . LYS A 1 4   ? 16.186  1.853   -8.202  1.00 0.00 ? 5   LYS A HA   1 
ATOM 54   H HB2  . LYS A 1 4   ? 17.663  0.042   -8.150  1.00 0.00 ? 5   LYS A HB2  1 
ATOM 55   H HB3  . LYS A 1 4   ? 18.439  1.295   -7.217  1.00 0.00 ? 5   LYS A HB3  1 
ATOM 56   H HG2  . LYS A 1 4   ? 18.655  -0.060  -5.451  1.00 0.00 ? 5   LYS A HG2  1 
ATOM 57   H HG3  . LYS A 1 4   ? 16.934  -0.343  -5.345  1.00 0.00 ? 5   LYS A HG3  1 
ATOM 58   H HD2  . LYS A 1 4   ? 18.920  -1.876  -7.070  1.00 0.00 ? 5   LYS A HD2  1 
ATOM 59   H HD3  . LYS A 1 4   ? 18.224  -2.453  -5.563  1.00 0.00 ? 5   LYS A HD3  1 
ATOM 60   H HE2  . LYS A 1 4   ? 16.536  -1.787  -8.009  1.00 0.00 ? 5   LYS A HE2  1 
ATOM 61   H HE3  . LYS A 1 4   ? 17.261  -3.371  -7.779  1.00 0.00 ? 5   LYS A HE3  1 
ATOM 62   H HZ1  . LYS A 1 4   ? 15.533  -2.262  -5.652  1.00 0.00 ? 5   LYS A HZ1  1 
ATOM 63   H HZ2  . LYS A 1 4   ? 14.881  -2.976  -7.006  1.00 0.00 ? 5   LYS A HZ2  1 
ATOM 64   H HZ3  . LYS A 1 4   ? 15.851  -3.840  -6.037  1.00 0.00 ? 5   LYS A HZ3  1 
ATOM 65   N N    . SER A 1 5   ? 14.381  0.430   -5.941  1.00 0.00 ? 6   SER A N    1 
ATOM 66   C CA   . SER A 1 5   ? 13.443  -0.633  -5.533  1.00 0.00 ? 6   SER A CA   1 
ATOM 67   C C    . SER A 1 5   ? 11.979  -0.504  -5.945  1.00 0.00 ? 6   SER A C    1 
ATOM 68   O O    . SER A 1 5   ? 11.116  -1.188  -5.387  1.00 0.00 ? 6   SER A O    1 
ATOM 69   C CB   . SER A 1 5   ? 13.650  -0.948  -4.051  1.00 0.00 ? 6   SER A CB   1 
ATOM 70   O OG   . SER A 1 5   ? 14.918  -1.577  -3.929  1.00 0.00 ? 6   SER A OG   1 
ATOM 71   H H    . SER A 1 5   ? 14.543  1.192   -5.289  1.00 0.00 ? 6   SER A H    1 
ATOM 72   H HA   . SER A 1 5   ? 13.736  -1.531  -6.053  1.00 0.00 ? 6   SER A HA   1 
ATOM 73   H HB2  . SER A 1 5   ? 13.615  -0.030  -3.467  1.00 0.00 ? 6   SER A HB2  1 
ATOM 74   H HB3  . SER A 1 5   ? 12.880  -1.632  -3.693  1.00 0.00 ? 6   SER A HB3  1 
ATOM 75   H HG   . SER A 1 5   ? 15.069  -1.775  -2.997  1.00 0.00 ? 6   SER A HG   1 
ATOM 76   N N    . GLN A 1 6   ? 11.716  0.297   -6.978  1.00 0.00 ? 7   GLN A N    1 
ATOM 77   C CA   . GLN A 1 6   ? 10.402  0.453   -7.606  1.00 0.00 ? 7   GLN A CA   1 
ATOM 78   C C    . GLN A 1 6   ? 9.895   -0.838  -8.287  1.00 0.00 ? 7   GLN A C    1 
ATOM 79   O O    . GLN A 1 6   ? 8.687   -0.988  -8.493  1.00 0.00 ? 7   GLN A O    1 
ATOM 80   C CB   . GLN A 1 6   ? 10.470  1.603   -8.630  1.00 0.00 ? 7   GLN A CB   1 
ATOM 81   C CG   . GLN A 1 6   ? 11.115  2.913   -8.125  1.00 0.00 ? 7   GLN A CG   1 
ATOM 82   C CD   . GLN A 1 6   ? 10.383  3.556   -6.947  1.00 0.00 ? 7   GLN A CD   1 
ATOM 83   O OE1  . GLN A 1 6   ? 10.284  3.009   -5.858  1.00 0.00 ? 7   GLN A OE1  1 
ATOM 84   N NE2  . GLN A 1 6   ? 9.861   4.758   -7.114  1.00 0.00 ? 7   GLN A NE2  1 
ATOM 85   H H    . GLN A 1 6   ? 12.502  0.778   -7.389  1.00 0.00 ? 7   GLN A H    1 
ATOM 86   H HA   . GLN A 1 6   ? 9.679   0.720   -6.833  1.00 0.00 ? 7   GLN A HA   1 
ATOM 87   H HB2  . GLN A 1 6   ? 11.043  1.259   -9.494  1.00 0.00 ? 7   GLN A HB2  1 
ATOM 88   H HB3  . GLN A 1 6   ? 9.458   1.822   -8.970  1.00 0.00 ? 7   GLN A HB3  1 
ATOM 89   H HG2  . GLN A 1 6   ? 12.152  2.738   -7.835  1.00 0.00 ? 7   GLN A HG2  1 
ATOM 90   H HG3  . GLN A 1 6   ? 11.132  3.617   -8.958  1.00 0.00 ? 7   GLN A HG3  1 
ATOM 91   H HE21 . GLN A 1 6   ? 9.925   5.249   -7.990  1.00 0.00 ? 7   GLN A HE21 1 
ATOM 92   H HE22 . GLN A 1 6   ? 9.433   5.155   -6.300  1.00 0.00 ? 7   GLN A HE22 1 
ATOM 93   N N    . GLU A 1 7   ? 10.794  -1.785  -8.610  1.00 0.00 ? 8   GLU A N    1 
ATOM 94   C CA   . GLU A 1 7   ? 10.457  -3.122  -9.117  1.00 0.00 ? 8   GLU A CA   1 
ATOM 95   C C    . GLU A 1 7   ? 10.229  -4.115  -7.966  1.00 0.00 ? 8   GLU A C    1 
ATOM 96   O O    . GLU A 1 7   ? 9.335   -4.954  -8.032  1.00 0.00 ? 8   GLU A O    1 
ATOM 97   C CB   . GLU A 1 7   ? 11.553  -3.599  -10.105 1.00 0.00 ? 8   GLU A CB   1 
ATOM 98   C CG   . GLU A 1 7   ? 12.703  -4.498  -9.593  1.00 0.00 ? 8   GLU A CG   1 
ATOM 99   C CD   . GLU A 1 7   ? 13.466  -3.983  -8.364  1.00 0.00 ? 8   GLU A CD   1 
ATOM 100  O OE1  . GLU A 1 7   ? 13.364  -2.792  -8.000  1.00 0.00 ? 8   GLU A OE1  1 
ATOM 101  O OE2  . GLU A 1 7   ? 14.057  -4.789  -7.615  1.00 0.00 ? 8   GLU A OE2  1 
ATOM 102  H H    . GLU A 1 7   ? 11.784  -1.628  -8.414  1.00 0.00 ? 8   GLU A H    1 
ATOM 103  H HA   . GLU A 1 7   ? 9.526   -3.054  -9.680  1.00 0.00 ? 8   GLU A HA   1 
ATOM 104  H HB2  . GLU A 1 7   ? 11.047  -4.168  -10.885 1.00 0.00 ? 8   GLU A HB2  1 
ATOM 105  H HB3  . GLU A 1 7   ? 11.988  -2.727  -10.598 1.00 0.00 ? 8   GLU A HB3  1 
ATOM 106  H HG2  . GLU A 1 7   ? 12.287  -5.479  -9.354  1.00 0.00 ? 8   GLU A HG2  1 
ATOM 107  H HG3  . GLU A 1 7   ? 13.415  -4.640  -10.409 1.00 0.00 ? 8   GLU A HG3  1 
ATOM 108  N N    . SER A 1 8   ? 11.030  -3.994  -6.900  1.00 0.00 ? 9   SER A N    1 
ATOM 109  C CA   . SER A 1 8   ? 11.103  -4.916  -5.771  1.00 0.00 ? 9   SER A CA   1 
ATOM 110  C C    . SER A 1 8   ? 9.814   -4.865  -4.958  1.00 0.00 ? 9   SER A C    1 
ATOM 111  O O    . SER A 1 8   ? 9.220   -5.915  -4.711  1.00 0.00 ? 9   SER A O    1 
ATOM 112  C CB   . SER A 1 8   ? 12.312  -4.578  -4.885  1.00 0.00 ? 9   SER A CB   1 
ATOM 113  O OG   . SER A 1 8   ? 13.522  -5.175  -5.324  1.00 0.00 ? 9   SER A OG   1 
ATOM 114  H H    . SER A 1 8   ? 11.757  -3.286  -6.989  1.00 0.00 ? 9   SER A H    1 
ATOM 115  H HA   . SER A 1 8   ? 11.225  -5.934  -6.142  1.00 0.00 ? 9   SER A HA   1 
ATOM 116  H HB2  . SER A 1 8   ? 12.438  -3.497  -4.839  1.00 0.00 ? 9   SER A HB2  1 
ATOM 117  H HB3  . SER A 1 8   ? 12.120  -4.940  -3.874  1.00 0.00 ? 9   SER A HB3  1 
ATOM 118  H HG   . SER A 1 8   ? 13.700  -5.027  -6.332  1.00 0.00 ? 9   SER A HG   1 
ATOM 119  N N    . ILE A 1 9   ? 9.356   -3.662  -4.569  1.00 0.00 ? 10  ILE A N    1 
ATOM 120  C CA   . ILE A 1 9   ? 8.068   -3.514  -3.873  1.00 0.00 ? 10  ILE A CA   1 
ATOM 121  C C    . ILE A 1 9   ? 6.909   -4.016  -4.750  1.00 0.00 ? 10  ILE A C    1 
ATOM 122  O O    . ILE A 1 9   ? 6.098   -4.793  -4.258  1.00 0.00 ? 10  ILE A O    1 
ATOM 123  C CB   . ILE A 1 9   ? 7.879   -2.085  -3.307  1.00 0.00 ? 10  ILE A CB   1 
ATOM 124  C CG1  . ILE A 1 9   ? 6.746   -2.007  -2.248  1.00 0.00 ? 10  ILE A CG1  1 
ATOM 125  C CG2  . ILE A 1 9   ? 7.745   -1.013  -4.402  1.00 0.00 ? 10  ILE A CG2  1 
ATOM 126  C CD1  . ILE A 1 9   ? 5.318   -1.792  -2.771  1.00 0.00 ? 10  ILE A CD1  1 
ATOM 127  H H    . ILE A 1 9   ? 9.897   -2.836  -4.813  1.00 0.00 ? 10  ILE A H    1 
ATOM 128  H HA   . ILE A 1 9   ? 8.100   -4.186  -3.014  1.00 0.00 ? 10  ILE A HA   1 
ATOM 129  H HB   . ILE A 1 9   ? 8.798   -1.857  -2.765  1.00 0.00 ? 10  ILE A HB   1 
ATOM 130  H HG12 . ILE A 1 9   ? 6.756   -2.914  -1.641  1.00 0.00 ? 10  ILE A HG12 1 
ATOM 131  H HG13 . ILE A 1 9   ? 6.960   -1.185  -1.562  1.00 0.00 ? 10  ILE A HG13 1 
ATOM 132  H HG21 . ILE A 1 9   ? 8.594   -1.047  -5.082  1.00 0.00 ? 10  ILE A HG21 1 
ATOM 133  H HG22 . ILE A 1 9   ? 6.833   -1.162  -4.978  1.00 0.00 ? 10  ILE A HG22 1 
ATOM 134  H HG23 . ILE A 1 9   ? 7.716   -0.022  -3.947  1.00 0.00 ? 10  ILE A HG23 1 
ATOM 135  H HD11 . ILE A 1 9   ? 5.053   -2.535  -3.521  1.00 0.00 ? 10  ILE A HD11 1 
ATOM 136  H HD12 . ILE A 1 9   ? 4.621   -1.880  -1.941  1.00 0.00 ? 10  ILE A HD12 1 
ATOM 137  H HD13 . ILE A 1 9   ? 5.223   -0.795  -3.198  1.00 0.00 ? 10  ILE A HD13 1 
ATOM 138  N N    . ASN A 1 10  ? 6.880   -3.665  -6.047  1.00 0.00 ? 11  ASN A N    1 
ATOM 139  C CA   . ASN A 1 10  ? 5.928   -4.184  -7.038  1.00 0.00 ? 11  ASN A CA   1 
ATOM 140  C C    . ASN A 1 10  ? 5.876   -5.721  -7.018  1.00 0.00 ? 11  ASN A C    1 
ATOM 141  O O    . ASN A 1 10  ? 4.838   -6.309  -6.709  1.00 0.00 ? 11  ASN A O    1 
ATOM 142  C CB   . ASN A 1 10  ? 6.318   -3.666  -8.443  1.00 0.00 ? 11  ASN A CB   1 
ATOM 143  C CG   . ASN A 1 10  ? 5.423   -2.559  -8.970  1.00 0.00 ? 11  ASN A CG   1 
ATOM 144  O OD1  . ASN A 1 10  ? 4.228   -2.734  -9.136  1.00 0.00 ? 11  ASN A OD1  1 
ATOM 145  N ND2  . ASN A 1 10  ? 5.978   -1.412  -9.292  1.00 0.00 ? 11  ASN A ND2  1 
ATOM 146  H H    . ASN A 1 10  ? 7.612   -3.047  -6.369  1.00 0.00 ? 11  ASN A H    1 
ATOM 147  H HA   . ASN A 1 10  ? 4.923   -3.836  -6.787  1.00 0.00 ? 11  ASN A HA   1 
ATOM 148  H HB2  . ASN A 1 10  ? 7.358   -3.336  -8.458  1.00 0.00 ? 11  ASN A HB2  1 
ATOM 149  H HB3  . ASN A 1 10  ? 6.235   -4.478  -9.168  1.00 0.00 ? 11  ASN A HB3  1 
ATOM 150  H HD21 . ASN A 1 10  ? 6.969   -1.218  -9.131  1.00 0.00 ? 11  ASN A HD21 1 
ATOM 151  H HD22 . ASN A 1 10  ? 5.341   -0.765  -9.754  1.00 0.00 ? 11  ASN A HD22 1 
ATOM 152  N N    . GLN A 1 11  ? 7.007   -6.365  -7.331  1.00 0.00 ? 12  GLN A N    1 
ATOM 153  C CA   . GLN A 1 11  ? 7.145   -7.814  -7.418  1.00 0.00 ? 12  GLN A CA   1 
ATOM 154  C C    . GLN A 1 11  ? 6.729   -8.484  -6.107  1.00 0.00 ? 12  GLN A C    1 
ATOM 155  O O    . GLN A 1 11  ? 5.871   -9.367  -6.118  1.00 0.00 ? 12  GLN A O    1 
ATOM 156  C CB   . GLN A 1 11  ? 8.595   -8.148  -7.807  1.00 0.00 ? 12  GLN A CB   1 
ATOM 157  C CG   . GLN A 1 11  ? 8.805   -9.646  -8.071  1.00 0.00 ? 12  GLN A CG   1 
ATOM 158  C CD   . GLN A 1 11  ? 10.271  -9.979  -8.335  1.00 0.00 ? 12  GLN A CD   1 
ATOM 159  O OE1  . GLN A 1 11  ? 10.922  -10.650 -7.555  1.00 0.00 ? 12  GLN A OE1  1 
ATOM 160  N NE2  . GLN A 1 11  ? 10.840  -9.525  -9.438  1.00 0.00 ? 12  GLN A NE2  1 
ATOM 161  H H    . GLN A 1 11  ? 7.829   -5.802  -7.551  1.00 0.00 ? 12  GLN A H    1 
ATOM 162  H HA   . GLN A 1 11  ? 6.482   -8.179  -8.204  1.00 0.00 ? 12  GLN A HA   1 
ATOM 163  H HB2  . GLN A 1 11  ? 8.850   -7.597  -8.714  1.00 0.00 ? 12  GLN A HB2  1 
ATOM 164  H HB3  . GLN A 1 11  ? 9.268   -7.824  -7.010  1.00 0.00 ? 12  GLN A HB3  1 
ATOM 165  H HG2  . GLN A 1 11  ? 8.479   -10.222 -7.205  1.00 0.00 ? 12  GLN A HG2  1 
ATOM 166  H HG3  . GLN A 1 11  ? 8.209   -9.949  -8.932  1.00 0.00 ? 12  GLN A HG3  1 
ATOM 167  H HE21 . GLN A 1 11  ? 10.357  -8.955  -10.108 1.00 0.00 ? 12  GLN A HE21 1 
ATOM 168  H HE22 . GLN A 1 11  ? 11.809  -9.783  -9.529  1.00 0.00 ? 12  GLN A HE22 1 
ATOM 169  N N    . LYS A 1 12  ? 7.311   -8.056  -4.979  1.00 0.00 ? 13  LYS A N    1 
ATOM 170  C CA   . LYS A 1 12  ? 7.051   -8.630  -3.658  1.00 0.00 ? 13  LYS A CA   1 
ATOM 171  C C    . LYS A 1 12  ? 5.592   -8.453  -3.227  1.00 0.00 ? 13  LYS A C    1 
ATOM 172  O O    . LYS A 1 12  ? 5.001   -9.387  -2.687  1.00 0.00 ? 13  LYS A O    1 
ATOM 173  C CB   . LYS A 1 12  ? 8.042   -8.017  -2.660  1.00 0.00 ? 13  LYS A CB   1 
ATOM 174  C CG   . LYS A 1 12  ? 8.123   -8.801  -1.343  1.00 0.00 ? 13  LYS A CG   1 
ATOM 175  C CD   . LYS A 1 12  ? 9.257   -8.228  -0.483  1.00 0.00 ? 13  LYS A CD   1 
ATOM 176  C CE   . LYS A 1 12  ? 9.371   -8.918  0.876   1.00 0.00 ? 13  LYS A CE   1 
ATOM 177  N NZ   . LYS A 1 12  ? 9.752   -10.343 0.761   1.00 0.00 ? 13  LYS A NZ   1 
ATOM 178  H H    . LYS A 1 12  ? 7.985   -7.292  -5.044  1.00 0.00 ? 13  LYS A H    1 
ATOM 179  H HA   . LYS A 1 12  ? 7.238   -9.701  -3.715  1.00 0.00 ? 13  LYS A HA   1 
ATOM 180  H HB2  . LYS A 1 12  ? 9.035   -8.028  -3.112  1.00 0.00 ? 13  LYS A HB2  1 
ATOM 181  H HB3  . LYS A 1 12  ? 7.767   -6.980  -2.456  1.00 0.00 ? 13  LYS A HB3  1 
ATOM 182  H HG2  . LYS A 1 12  ? 7.179   -8.728  -0.803  1.00 0.00 ? 13  LYS A HG2  1 
ATOM 183  H HG3  . LYS A 1 12  ? 8.325   -9.851  -1.562  1.00 0.00 ? 13  LYS A HG3  1 
ATOM 184  H HD2  . LYS A 1 12  ? 10.205  -8.324  -1.015  1.00 0.00 ? 13  LYS A HD2  1 
ATOM 185  H HD3  . LYS A 1 12  ? 9.073   -7.165  -0.312  1.00 0.00 ? 13  LYS A HD3  1 
ATOM 186  H HE2  . LYS A 1 12  ? 10.123  -8.392  1.471   1.00 0.00 ? 13  LYS A HE2  1 
ATOM 187  H HE3  . LYS A 1 12  ? 8.418   -8.841  1.401   1.00 0.00 ? 13  LYS A HE3  1 
ATOM 188  H HZ1  . LYS A 1 12  ? 10.569  -10.475 0.187   1.00 0.00 ? 13  LYS A HZ1  1 
ATOM 189  H HZ2  . LYS A 1 12  ? 9.958   -10.701 1.704   1.00 0.00 ? 13  LYS A HZ2  1 
ATOM 190  H HZ3  . LYS A 1 12  ? 8.973   -10.907 0.423   1.00 0.00 ? 13  LYS A HZ3  1 
ATOM 191  N N    . LEU A 1 13  ? 4.988   -7.288  -3.488  1.00 0.00 ? 14  LEU A N    1 
ATOM 192  C CA   . LEU A 1 13  ? 3.586   -7.039  -3.164  1.00 0.00 ? 14  LEU A CA   1 
ATOM 193  C C    . LEU A 1 13  ? 2.636   -7.866  -4.043  1.00 0.00 ? 14  LEU A C    1 
ATOM 194  O O    . LEU A 1 13  ? 1.691   -8.439  -3.505  1.00 0.00 ? 14  LEU A O    1 
ATOM 195  C CB   . LEU A 1 13  ? 3.307   -5.531  -3.201  1.00 0.00 ? 14  LEU A CB   1 
ATOM 196  C CG   . LEU A 1 13  ? 1.992   -5.167  -2.485  1.00 0.00 ? 14  LEU A CG   1 
ATOM 197  C CD1  . LEU A 1 13  ? 2.145   -3.829  -1.772  1.00 0.00 ? 14  LEU A CD1  1 
ATOM 198  C CD2  . LEU A 1 13  ? 0.822   -5.072  -3.459  1.00 0.00 ? 14  LEU A CD2  1 
ATOM 199  H H    . LEU A 1 13  ? 5.525   -6.533  -3.911  1.00 0.00 ? 14  LEU A H    1 
ATOM 200  H HA   . LEU A 1 13  ? 3.427   -7.355  -2.132  1.00 0.00 ? 14  LEU A HA   1 
ATOM 201  H HB2  . LEU A 1 13  ? 4.123   -5.040  -2.673  1.00 0.00 ? 14  LEU A HB2  1 
ATOM 202  H HB3  . LEU A 1 13  ? 3.305   -5.165  -4.230  1.00 0.00 ? 14  LEU A HB3  1 
ATOM 203  H HG   . LEU A 1 13  ? 1.759   -5.916  -1.727  1.00 0.00 ? 14  LEU A HG   1 
ATOM 204  H HD11 . LEU A 1 13  ? 2.416   -3.063  -2.497  1.00 0.00 ? 14  LEU A HD11 1 
ATOM 205  H HD12 . LEU A 1 13  ? 1.214   -3.560  -1.276  1.00 0.00 ? 14  LEU A HD12 1 
ATOM 206  H HD13 . LEU A 1 13  ? 2.930   -3.916  -1.019  1.00 0.00 ? 14  LEU A HD13 1 
ATOM 207  H HD21 . LEU A 1 13  ? 1.021   -4.320  -4.223  1.00 0.00 ? 14  LEU A HD21 1 
ATOM 208  H HD22 . LEU A 1 13  ? 0.665   -6.037  -3.935  1.00 0.00 ? 14  LEU A HD22 1 
ATOM 209  H HD23 . LEU A 1 13  ? -0.075  -4.811  -2.903  1.00 0.00 ? 14  LEU A HD23 1 
ATOM 210  N N    . ALA A 1 14  ? 2.884   -7.999  -5.355  1.00 0.00 ? 15  ALA A N    1 
ATOM 211  C CA   . ALA A 1 14  ? 2.094   -8.914  -6.191  1.00 0.00 ? 15  ALA A CA   1 
ATOM 212  C C    . ALA A 1 14  ? 2.269   -10.382 -5.763  1.00 0.00 ? 15  ALA A C    1 
ATOM 213  O O    . ALA A 1 14  ? 1.282   -11.110 -5.640  1.00 0.00 ? 15  ALA A O    1 
ATOM 214  C CB   . ALA A 1 14  ? 2.443   -8.732  -7.667  1.00 0.00 ? 15  ALA A CB   1 
ATOM 215  H H    . ALA A 1 14  ? 3.663   -7.491  -5.771  1.00 0.00 ? 15  ALA A H    1 
ATOM 216  H HA   . ALA A 1 14  ? 1.041   -8.659  -6.074  1.00 0.00 ? 15  ALA A HA   1 
ATOM 217  H HB1  . ALA A 1 14  ? 2.242   -7.706  -7.965  1.00 0.00 ? 15  ALA A HB1  1 
ATOM 218  H HB2  . ALA A 1 14  ? 3.493   -8.969  -7.845  1.00 0.00 ? 15  ALA A HB2  1 
ATOM 219  H HB3  . ALA A 1 14  ? 1.806   -9.392  -8.258  1.00 0.00 ? 15  ALA A HB3  1 
ATOM 220  N N    . LEU A 1 15  ? 3.513   -10.797 -5.477  1.00 0.00 ? 16  LEU A N    1 
ATOM 221  C CA   . LEU A 1 15  ? 3.844   -12.101 -4.900  1.00 0.00 ? 16  LEU A CA   1 
ATOM 222  C C    . LEU A 1 15  ? 3.054   -12.362 -3.616  1.00 0.00 ? 16  LEU A C    1 
ATOM 223  O O    . LEU A 1 15  ? 2.566   -13.475 -3.454  1.00 0.00 ? 16  LEU A O    1 
ATOM 224  C CB   . LEU A 1 15  ? 5.370   -12.196 -4.710  1.00 0.00 ? 16  LEU A CB   1 
ATOM 225  C CG   . LEU A 1 15  ? 5.921   -13.556 -4.236  1.00 0.00 ? 16  LEU A CG   1 
ATOM 226  C CD1  . LEU A 1 15  ? 7.406   -13.635 -4.601  1.00 0.00 ? 16  LEU A CD1  1 
ATOM 227  C CD2  . LEU A 1 15  ? 5.852   -13.746 -2.717  1.00 0.00 ? 16  LEU A CD2  1 
ATOM 228  H H    . LEU A 1 15  ? 4.285   -10.156 -5.652  1.00 0.00 ? 16  LEU A H    1 
ATOM 229  H HA   . LEU A 1 15  ? 3.546   -12.864 -5.621  1.00 0.00 ? 16  LEU A HA   1 
ATOM 230  H HB2  . LEU A 1 15  ? 5.817   -11.974 -5.680  1.00 0.00 ? 16  LEU A HB2  1 
ATOM 231  H HB3  . LEU A 1 15  ? 5.701   -11.425 -4.019  1.00 0.00 ? 16  LEU A HB3  1 
ATOM 232  H HG   . LEU A 1 15  ? 5.390   -14.366 -4.737  1.00 0.00 ? 16  LEU A HG   1 
ATOM 233  H HD11 . LEU A 1 15  ? 7.537   -13.530 -5.679  1.00 0.00 ? 16  LEU A HD11 1 
ATOM 234  H HD12 . LEU A 1 15  ? 7.951   -12.838 -4.092  1.00 0.00 ? 16  LEU A HD12 1 
ATOM 235  H HD13 . LEU A 1 15  ? 7.816   -14.598 -4.295  1.00 0.00 ? 16  LEU A HD13 1 
ATOM 236  H HD21 . LEU A 1 15  ? 6.336   -12.904 -2.226  1.00 0.00 ? 16  LEU A HD21 1 
ATOM 237  H HD22 . LEU A 1 15  ? 4.825   -13.825 -2.366  1.00 0.00 ? 16  LEU A HD22 1 
ATOM 238  H HD23 . LEU A 1 15  ? 6.362   -14.667 -2.430  1.00 0.00 ? 16  LEU A HD23 1 
ATOM 239  N N    . VAL A 1 16  ? 2.881   -11.358 -2.746  1.00 0.00 ? 17  VAL A N    1 
ATOM 240  C CA   . VAL A 1 16  ? 1.975   -11.405 -1.590  1.00 0.00 ? 17  VAL A CA   1 
ATOM 241  C C    . VAL A 1 16  ? 0.501   -11.498 -1.998  1.00 0.00 ? 17  VAL A C    1 
ATOM 242  O O    . VAL A 1 16  ? -0.184  -12.417 -1.550  1.00 0.00 ? 17  VAL A O    1 
ATOM 243  C CB   . VAL A 1 16  ? 2.252   -10.217 -0.643  1.00 0.00 ? 17  VAL A CB   1 
ATOM 244  C CG1  . VAL A 1 16  ? 1.105   -9.888  0.322   1.00 0.00 ? 17  VAL A CG1  1 
ATOM 245  C CG2  . VAL A 1 16  ? 3.501   -10.546 0.177   1.00 0.00 ? 17  VAL A CG2  1 
ATOM 246  H H    . VAL A 1 16  ? 3.422   -10.508 -2.896  1.00 0.00 ? 17  VAL A H    1 
ATOM 247  H HA   . VAL A 1 16  ? 2.188   -12.324 -1.051  1.00 0.00 ? 17  VAL A HA   1 
ATOM 248  H HB   . VAL A 1 16  ? 2.458   -9.324  -1.228  1.00 0.00 ? 17  VAL A HB   1 
ATOM 249  H HG11 . VAL A 1 16  ? 0.805   -10.784 0.866   1.00 0.00 ? 17  VAL A HG11 1 
ATOM 250  H HG12 . VAL A 1 16  ? 1.426   -9.125  1.029   1.00 0.00 ? 17  VAL A HG12 1 
ATOM 251  H HG13 . VAL A 1 16  ? 0.254   -9.484  -0.233  1.00 0.00 ? 17  VAL A HG13 1 
ATOM 252  H HG21 . VAL A 1 16  ? 4.346   -10.712 -0.488  1.00 0.00 ? 17  VAL A HG21 1 
ATOM 253  H HG22 . VAL A 1 16  ? 3.730   -9.719  0.838   1.00 0.00 ? 17  VAL A HG22 1 
ATOM 254  H HG23 . VAL A 1 16  ? 3.325   -11.435 0.779   1.00 0.00 ? 17  VAL A HG23 1 
ATOM 255  N N    . ILE A 1 17  ? 0.000   -10.578 -2.834  1.00 0.00 ? 18  ILE A N    1 
ATOM 256  C CA   . ILE A 1 17  ? -1.401  -10.513 -3.300  1.00 0.00 ? 18  ILE A CA   1 
ATOM 257  C C    . ILE A 1 17  ? -1.906  -11.836 -3.911  1.00 0.00 ? 18  ILE A C    1 
ATOM 258  O O    . ILE A 1 17  ? -3.100  -12.122 -3.833  1.00 0.00 ? 18  ILE A O    1 
ATOM 259  C CB   . ILE A 1 17  ? -1.590  -9.267  -4.204  1.00 0.00 ? 18  ILE A CB   1 
ATOM 260  C CG1  . ILE A 1 17  ? -1.699  -8.026  -3.285  1.00 0.00 ? 18  ILE A CG1  1 
ATOM 261  C CG2  . ILE A 1 17  ? -2.825  -9.418  -5.099  1.00 0.00 ? 18  ILE A CG2  1 
ATOM 262  C CD1  . ILE A 1 17  ? -2.145  -6.734  -3.980  1.00 0.00 ? 18  ILE A CD1  1 
ATOM 263  H H    . ILE A 1 17  ? 0.639   -9.852  -3.154  1.00 0.00 ? 18  ILE A H    1 
ATOM 264  H HA   . ILE A 1 17  ? -2.054  -10.367 -2.440  1.00 0.00 ? 18  ILE A HA   1 
ATOM 265  H HB   . ILE A 1 17  ? -0.725  -9.159  -4.859  1.00 0.00 ? 18  ILE A HB   1 
ATOM 266  H HG12 . ILE A 1 17  ? -2.404  -8.230  -2.482  1.00 0.00 ? 18  ILE A HG12 1 
ATOM 267  H HG13 . ILE A 1 17  ? -0.728  -7.847  -2.825  1.00 0.00 ? 18  ILE A HG13 1 
ATOM 268  H HG21 . ILE A 1 17  ? -3.684  -9.587  -4.449  1.00 0.00 ? 18  ILE A HG21 1 
ATOM 269  H HG22 . ILE A 1 17  ? -2.969  -8.539  -5.724  1.00 0.00 ? 18  ILE A HG22 1 
ATOM 270  H HG23 . ILE A 1 17  ? -2.694  -10.260 -5.780  1.00 0.00 ? 18  ILE A HG23 1 
ATOM 271  H HD11 . ILE A 1 17  ? -1.500  -6.551  -4.836  1.00 0.00 ? 18  ILE A HD11 1 
ATOM 272  H HD12 . ILE A 1 17  ? -3.178  -6.816  -4.317  1.00 0.00 ? 18  ILE A HD12 1 
ATOM 273  H HD13 . ILE A 1 17  ? -2.086  -5.905  -3.278  1.00 0.00 ? 18  ILE A HD13 1 
ATOM 274  N N    . LYS A 1 18  ? -0.997  -12.684 -4.408  1.00 0.00 ? 19  LYS A N    1 
ATOM 275  C CA   . LYS A 1 18  ? -1.246  -14.072 -4.818  1.00 0.00 ? 19  LYS A CA   1 
ATOM 276  C C    . LYS A 1 18  ? -2.040  -14.888 -3.783  1.00 0.00 ? 19  LYS A C    1 
ATOM 277  O O    . LYS A 1 18  ? -2.804  -15.762 -4.186  1.00 0.00 ? 19  LYS A O    1 
ATOM 278  C CB   . LYS A 1 18  ? 0.128   -14.708 -5.034  1.00 0.00 ? 19  LYS A CB   1 
ATOM 279  C CG   . LYS A 1 18  ? 0.127   -16.146 -5.576  1.00 0.00 ? 19  LYS A CG   1 
ATOM 280  C CD   . LYS A 1 18  ? 1.544   -16.673 -5.874  1.00 0.00 ? 19  LYS A CD   1 
ATOM 281  C CE   . LYS A 1 18  ? 2.354   -17.195 -4.669  1.00 0.00 ? 19  LYS A CE   1 
ATOM 282  N NZ   . LYS A 1 18  ? 2.530   -16.192 -3.597  1.00 0.00 ? 19  LYS A NZ   1 
ATOM 283  H H    . LYS A 1 18  ? -0.057  -12.308 -4.501  1.00 0.00 ? 19  LYS A H    1 
ATOM 284  H HA   . LYS A 1 18  ? -1.808  -14.081 -5.752  1.00 0.00 ? 19  LYS A HA   1 
ATOM 285  H HB2  . LYS A 1 18  ? 0.710   -14.075 -5.709  1.00 0.00 ? 19  LYS A HB2  1 
ATOM 286  H HB3  . LYS A 1 18  ? 0.596   -14.707 -4.059  1.00 0.00 ? 19  LYS A HB3  1 
ATOM 287  H HG2  . LYS A 1 18  ? -0.363  -16.817 -4.872  1.00 0.00 ? 19  LYS A HG2  1 
ATOM 288  H HG3  . LYS A 1 18  ? -0.437  -16.154 -6.508  1.00 0.00 ? 19  LYS A HG3  1 
ATOM 289  H HD2  . LYS A 1 18  ? 1.440   -17.512 -6.564  1.00 0.00 ? 19  LYS A HD2  1 
ATOM 290  H HD3  . LYS A 1 18  ? 2.119   -15.903 -6.390  1.00 0.00 ? 19  LYS A HD3  1 
ATOM 291  H HE2  . LYS A 1 18  ? 1.850   -18.074 -4.257  1.00 0.00 ? 19  LYS A HE2  1 
ATOM 292  H HE3  . LYS A 1 18  ? 3.337   -17.515 -5.030  1.00 0.00 ? 19  LYS A HE3  1 
ATOM 293  H HZ1  . LYS A 1 18  ? 2.754   -15.250 -3.911  1.00 0.00 ? 19  LYS A HZ1  1 
ATOM 294  H HZ2  . LYS A 1 18  ? 1.682   -16.077 -3.029  1.00 0.00 ? 19  LYS A HZ2  1 
ATOM 295  H HZ3  . LYS A 1 18  ? 3.186   -16.438 -2.850  1.00 0.00 ? 19  LYS A HZ3  1 
ATOM 296  N N    . SER A 1 19  ? -1.881  -14.626 -2.476  1.00 0.00 ? 20  SER A N    1 
ATOM 297  C CA   . SER A 1 19  ? -2.728  -15.248 -1.442  1.00 0.00 ? 20  SER A CA   1 
ATOM 298  C C    . SER A 1 19  ? -2.976  -14.428 -0.162  1.00 0.00 ? 20  SER A C    1 
ATOM 299  O O    . SER A 1 19  ? -3.870  -14.776 0.611   1.00 0.00 ? 20  SER A O    1 
ATOM 300  C CB   . SER A 1 19  ? -2.187  -16.637 -1.083  1.00 0.00 ? 20  SER A CB   1 
ATOM 301  O OG   . SER A 1 19  ? -1.005  -16.573 -0.317  1.00 0.00 ? 20  SER A OG   1 
ATOM 302  H H    . SER A 1 19  ? -1.192  -13.923 -2.225  1.00 0.00 ? 20  SER A H    1 
ATOM 303  H HA   . SER A 1 19  ? -3.713  -15.402 -1.883  1.00 0.00 ? 20  SER A HA   1 
ATOM 304  H HB2  . SER A 1 19  ? -2.945  -17.158 -0.499  1.00 0.00 ? 20  SER A HB2  1 
ATOM 305  H HB3  . SER A 1 19  ? -2.003  -17.210 -1.993  1.00 0.00 ? 20  SER A HB3  1 
ATOM 306  H HG   . SER A 1 19  ? -0.218  -16.236 -0.873  1.00 0.00 ? 20  SER A HG   1 
ATOM 307  N N    . GLY A 1 20  ? -2.242  -13.332 0.067   1.00 0.00 ? 21  GLY A N    1 
ATOM 308  C CA   . GLY A 1 20  ? -2.410  -12.455 1.227   1.00 0.00 ? 21  GLY A CA   1 
ATOM 309  C C    . GLY A 1 20  ? -3.582  -11.475 1.092   1.00 0.00 ? 21  GLY A C    1 
ATOM 310  O O    . GLY A 1 20  ? -4.055  -11.186 -0.006  1.00 0.00 ? 21  GLY A O    1 
ATOM 311  H H    . GLY A 1 20  ? -1.523  -13.083 -0.603  1.00 0.00 ? 21  GLY A H    1 
ATOM 312  H HA2  . GLY A 1 20  ? -2.560  -13.068 2.118   1.00 0.00 ? 21  GLY A HA2  1 
ATOM 313  H HA3  . GLY A 1 20  ? -1.496  -11.875 1.361   1.00 0.00 ? 21  GLY A HA3  1 
ATOM 314  N N    . LYS A 1 21  ? -4.041  -10.931 2.226   1.00 0.00 ? 22  LYS A N    1 
ATOM 315  C CA   . LYS A 1 21  ? -5.219  -10.053 2.315   1.00 0.00 ? 22  LYS A CA   1 
ATOM 316  C C    . LYS A 1 21  ? -4.835  -8.585  2.128   1.00 0.00 ? 22  LYS A C    1 
ATOM 317  O O    . LYS A 1 21  ? -4.132  -8.015  2.969   1.00 0.00 ? 22  LYS A O    1 
ATOM 318  C CB   . LYS A 1 21  ? -5.959  -10.250 3.649   1.00 0.00 ? 22  LYS A CB   1 
ATOM 319  C CG   . LYS A 1 21  ? -6.886  -11.473 3.664   1.00 0.00 ? 22  LYS A CG   1 
ATOM 320  C CD   . LYS A 1 21  ? -6.165  -12.829 3.562   1.00 0.00 ? 22  LYS A CD   1 
ATOM 321  C CE   . LYS A 1 21  ? -7.046  -13.948 4.127   1.00 0.00 ? 22  LYS A CE   1 
ATOM 322  N NZ   . LYS A 1 21  ? -6.985  -13.983 5.607   1.00 0.00 ? 22  LYS A NZ   1 
ATOM 323  H H    . LYS A 1 21  ? -3.515  -11.148 3.071   1.00 0.00 ? 22  LYS A H    1 
ATOM 324  H HA   . LYS A 1 21  ? -5.911  -10.313 1.511   1.00 0.00 ? 22  LYS A HA   1 
ATOM 325  H HB2  . LYS A 1 21  ? -5.246  -10.307 4.469   1.00 0.00 ? 22  LYS A HB2  1 
ATOM 326  H HB3  . LYS A 1 21  ? -6.588  -9.374  3.825   1.00 0.00 ? 22  LYS A HB3  1 
ATOM 327  H HG2  . LYS A 1 21  ? -7.461  -11.435 4.589   1.00 0.00 ? 22  LYS A HG2  1 
ATOM 328  H HG3  . LYS A 1 21  ? -7.601  -11.393 2.844   1.00 0.00 ? 22  LYS A HG3  1 
ATOM 329  H HD2  . LYS A 1 21  ? -5.954  -13.037 2.512   1.00 0.00 ? 22  LYS A HD2  1 
ATOM 330  H HD3  . LYS A 1 21  ? -5.219  -12.803 4.103   1.00 0.00 ? 22  LYS A HD3  1 
ATOM 331  H HE2  . LYS A 1 21  ? -8.073  -13.780 3.792   1.00 0.00 ? 22  LYS A HE2  1 
ATOM 332  H HE3  . LYS A 1 21  ? -6.708  -14.905 3.721   1.00 0.00 ? 22  LYS A HE3  1 
ATOM 333  H HZ1  . LYS A 1 21  ? -7.029  -13.032 6.007   1.00 0.00 ? 22  LYS A HZ1  1 
ATOM 334  H HZ2  . LYS A 1 21  ? -7.734  -14.531 6.002   1.00 0.00 ? 22  LYS A HZ2  1 
ATOM 335  H HZ3  . LYS A 1 21  ? -6.098  -14.348 5.918   1.00 0.00 ? 22  LYS A HZ3  1 
ATOM 336  N N    . TYR A 1 22  ? -5.329  -7.987  1.039   1.00 0.00 ? 23  TYR A N    1 
ATOM 337  C CA   . TYR A 1 22  ? -5.087  -6.604  0.633   1.00 0.00 ? 23  TYR A CA   1 
ATOM 338  C C    . TYR A 1 22  ? -6.382  -5.798  0.410   1.00 0.00 ? 23  TYR A C    1 
ATOM 339  O O    . TYR A 1 22  ? -7.486  -6.339  0.444   1.00 0.00 ? 23  TYR A O    1 
ATOM 340  C CB   . TYR A 1 22  ? -4.239  -6.639  -0.650  1.00 0.00 ? 23  TYR A CB   1 
ATOM 341  C CG   . TYR A 1 22  ? -4.987  -7.159  -1.863  1.00 0.00 ? 23  TYR A CG   1 
ATOM 342  C CD1  . TYR A 1 22  ? -5.130  -8.544  -2.079  1.00 0.00 ? 23  TYR A CD1  1 
ATOM 343  C CD2  . TYR A 1 22  ? -5.564  -6.247  -2.764  1.00 0.00 ? 23  TYR A CD2  1 
ATOM 344  C CE1  . TYR A 1 22  ? -5.866  -9.020  -3.179  1.00 0.00 ? 23  TYR A CE1  1 
ATOM 345  C CE2  . TYR A 1 22  ? -6.289  -6.716  -3.873  1.00 0.00 ? 23  TYR A CE2  1 
ATOM 346  C CZ   . TYR A 1 22  ? -6.443  -8.102  -4.085  1.00 0.00 ? 23  TYR A CZ   1 
ATOM 347  O OH   . TYR A 1 22  ? -7.136  -8.543  -5.170  1.00 0.00 ? 23  TYR A OH   1 
ATOM 348  H H    . TYR A 1 22  ? -5.839  -8.548  0.368   1.00 0.00 ? 23  TYR A H    1 
ATOM 349  H HA   . TYR A 1 22  ? -4.525  -6.105  1.420   1.00 0.00 ? 23  TYR A HA   1 
ATOM 350  H HB2  . TYR A 1 22  ? -3.887  -5.631  -0.869  1.00 0.00 ? 23  TYR A HB2  1 
ATOM 351  H HB3  . TYR A 1 22  ? -3.362  -7.266  -0.480  1.00 0.00 ? 23  TYR A HB3  1 
ATOM 352  H HD1  . TYR A 1 22  ? -4.665  -9.251  -1.408  1.00 0.00 ? 23  TYR A HD1  1 
ATOM 353  H HD2  . TYR A 1 22  ? -5.449  -5.186  -2.600  1.00 0.00 ? 23  TYR A HD2  1 
ATOM 354  H HE1  . TYR A 1 22  ? -5.955  -10.085 -3.337  1.00 0.00 ? 23  TYR A HE1  1 
ATOM 355  H HE2  . TYR A 1 22  ? -6.736  -6.026  -4.567  1.00 0.00 ? 23  TYR A HE2  1 
ATOM 356  H HH   . TYR A 1 22  ? -7.157  -9.500  -5.224  1.00 0.00 ? 23  TYR A HH   1 
ATOM 357  N N    . THR A 1 23  ? -6.236  -4.493  0.152   1.00 0.00 ? 24  THR A N    1 
ATOM 358  C CA   . THR A 1 23  ? -7.300  -3.551  -0.234  1.00 0.00 ? 24  THR A CA   1 
ATOM 359  C C    . THR A 1 23  ? -6.751  -2.483  -1.203  1.00 0.00 ? 24  THR A C    1 
ATOM 360  O O    . THR A 1 23  ? -5.564  -2.155  -1.123  1.00 0.00 ? 24  THR A O    1 
ATOM 361  C CB   . THR A 1 23  ? -7.910  -2.939  1.040   1.00 0.00 ? 24  THR A CB   1 
ATOM 362  O OG1  . THR A 1 23  ? -9.029  -2.147  0.738   1.00 0.00 ? 24  THR A OG1  1 
ATOM 363  C CG2  . THR A 1 23  ? -6.934  -2.090  1.857   1.00 0.00 ? 24  THR A CG2  1 
ATOM 364  H H    . THR A 1 23  ? -5.296  -4.114  0.253   1.00 0.00 ? 24  THR A H    1 
ATOM 365  H HA   . THR A 1 23  ? -8.086  -4.105  -0.748  1.00 0.00 ? 24  THR A HA   1 
ATOM 366  H HB   . THR A 1 23  ? -8.252  -3.758  1.675   1.00 0.00 ? 24  THR A HB   1 
ATOM 367  H HG1  . THR A 1 23  ? -9.507  -2.049  1.568   1.00 0.00 ? 24  THR A HG1  1 
ATOM 368  H HG21 . THR A 1 23  ? -6.558  -1.252  1.270   1.00 0.00 ? 24  THR A HG21 1 
ATOM 369  H HG22 . THR A 1 23  ? -7.411  -1.695  2.749   1.00 0.00 ? 24  THR A HG22 1 
ATOM 370  H HG23 . THR A 1 23  ? -6.107  -2.716  2.183   1.00 0.00 ? 24  THR A HG23 1 
ATOM 371  N N    . LEU A 1 24  ? -7.588  -1.952  -2.117  1.00 0.00 ? 25  LEU A N    1 
ATOM 372  C CA   . LEU A 1 24  ? -7.201  -1.060  -3.231  1.00 0.00 ? 25  LEU A CA   1 
ATOM 373  C C    . LEU A 1 24  ? -8.152  0.132   -3.403  1.00 0.00 ? 25  LEU A C    1 
ATOM 374  O O    . LEU A 1 24  ? -9.369  -0.052  -3.489  1.00 0.00 ? 25  LEU A O    1 
ATOM 375  C CB   . LEU A 1 24  ? -7.195  -1.819  -4.579  1.00 0.00 ? 25  LEU A CB   1 
ATOM 376  C CG   . LEU A 1 24  ? -6.257  -3.027  -4.693  1.00 0.00 ? 25  LEU A CG   1 
ATOM 377  C CD1  . LEU A 1 24  ? -6.370  -3.659  -6.084  1.00 0.00 ? 25  LEU A CD1  1 
ATOM 378  C CD2  . LEU A 1 24  ? -4.800  -2.631  -4.485  1.00 0.00 ? 25  LEU A CD2  1 
ATOM 379  H H    . LEU A 1 24  ? -8.562  -2.218  -2.064  1.00 0.00 ? 25  LEU A H    1 
ATOM 380  H HA   . LEU A 1 24  ? -6.206  -0.659  -3.041  1.00 0.00 ? 25  LEU A HA   1 
ATOM 381  H HB2  . LEU A 1 24  ? -8.210  -2.164  -4.782  1.00 0.00 ? 25  LEU A HB2  1 
ATOM 382  H HB3  . LEU A 1 24  ? -6.926  -1.109  -5.363  1.00 0.00 ? 25  LEU A HB3  1 
ATOM 383  H HG   . LEU A 1 24  ? -6.544  -3.762  -3.945  1.00 0.00 ? 25  LEU A HG   1 
ATOM 384  H HD11 . LEU A 1 24  ? -7.405  -3.944  -6.280  1.00 0.00 ? 25  LEU A HD11 1 
ATOM 385  H HD12 . LEU A 1 24  ? -6.039  -2.955  -6.849  1.00 0.00 ? 25  LEU A HD12 1 
ATOM 386  H HD13 . LEU A 1 24  ? -5.746  -4.551  -6.137  1.00 0.00 ? 25  LEU A HD13 1 
ATOM 387  H HD21 . LEU A 1 24  ? -4.693  -2.112  -3.540  1.00 0.00 ? 25  LEU A HD21 1 
ATOM 388  H HD22 . LEU A 1 24  ? -4.178  -3.525  -4.463  1.00 0.00 ? 25  LEU A HD22 1 
ATOM 389  H HD23 . LEU A 1 24  ? -4.478  -1.965  -5.285  1.00 0.00 ? 25  LEU A HD23 1 
ATOM 390  N N    . GLY A 1 25  ? -7.596  1.342   -3.535  1.00 0.00 ? 26  GLY A N    1 
ATOM 391  C CA   . GLY A 1 25  ? -8.353  2.580   -3.747  1.00 0.00 ? 26  GLY A CA   1 
ATOM 392  C C    . GLY A 1 25  ? -8.660  3.299   -2.430  1.00 0.00 ? 26  GLY A C    1 
ATOM 393  O O    . GLY A 1 25  ? -8.851  2.657   -1.399  1.00 0.00 ? 26  GLY A O    1 
ATOM 394  H H    . GLY A 1 25  ? -6.581  1.407   -3.454  1.00 0.00 ? 26  GLY A H    1 
ATOM 395  H HA2  . GLY A 1 25  ? -7.774  3.239   -4.392  1.00 0.00 ? 26  GLY A HA2  1 
ATOM 396  H HA3  . GLY A 1 25  ? -9.296  2.358   -4.248  1.00 0.00 ? 26  GLY A HA3  1 
ATOM 397  N N    . TYR A 1 26  ? -8.737  4.637   -2.471  1.00 0.00 ? 27  TYR A N    1 
ATOM 398  C CA   . TYR A 1 26  ? -8.776  5.509   -1.286  1.00 0.00 ? 27  TYR A CA   1 
ATOM 399  C C    . TYR A 1 26  ? -9.843  5.108   -0.254  1.00 0.00 ? 27  TYR A C    1 
ATOM 400  O O    . TYR A 1 26  ? -9.504  4.795   0.884   1.00 0.00 ? 27  TYR A O    1 
ATOM 401  C CB   . TYR A 1 26  ? -8.898  6.980   -1.714  1.00 0.00 ? 27  TYR A CB   1 
ATOM 402  C CG   . TYR A 1 26  ? -8.593  7.960   -0.595  1.00 0.00 ? 27  TYR A CG   1 
ATOM 403  C CD1  . TYR A 1 26  ? -7.266  8.384   -0.376  1.00 0.00 ? 27  TYR A CD1  1 
ATOM 404  C CD2  . TYR A 1 26  ? -9.626  8.436   0.243   1.00 0.00 ? 27  TYR A CD2  1 
ATOM 405  C CE1  . TYR A 1 26  ? -6.977  9.254   0.679   1.00 0.00 ? 27  TYR A CE1  1 
ATOM 406  C CE2  . TYR A 1 26  ? -9.335  9.327   1.298   1.00 0.00 ? 27  TYR A CE2  1 
ATOM 407  C CZ   . TYR A 1 26  ? -7.999  9.724   1.518   1.00 0.00 ? 27  TYR A CZ   1 
ATOM 408  O OH   . TYR A 1 26  ? -7.657  10.600  2.495   1.00 0.00 ? 27  TYR A OH   1 
ATOM 409  H H    . TYR A 1 26  ? -8.592  5.082   -3.365  1.00 0.00 ? 27  TYR A H    1 
ATOM 410  H HA   . TYR A 1 26  ? -7.813  5.409   -0.786  1.00 0.00 ? 27  TYR A HA   1 
ATOM 411  H HB2  . TYR A 1 26  ? -8.195  7.168   -2.527  1.00 0.00 ? 27  TYR A HB2  1 
ATOM 412  H HB3  . TYR A 1 26  ? -9.900  7.169   -2.101  1.00 0.00 ? 27  TYR A HB3  1 
ATOM 413  H HD1  . TYR A 1 26  ? -6.432  8.068   -0.986  1.00 0.00 ? 27  TYR A HD1  1 
ATOM 414  H HD2  . TYR A 1 26  ? -10.646 8.120   0.083   1.00 0.00 ? 27  TYR A HD2  1 
ATOM 415  H HE1  . TYR A 1 26  ? -5.961  9.560   0.870   1.00 0.00 ? 27  TYR A HE1  1 
ATOM 416  H HE2  . TYR A 1 26  ? -10.116 9.700   1.944   1.00 0.00 ? 27  TYR A HE2  1 
ATOM 417  H HH   . TYR A 1 26  ? -8.345  10.818  3.217   1.00 0.00 ? 27  TYR A HH   1 
ATOM 418  N N    . LYS A 1 27  ? -11.126 5.069   -0.644  1.00 0.00 ? 28  LYS A N    1 
ATOM 419  C CA   . LYS A 1 27  ? -12.231 4.668   0.243   1.00 0.00 ? 28  LYS A CA   1 
ATOM 420  C C    . LYS A 1 27  ? -12.021 3.266   0.833   1.00 0.00 ? 28  LYS A C    1 
ATOM 421  O O    . LYS A 1 27  ? -12.251 3.062   2.025   1.00 0.00 ? 28  LYS A O    1 
ATOM 422  C CB   . LYS A 1 27  ? -13.563 4.784   -0.521  1.00 0.00 ? 28  LYS A CB   1 
ATOM 423  C CG   . LYS A 1 27  ? -14.783 4.561   0.389   1.00 0.00 ? 28  LYS A CG   1 
ATOM 424  C CD   . LYS A 1 27  ? -16.093 4.782   -0.381  1.00 0.00 ? 28  LYS A CD   1 
ATOM 425  C CE   . LYS A 1 27  ? -17.295 4.568   0.544   1.00 0.00 ? 28  LYS A CE   1 
ATOM 426  N NZ   . LYS A 1 27  ? -18.578 4.789   -0.167  1.00 0.00 ? 28  LYS A NZ   1 
ATOM 427  H H    . LYS A 1 27  ? -11.328 5.326   -1.600  1.00 0.00 ? 28  LYS A H    1 
ATOM 428  H HA   . LYS A 1 27  ? -12.257 5.358   1.086   1.00 0.00 ? 28  LYS A HA   1 
ATOM 429  H HB2  . LYS A 1 27  ? -13.632 5.785   -0.951  1.00 0.00 ? 28  LYS A HB2  1 
ATOM 430  H HB3  . LYS A 1 27  ? -13.581 4.057   -1.336  1.00 0.00 ? 28  LYS A HB3  1 
ATOM 431  H HG2  . LYS A 1 27  ? -14.770 3.542   0.776   1.00 0.00 ? 28  LYS A HG2  1 
ATOM 432  H HG3  . LYS A 1 27  ? -14.738 5.258   1.227   1.00 0.00 ? 28  LYS A HG3  1 
ATOM 433  H HD2  . LYS A 1 27  ? -16.111 5.802   -0.772  1.00 0.00 ? 28  LYS A HD2  1 
ATOM 434  H HD3  . LYS A 1 27  ? -16.143 4.080   -1.215  1.00 0.00 ? 28  LYS A HD3  1 
ATOM 435  H HE2  . LYS A 1 27  ? -17.257 3.547   0.937   1.00 0.00 ? 28  LYS A HE2  1 
ATOM 436  H HE3  . LYS A 1 27  ? -17.215 5.258   1.389   1.00 0.00 ? 28  LYS A HE3  1 
ATOM 437  H HZ1  . LYS A 1 27  ? -18.664 4.147   -0.945  1.00 0.00 ? 28  LYS A HZ1  1 
ATOM 438  H HZ2  . LYS A 1 27  ? -19.359 4.644   0.459   1.00 0.00 ? 28  LYS A HZ2  1 
ATOM 439  H HZ3  . LYS A 1 27  ? -18.623 5.735   -0.523  1.00 0.00 ? 28  LYS A HZ3  1 
ATOM 440  N N    . SER A 1 28  ? -11.551 2.323   0.011   1.00 0.00 ? 29  SER A N    1 
ATOM 441  C CA   . SER A 1 28  ? -11.261 0.935   0.371   1.00 0.00 ? 29  SER A CA   1 
ATOM 442  C C    . SER A 1 28  ? -10.210 0.840   1.473   1.00 0.00 ? 29  SER A C    1 
ATOM 443  O O    . SER A 1 28  ? -10.455 0.173   2.486   1.00 0.00 ? 29  SER A O    1 
ATOM 444  C CB   . SER A 1 28  ? -10.727 0.165   -0.838  1.00 0.00 ? 29  SER A CB   1 
ATOM 445  O OG   . SER A 1 28  ? -11.363 0.531   -2.042  1.00 0.00 ? 29  SER A OG   1 
ATOM 446  H H    . SER A 1 28  ? -11.372 2.560   -0.954  1.00 0.00 ? 29  SER A H    1 
ATOM 447  H HA   . SER A 1 28  ? -12.182 0.462   0.713   1.00 0.00 ? 29  SER A HA   1 
ATOM 448  H HB2  . SER A 1 28  ? -9.660  0.380   -0.941  1.00 0.00 ? 29  SER A HB2  1 
ATOM 449  H HB3  . SER A 1 28  ? -10.848 -0.905  -0.673  1.00 0.00 ? 29  SER A HB3  1 
ATOM 450  H HG   . SER A 1 28  ? -10.704 0.303   -2.747  1.00 0.00 ? 29  SER A HG   1 
ATOM 451  N N    . THR A 1 29  ? -9.051  1.491   1.278   1.00 0.00 ? 30  THR A N    1 
ATOM 452  C CA   . THR A 1 29  ? -8.036  1.611   2.326   1.00 0.00 ? 30  THR A CA   1 
ATOM 453  C C    . THR A 1 29  ? -8.626  2.335   3.534   1.00 0.00 ? 30  THR A C    1 
ATOM 454  O O    . THR A 1 29  ? -8.743  1.680   4.560   1.00 0.00 ? 30  THR A O    1 
ATOM 455  C CB   . THR A 1 29  ? -6.675  2.122   1.823   1.00 0.00 ? 30  THR A CB   1 
ATOM 456  O OG1  . THR A 1 29  ? -5.794  2.198   2.912   1.00 0.00 ? 30  THR A OG1  1 
ATOM 457  C CG2  . THR A 1 29  ? -6.676  3.483   1.145   1.00 0.00 ? 30  THR A CG2  1 
ATOM 458  H H    . THR A 1 29  ? -8.923  1.998   0.400   1.00 0.00 ? 30  THR A H    1 
ATOM 459  H HA   . THR A 1 29  ? -7.815  0.611   2.694   1.00 0.00 ? 30  THR A HA   1 
ATOM 460  H HB   . THR A 1 29  ? -6.277  1.393   1.114   1.00 0.00 ? 30  THR A HB   1 
ATOM 461  H HG1  . THR A 1 29  ? -5.065  1.541   2.810   1.00 0.00 ? 30  THR A HG1  1 
ATOM 462  H HG21 . THR A 1 29  ? -7.037  4.250   1.825   1.00 0.00 ? 30  THR A HG21 1 
ATOM 463  H HG22 . THR A 1 29  ? -5.662  3.730   0.841   1.00 0.00 ? 30  THR A HG22 1 
ATOM 464  H HG23 . THR A 1 29  ? -7.303  3.428   0.265   1.00 0.00 ? 30  THR A HG23 1 
ATOM 465  N N    . VAL A 1 30  ? -9.135  3.573   3.431   1.00 0.00 ? 31  VAL A N    1 
ATOM 466  C CA   . VAL A 1 30  ? -9.719  4.320   4.569   1.00 0.00 ? 31  VAL A CA   1 
ATOM 467  C C    . VAL A 1 30  ? -10.652 3.458   5.434   1.00 0.00 ? 31  VAL A C    1 
ATOM 468  O O    . VAL A 1 30  ? -10.420 3.348   6.640   1.00 0.00 ? 31  VAL A O    1 
ATOM 469  C CB   . VAL A 1 30  ? -10.410 5.619   4.097   1.00 0.00 ? 31  VAL A CB   1 
ATOM 470  C CG1  . VAL A 1 30  ? -11.215 6.276   5.229   1.00 0.00 ? 31  VAL A CG1  1 
ATOM 471  C CG2  . VAL A 1 30  ? -9.363  6.629   3.618   1.00 0.00 ? 31  VAL A CG2  1 
ATOM 472  H H    . VAL A 1 30  ? -9.110  4.029   2.518   1.00 0.00 ? 31  VAL A H    1 
ATOM 473  H HA   . VAL A 1 30  ? -8.900  4.612   5.229   1.00 0.00 ? 31  VAL A HA   1 
ATOM 474  H HB   . VAL A 1 30  ? -11.094 5.394   3.278   1.00 0.00 ? 31  VAL A HB   1 
ATOM 475  H HG11 . VAL A 1 30  ? -10.602 6.324   6.129   1.00 0.00 ? 31  VAL A HG11 1 
ATOM 476  H HG12 . VAL A 1 30  ? -11.516 7.285   4.943   1.00 0.00 ? 31  VAL A HG12 1 
ATOM 477  H HG13 . VAL A 1 30  ? -12.117 5.699   5.436   1.00 0.00 ? 31  VAL A HG13 1 
ATOM 478  H HG21 . VAL A 1 30  ? -8.623  6.792   4.396   1.00 0.00 ? 31  VAL A HG21 1 
ATOM 479  H HG22 . VAL A 1 30  ? -8.852  6.258   2.737   1.00 0.00 ? 31  VAL A HG22 1 
ATOM 480  H HG23 . VAL A 1 30  ? -9.844  7.573   3.371   1.00 0.00 ? 31  VAL A HG23 1 
ATOM 481  N N    . LYS A 1 31  ? -11.651 2.796   4.831   1.00 0.00 ? 32  LYS A N    1 
ATOM 482  C CA   . LYS A 1 31  ? -12.504 1.794   5.491   1.00 0.00 ? 32  LYS A CA   1 
ATOM 483  C C    . LYS A 1 31  ? -11.667 0.743   6.240   1.00 0.00 ? 32  LYS A C    1 
ATOM 484  O O    . LYS A 1 31  ? -11.814 0.563   7.445   1.00 0.00 ? 32  LYS A O    1 
ATOM 485  C CB   . LYS A 1 31  ? -13.396 1.154   4.409   1.00 0.00 ? 32  LYS A CB   1 
ATOM 486  C CG   . LYS A 1 31  ? -14.287 -0.001  4.914   1.00 0.00 ? 32  LYS A CG   1 
ATOM 487  C CD   . LYS A 1 31  ? -14.674 -0.998  3.804   1.00 0.00 ? 32  LYS A CD   1 
ATOM 488  C CE   . LYS A 1 31  ? -13.475 -1.737  3.180   1.00 0.00 ? 32  LYS A CE   1 
ATOM 489  N NZ   . LYS A 1 31  ? -12.818 -2.674  4.123   1.00 0.00 ? 32  LYS A NZ   1 
ATOM 490  H H    . LYS A 1 31  ? -11.769 2.941   3.828   1.00 0.00 ? 32  LYS A H    1 
ATOM 491  H HA   . LYS A 1 31  ? -13.136 2.290   6.230   1.00 0.00 ? 32  LYS A HA   1 
ATOM 492  H HB2  . LYS A 1 31  ? -14.034 1.920   3.962   1.00 0.00 ? 32  LYS A HB2  1 
ATOM 493  H HB3  . LYS A 1 31  ? -12.741 0.790   3.622   1.00 0.00 ? 32  LYS A HB3  1 
ATOM 494  H HG2  . LYS A 1 31  ? -13.789 -0.553  5.707   1.00 0.00 ? 32  LYS A HG2  1 
ATOM 495  H HG3  . LYS A 1 31  ? -15.193 0.425   5.346   1.00 0.00 ? 32  LYS A HG3  1 
ATOM 496  H HD2  . LYS A 1 31  ? -15.367 -1.732  4.214   1.00 0.00 ? 32  LYS A HD2  1 
ATOM 497  H HD3  . LYS A 1 31  ? -15.192 -0.445  3.018   1.00 0.00 ? 32  LYS A HD3  1 
ATOM 498  H HE2  . LYS A 1 31  ? -13.815 -2.271  2.287   1.00 0.00 ? 32  LYS A HE2  1 
ATOM 499  H HE3  . LYS A 1 31  ? -12.746 -0.999  2.842   1.00 0.00 ? 32  LYS A HE3  1 
ATOM 500  H HZ1  . LYS A 1 31  ? -12.908 -2.362  5.094   1.00 0.00 ? 32  LYS A HZ1  1 
ATOM 501  H HZ2  . LYS A 1 31  ? -13.237 -3.591  4.086   1.00 0.00 ? 32  LYS A HZ2  1 
ATOM 502  H HZ3  . LYS A 1 31  ? -11.817 -2.743  3.920   1.00 0.00 ? 32  LYS A HZ3  1 
ATOM 503  N N    . SER A 1 32  ? -10.801 0.040   5.512   1.00 0.00 ? 33  SER A N    1 
ATOM 504  C CA   . SER A 1 32  ? -9.996  -1.089  5.994   1.00 0.00 ? 33  SER A CA   1 
ATOM 505  C C    . SER A 1 32  ? -8.977  -0.699  7.076   1.00 0.00 ? 33  SER A C    1 
ATOM 506  O O    . SER A 1 32  ? -8.694  -1.506  7.959   1.00 0.00 ? 33  SER A O    1 
ATOM 507  C CB   . SER A 1 32  ? -9.254  -1.727  4.814   1.00 0.00 ? 33  SER A CB   1 
ATOM 508  O OG   . SER A 1 32  ? -10.111 -1.967  3.705   1.00 0.00 ? 33  SER A OG   1 
ATOM 509  H H    . SER A 1 32  ? -10.652 0.377   4.567   1.00 0.00 ? 33  SER A H    1 
ATOM 510  H HA   . SER A 1 32  ? -10.664 -1.838  6.420   1.00 0.00 ? 33  SER A HA   1 
ATOM 511  H HB2  . SER A 1 32  ? -8.454  -1.054  4.508   1.00 0.00 ? 33  SER A HB2  1 
ATOM 512  H HB3  . SER A 1 32  ? -8.813  -2.669  5.136   1.00 0.00 ? 33  SER A HB3  1 
ATOM 513  H HG   . SER A 1 32  ? -10.244 -1.084  3.254   1.00 0.00 ? 33  SER A HG   1 
ATOM 514  N N    . LEU A 1 33  ? -8.442  0.526   7.036   1.00 0.00 ? 34  LEU A N    1 
ATOM 515  C CA   . LEU A 1 33  ? -7.569  1.079   8.071   1.00 0.00 ? 34  LEU A CA   1 
ATOM 516  C C    . LEU A 1 33  ? -8.370  1.504   9.309   1.00 0.00 ? 34  LEU A C    1 
ATOM 517  O O    . LEU A 1 33  ? -7.943  1.237   10.430  1.00 0.00 ? 34  LEU A O    1 
ATOM 518  C CB   . LEU A 1 33  ? -6.769  2.279   7.537   1.00 0.00 ? 34  LEU A CB   1 
ATOM 519  C CG   . LEU A 1 33  ? -5.970  2.081   6.241   1.00 0.00 ? 34  LEU A CG   1 
ATOM 520  C CD1  . LEU A 1 33  ? -5.202  3.355   5.898   1.00 0.00 ? 34  LEU A CD1  1 
ATOM 521  C CD2  . LEU A 1 33  ? -5.031  0.891   6.293   1.00 0.00 ? 34  LEU A CD2  1 
ATOM 522  H H    . LEU A 1 33  ? -8.665  1.106   6.229   1.00 0.00 ? 34  LEU A H    1 
ATOM 523  H HA   . LEU A 1 33  ? -6.863  0.309   8.391   1.00 0.00 ? 34  LEU A HA   1 
ATOM 524  H HB2  . LEU A 1 33  ? -7.459  3.110   7.376   1.00 0.00 ? 34  LEU A HB2  1 
ATOM 525  H HB3  . LEU A 1 33  ? -6.056  2.552   8.316   1.00 0.00 ? 34  LEU A HB3  1 
ATOM 526  H HG   . LEU A 1 33  ? -6.644  1.895   5.428   1.00 0.00 ? 34  LEU A HG   1 
ATOM 527  H HD11 . LEU A 1 33  ? -5.905  4.179   5.784   1.00 0.00 ? 34  LEU A HD11 1 
ATOM 528  H HD12 . LEU A 1 33  ? -4.470  3.581   6.672   1.00 0.00 ? 34  LEU A HD12 1 
ATOM 529  H HD13 . LEU A 1 33  ? -4.695  3.218   4.944   1.00 0.00 ? 34  LEU A HD13 1 
ATOM 530  H HD21 . LEU A 1 33  ? -5.608  -0.017  6.454   1.00 0.00 ? 34  LEU A HD21 1 
ATOM 531  H HD22 . LEU A 1 33  ? -4.547  0.794   5.325   1.00 0.00 ? 34  LEU A HD22 1 
ATOM 532  H HD23 . LEU A 1 33  ? -4.304  1.046   7.090   1.00 0.00 ? 34  LEU A HD23 1 
ATOM 533  N N    . ARG A 1 34  ? -9.556  2.111   9.128   1.00 0.00 ? 35  ARG A N    1 
ATOM 534  C CA   . ARG A 1 34  ? -10.496 2.407   10.227  1.00 0.00 ? 35  ARG A CA   1 
ATOM 535  C C    . ARG A 1 34  ? -11.016 1.131   10.906  1.00 0.00 ? 35  ARG A C    1 
ATOM 536  O O    . ARG A 1 34  ? -11.336 1.171   12.089  1.00 0.00 ? 35  ARG A O    1 
ATOM 537  C CB   . ARG A 1 34  ? -11.631 3.321   9.729   1.00 0.00 ? 35  ARG A CB   1 
ATOM 538  C CG   . ARG A 1 34  ? -11.106 4.737   9.421   1.00 0.00 ? 35  ARG A CG   1 
ATOM 539  C CD   . ARG A 1 34  ? -12.137 5.619   8.705   1.00 0.00 ? 35  ARG A CD   1 
ATOM 540  N NE   . ARG A 1 34  ? -13.181 6.105   9.625   1.00 0.00 ? 35  ARG A NE   1 
ATOM 541  C CZ   . ARG A 1 34  ? -13.480 7.364   9.937   1.00 0.00 ? 35  ARG A CZ   1 
ATOM 542  N NH1  . ARG A 1 34  ? -12.857 8.411   9.443   1.00 0.00 ? 35  ARG A NH1  1 
ATOM 543  N NH2  . ARG A 1 34  ? -14.450 7.599   10.790  1.00 0.00 ? 35  ARG A NH2  1 
ATOM 544  H H    . ARG A 1 34  ? -9.836  2.351   8.177   1.00 0.00 ? 35  ARG A H    1 
ATOM 545  H HA   . ARG A 1 34  ? -9.952  2.941   11.008  1.00 0.00 ? 35  ARG A HA   1 
ATOM 546  H HB2  . ARG A 1 34  ? -12.080 2.887   8.834   1.00 0.00 ? 35  ARG A HB2  1 
ATOM 547  H HB3  . ARG A 1 34  ? -12.399 3.393   10.501  1.00 0.00 ? 35  ARG A HB3  1 
ATOM 548  H HG2  . ARG A 1 34  ? -10.796 5.218   10.351  1.00 0.00 ? 35  ARG A HG2  1 
ATOM 549  H HG3  . ARG A 1 34  ? -10.227 4.669   8.781   1.00 0.00 ? 35  ARG A HG3  1 
ATOM 550  H HD2  . ARG A 1 34  ? -11.614 6.459   8.254   1.00 0.00 ? 35  ARG A HD2  1 
ATOM 551  H HD3  . ARG A 1 34  ? -12.595 5.048   7.895   1.00 0.00 ? 35  ARG A HD3  1 
ATOM 552  H HE   . ARG A 1 34  ? -13.732 5.395   10.075  1.00 0.00 ? 35  ARG A HE   1 
ATOM 553  H HH11 . ARG A 1 34  ? -12.082 8.318   8.786   1.00 0.00 ? 35  ARG A HH11 1 
ATOM 554  H HH12 . ARG A 1 34  ? -13.124 9.340   9.706   1.00 0.00 ? 35  ARG A HH12 1 
ATOM 555  H HH21 . ARG A 1 34  ? -14.961 6.842   11.208  1.00 0.00 ? 35  ARG A HH21 1 
ATOM 556  H HH22 . ARG A 1 34  ? -14.679 8.545   11.036  1.00 0.00 ? 35  ARG A HH22 1 
ATOM 557  N N    . GLN A 1 35  ? -11.021 -0.010  10.203  1.00 0.00 ? 36  GLN A N    1 
ATOM 558  C CA   . GLN A 1 35  ? -11.234 -1.352  10.771  1.00 0.00 ? 36  GLN A CA   1 
ATOM 559  C C    . GLN A 1 35  ? -10.017 -1.872  11.577  1.00 0.00 ? 36  GLN A C    1 
ATOM 560  O O    . GLN A 1 35  ? -10.053 -2.987  12.097  1.00 0.00 ? 36  GLN A O    1 
ATOM 561  C CB   . GLN A 1 35  ? -11.626 -2.341  9.659   1.00 0.00 ? 36  GLN A CB   1 
ATOM 562  C CG   . GLN A 1 35  ? -13.047 -2.100  9.130   1.00 0.00 ? 36  GLN A CG   1 
ATOM 563  C CD   . GLN A 1 35  ? -13.369 -3.042  7.975   1.00 0.00 ? 36  GLN A CD   1 
ATOM 564  O OE1  . GLN A 1 35  ? -13.098 -2.760  6.814   1.00 0.00 ? 36  GLN A OE1  1 
ATOM 565  N NE2  . GLN A 1 35  ? -13.955 -4.194  8.246   1.00 0.00 ? 36  GLN A NE2  1 
ATOM 566  H H    . GLN A 1 35  ? -10.883 0.082   9.201   1.00 0.00 ? 36  GLN A H    1 
ATOM 567  H HA   . GLN A 1 35  ? -12.063 -1.298  11.479  1.00 0.00 ? 36  GLN A HA   1 
ATOM 568  H HB2  . GLN A 1 35  ? -10.920 -2.266  8.834   1.00 0.00 ? 36  GLN A HB2  1 
ATOM 569  H HB3  . GLN A 1 35  ? -11.584 -3.360  10.049  1.00 0.00 ? 36  GLN A HB3  1 
ATOM 570  H HG2  . GLN A 1 35  ? -13.762 -2.263  9.936   1.00 0.00 ? 36  GLN A HG2  1 
ATOM 571  H HG3  . GLN A 1 35  ? -13.159 -1.073  8.787   1.00 0.00 ? 36  GLN A HG3  1 
ATOM 572  H HE21 . GLN A 1 35  ? -14.174 -4.452  9.195   1.00 0.00 ? 36  GLN A HE21 1 
ATOM 573  H HE22 . GLN A 1 35  ? -14.160 -4.794  7.464   1.00 0.00 ? 36  GLN A HE22 1 
ATOM 574  N N    . GLY A 1 36  ? -8.927  -1.101  11.692  1.00 0.00 ? 37  GLY A N    1 
ATOM 575  C CA   . GLY A 1 36  ? -7.796  -1.314  12.598  1.00 0.00 ? 37  GLY A CA   1 
ATOM 576  C C    . GLY A 1 36  ? -6.804  -2.415  12.215  1.00 0.00 ? 37  GLY A C    1 
ATOM 577  O O    . GLY A 1 36  ? -5.607  -2.238  12.425  1.00 0.00 ? 37  GLY A O    1 
ATOM 578  H H    . GLY A 1 36  ? -8.905  -0.220  11.185  1.00 0.00 ? 37  GLY A H    1 
ATOM 579  H HA2  . GLY A 1 36  ? -7.242  -0.379  12.677  1.00 0.00 ? 37  GLY A HA2  1 
ATOM 580  H HA3  . GLY A 1 36  ? -8.184  -1.547  13.589  1.00 0.00 ? 37  GLY A HA3  1 
ATOM 581  N N    . LYS A 1 37  ? -7.265  -3.549  11.670  1.00 0.00 ? 38  LYS A N    1 
ATOM 582  C CA   . LYS A 1 37  ? -6.441  -4.754  11.471  1.00 0.00 ? 38  LYS A CA   1 
ATOM 583  C C    . LYS A 1 37  ? -5.427  -4.699  10.307  1.00 0.00 ? 38  LYS A C    1 
ATOM 584  O O    . LYS A 1 37  ? -4.884  -5.742  9.938   1.00 0.00 ? 38  LYS A O    1 
ATOM 585  C CB   . LYS A 1 37  ? -7.340  -6.007  11.374  1.00 0.00 ? 38  LYS A CB   1 
ATOM 586  C CG   . LYS A 1 37  ? -6.699  -7.196  12.127  1.00 0.00 ? 38  LYS A CG   1 
ATOM 587  C CD   . LYS A 1 37  ? -6.917  -8.579  11.485  1.00 0.00 ? 38  LYS A CD   1 
ATOM 588  C CE   . LYS A 1 37  ? -5.610  -9.150  10.912  1.00 0.00 ? 38  LYS A CE   1 
ATOM 589  N NZ   . LYS A 1 37  ? -5.173  -8.420  9.702   1.00 0.00 ? 38  LYS A NZ   1 
ATOM 590  H H    . LYS A 1 37  ? -8.278  -3.619  11.587  1.00 0.00 ? 38  LYS A H    1 
ATOM 591  H HA   . LYS A 1 37  ? -5.835  -4.848  12.373  1.00 0.00 ? 38  LYS A HA   1 
ATOM 592  H HB2  . LYS A 1 37  ? -8.314  -5.812  11.827  1.00 0.00 ? 38  LYS A HB2  1 
ATOM 593  H HB3  . LYS A 1 37  ? -7.508  -6.249  10.324  1.00 0.00 ? 38  LYS A HB3  1 
ATOM 594  H HG2  . LYS A 1 37  ? -5.626  -7.034  12.241  1.00 0.00 ? 38  LYS A HG2  1 
ATOM 595  H HG3  . LYS A 1 37  ? -7.116  -7.212  13.134  1.00 0.00 ? 38  LYS A HG3  1 
ATOM 596  H HD2  . LYS A 1 37  ? -7.263  -9.262  12.262  1.00 0.00 ? 38  LYS A HD2  1 
ATOM 597  H HD3  . LYS A 1 37  ? -7.688  -8.540  10.712  1.00 0.00 ? 38  LYS A HD3  1 
ATOM 598  H HE2  . LYS A 1 37  ? -4.837  -9.093  11.681  1.00 0.00 ? 38  LYS A HE2  1 
ATOM 599  H HE3  . LYS A 1 37  ? -5.764  -10.202 10.658  1.00 0.00 ? 38  LYS A HE3  1 
ATOM 600  H HZ1  . LYS A 1 37  ? -5.207  -7.410  9.826   1.00 0.00 ? 38  LYS A HZ1  1 
ATOM 601  H HZ2  . LYS A 1 37  ? -4.219  -8.644  9.420   1.00 0.00 ? 38  LYS A HZ2  1 
ATOM 602  H HZ3  . LYS A 1 37  ? -5.743  -8.698  8.891   1.00 0.00 ? 38  LYS A HZ3  1 
ATOM 603  N N    . SER A 1 38  ? -5.165  -3.541  9.701   1.00 0.00 ? 39  SER A N    1 
ATOM 604  C CA   . SER A 1 38  ? -4.100  -3.371  8.702   1.00 0.00 ? 39  SER A CA   1 
ATOM 605  C C    . SER A 1 38  ? -2.696  -3.532  9.303   1.00 0.00 ? 39  SER A C    1 
ATOM 606  O O    . SER A 1 38  ? -2.523  -3.561  10.524  1.00 0.00 ? 39  SER A O    1 
ATOM 607  C CB   . SER A 1 38  ? -4.237  -1.996  8.048   1.00 0.00 ? 39  SER A CB   1 
ATOM 608  O OG   . SER A 1 38  ? -4.190  -0.970  9.019   1.00 0.00 ? 39  SER A OG   1 
ATOM 609  H H    . SER A 1 38  ? -5.574  -2.701  10.089  1.00 0.00 ? 39  SER A H    1 
ATOM 610  H HA   . SER A 1 38  ? -4.223  -4.125  7.929   1.00 0.00 ? 39  SER A HA   1 
ATOM 611  H HB2  . SER A 1 38  ? -3.449  -1.846  7.310   1.00 0.00 ? 39  SER A HB2  1 
ATOM 612  H HB3  . SER A 1 38  ? -5.202  -1.954  7.540   1.00 0.00 ? 39  SER A HB3  1 
ATOM 613  H HG   . SER A 1 38  ? -3.288  -0.883  9.386   1.00 0.00 ? 39  SER A HG   1 
ATOM 614  N N    . LYS A 1 39  ? -1.664  -3.606  8.449   1.00 0.00 ? 40  LYS A N    1 
ATOM 615  C CA   . LYS A 1 39  ? -0.266  -3.552  8.898   1.00 0.00 ? 40  LYS A CA   1 
ATOM 616  C C    . LYS A 1 39  ? 0.666   -2.721  8.009   1.00 0.00 ? 40  LYS A C    1 
ATOM 617  O O    . LYS A 1 39  ? 1.600   -2.122  8.536   1.00 0.00 ? 40  LYS A O    1 
ATOM 618  C CB   . LYS A 1 39  ? 0.228   -4.995  9.071   1.00 0.00 ? 40  LYS A CB   1 
ATOM 619  C CG   . LYS A 1 39  ? 1.552   -5.132  9.844   1.00 0.00 ? 40  LYS A CG   1 
ATOM 620  C CD   . LYS A 1 39  ? 1.565   -4.572  11.276  1.00 0.00 ? 40  LYS A CD   1 
ATOM 621  C CE   . LYS A 1 39  ? 0.514   -5.205  12.200  1.00 0.00 ? 40  LYS A CE   1 
ATOM 622  N NZ   . LYS A 1 39  ? -0.688  -4.352  12.367  1.00 0.00 ? 40  LYS A NZ   1 
ATOM 623  H H    . LYS A 1 39  ? -1.864  -3.798  7.471   1.00 0.00 ? 40  LYS A H    1 
ATOM 624  H HA   . LYS A 1 39  ? -0.245  -3.055  9.866   1.00 0.00 ? 40  LYS A HA   1 
ATOM 625  H HB2  . LYS A 1 39  ? -0.545  -5.571  9.577   1.00 0.00 ? 40  LYS A HB2  1 
ATOM 626  H HB3  . LYS A 1 39  ? 0.355   -5.438  8.085   1.00 0.00 ? 40  LYS A HB3  1 
ATOM 627  H HG2  . LYS A 1 39  ? 1.806   -6.192  9.896   1.00 0.00 ? 40  LYS A HG2  1 
ATOM 628  H HG3  . LYS A 1 39  ? 2.345   -4.640  9.278   1.00 0.00 ? 40  LYS A HG3  1 
ATOM 629  H HD2  . LYS A 1 39  ? 2.549   -4.789  11.695  1.00 0.00 ? 40  LYS A HD2  1 
ATOM 630  H HD3  . LYS A 1 39  ? 1.465   -3.486  11.258  1.00 0.00 ? 40  LYS A HD3  1 
ATOM 631  H HE2  . LYS A 1 39  ? 0.239   -6.191  11.817  1.00 0.00 ? 40  LYS A HE2  1 
ATOM 632  H HE3  . LYS A 1 39  ? 0.978   -5.348  13.181  1.00 0.00 ? 40  LYS A HE3  1 
ATOM 633  H HZ1  . LYS A 1 39  ? -0.411  -3.411  12.654  1.00 0.00 ? 40  LYS A HZ1  1 
ATOM 634  H HZ2  . LYS A 1 39  ? -1.222  -4.235  11.503  1.00 0.00 ? 40  LYS A HZ2  1 
ATOM 635  H HZ3  . LYS A 1 39  ? -1.312  -4.727  13.064  1.00 0.00 ? 40  LYS A HZ3  1 
ATOM 636  N N    . LEU A 1 40  ? 0.398   -2.614  6.705   1.00 0.00 ? 41  LEU A N    1 
ATOM 637  C CA   . LEU A 1 40  ? 1.242   -1.864  5.762   1.00 0.00 ? 41  LEU A CA   1 
ATOM 638  C C    . LEU A 1 40  ? 0.349   -1.154  4.733   1.00 0.00 ? 41  LEU A C    1 
ATOM 639  O O    . LEU A 1 40  ? -0.494  -1.811  4.122   1.00 0.00 ? 41  LEU A O    1 
ATOM 640  C CB   . LEU A 1 40  ? 2.258   -2.880  5.187   1.00 0.00 ? 41  LEU A CB   1 
ATOM 641  C CG   . LEU A 1 40  ? 3.091   -2.570  3.926   1.00 0.00 ? 41  LEU A CG   1 
ATOM 642  C CD1  . LEU A 1 40  ? 2.253   -2.679  2.652   1.00 0.00 ? 41  LEU A CD1  1 
ATOM 643  C CD2  . LEU A 1 40  ? 3.857   -1.246  3.949   1.00 0.00 ? 41  LEU A CD2  1 
ATOM 644  H H    . LEU A 1 40  ? -0.378  -3.139  6.316   1.00 0.00 ? 41  LEU A H    1 
ATOM 645  H HA   . LEU A 1 40  ? 1.804   -1.100  6.297   1.00 0.00 ? 41  LEU A HA   1 
ATOM 646  H HB2  . LEU A 1 40  ? 2.971   -3.088  5.986   1.00 0.00 ? 41  LEU A HB2  1 
ATOM 647  H HB3  . LEU A 1 40  ? 1.733   -3.818  4.996   1.00 0.00 ? 41  LEU A HB3  1 
ATOM 648  H HG   . LEU A 1 40  ? 3.838   -3.364  3.862   1.00 0.00 ? 41  LEU A HG   1 
ATOM 649  H HD11 . LEU A 1 40  ? 1.580   -3.525  2.736   1.00 0.00 ? 41  LEU A HD11 1 
ATOM 650  H HD12 . LEU A 1 40  ? 1.675   -1.773  2.480   1.00 0.00 ? 41  LEU A HD12 1 
ATOM 651  H HD13 . LEU A 1 40  ? 2.914   -2.856  1.808   1.00 0.00 ? 41  LEU A HD13 1 
ATOM 652  H HD21 . LEU A 1 40  ? 4.522   -1.221  4.812   1.00 0.00 ? 41  LEU A HD21 1 
ATOM 653  H HD22 . LEU A 1 40  ? 4.462   -1.165  3.041   1.00 0.00 ? 41  LEU A HD22 1 
ATOM 654  H HD23 . LEU A 1 40  ? 3.172   -0.401  3.993   1.00 0.00 ? 41  LEU A HD23 1 
ATOM 655  N N    . ILE A 1 41  ? 0.509   0.166   4.544   1.00 0.00 ? 42  ILE A N    1 
ATOM 656  C CA   . ILE A 1 41  ? -0.145  0.939   3.479   1.00 0.00 ? 42  ILE A CA   1 
ATOM 657  C C    . ILE A 1 41  ? 0.883   1.406   2.450   1.00 0.00 ? 42  ILE A C    1 
ATOM 658  O O    . ILE A 1 41  ? 1.993   1.800   2.813   1.00 0.00 ? 42  ILE A O    1 
ATOM 659  C CB   . ILE A 1 41  ? -1.021  2.107   4.008   1.00 0.00 ? 42  ILE A CB   1 
ATOM 660  C CG1  . ILE A 1 41  ? -0.284  3.396   4.444   1.00 0.00 ? 42  ILE A CG1  1 
ATOM 661  C CG2  . ILE A 1 41  ? -1.863  1.628   5.195   1.00 0.00 ? 42  ILE A CG2  1 
ATOM 662  C CD1  . ILE A 1 41  ? -1.227  4.598   4.522   1.00 0.00 ? 42  ILE A CD1  1 
ATOM 663  H H    . ILE A 1 41  ? 1.162   0.682   5.133   1.00 0.00 ? 42  ILE A H    1 
ATOM 664  H HA   . ILE A 1 41  ? -0.825  0.273   2.955   1.00 0.00 ? 42  ILE A HA   1 
ATOM 665  H HB   . ILE A 1 41  ? -1.697  2.374   3.194   1.00 0.00 ? 42  ILE A HB   1 
ATOM 666  H HG12 . ILE A 1 41  ? 0.170   3.245   5.427   1.00 0.00 ? 42  ILE A HG12 1 
ATOM 667  H HG13 . ILE A 1 41  ? 0.480   3.671   3.719   1.00 0.00 ? 42  ILE A HG13 1 
ATOM 668  H HG21 . ILE A 1 41  ? -2.301  0.658   4.983   1.00 0.00 ? 42  ILE A HG21 1 
ATOM 669  H HG22 . ILE A 1 41  ? -1.221  1.542   6.061   1.00 0.00 ? 42  ILE A HG22 1 
ATOM 670  H HG23 . ILE A 1 41  ? -2.648  2.343   5.428   1.00 0.00 ? 42  ILE A HG23 1 
ATOM 671  H HD11 . ILE A 1 41  ? -1.690  4.753   3.548   1.00 0.00 ? 42  ILE A HD11 1 
ATOM 672  H HD12 . ILE A 1 41  ? -2.000  4.436   5.270   1.00 0.00 ? 42  ILE A HD12 1 
ATOM 673  H HD13 . ILE A 1 41  ? -0.658  5.483   4.797   1.00 0.00 ? 42  ILE A HD13 1 
ATOM 674  N N    . ILE A 1 42  ? 0.490   1.408   1.173   1.00 0.00 ? 43  ILE A N    1 
ATOM 675  C CA   . ILE A 1 42  ? 1.272   1.967   0.075   1.00 0.00 ? 43  ILE A CA   1 
ATOM 676  C C    . ILE A 1 42  ? 0.517   3.136   -0.543  1.00 0.00 ? 43  ILE A C    1 
ATOM 677  O O    . ILE A 1 42  ? -0.682  3.029   -0.811  1.00 0.00 ? 43  ILE A O    1 
ATOM 678  C CB   . ILE A 1 42  ? 1.566   0.950   -1.044  1.00 0.00 ? 43  ILE A CB   1 
ATOM 679  C CG1  . ILE A 1 42  ? 2.010   -0.456  -0.600  1.00 0.00 ? 43  ILE A CG1  1 
ATOM 680  C CG2  . ILE A 1 42  ? 2.599   1.569   -2.002  1.00 0.00 ? 43  ILE A CG2  1 
ATOM 681  C CD1  . ILE A 1 42  ? 3.320   -0.505  0.187   1.00 0.00 ? 43  ILE A CD1  1 
ATOM 682  H H    . ILE A 1 42  ? -0.468  1.135   0.962   1.00 0.00 ? 43  ILE A H    1 
ATOM 683  H HA   . ILE A 1 42  ? 2.219   2.322   0.472   1.00 0.00 ? 43  ILE A HA   1 
ATOM 684  H HB   . ILE A 1 42  ? 0.649   0.818   -1.618  1.00 0.00 ? 43  ILE A HB   1 
ATOM 685  H HG12 . ILE A 1 42  ? 1.222   -0.921  -0.006  1.00 0.00 ? 43  ILE A HG12 1 
ATOM 686  H HG13 . ILE A 1 42  ? 2.134   -1.056  -1.498  1.00 0.00 ? 43  ILE A HG13 1 
ATOM 687  H HG21 . ILE A 1 42  ? 3.328   2.167   -1.460  1.00 0.00 ? 43  ILE A HG21 1 
ATOM 688  H HG22 . ILE A 1 42  ? 3.139   0.785   -2.528  1.00 0.00 ? 43  ILE A HG22 1 
ATOM 689  H HG23 . ILE A 1 42  ? 2.078   2.201   -2.726  1.00 0.00 ? 43  ILE A HG23 1 
ATOM 690  H HD11 . ILE A 1 42  ? 4.092   0.077   -0.310  1.00 0.00 ? 43  ILE A HD11 1 
ATOM 691  H HD12 . ILE A 1 42  ? 3.149   -0.123  1.191   1.00 0.00 ? 43  ILE A HD12 1 
ATOM 692  H HD13 . ILE A 1 42  ? 3.668   -1.535  0.249   1.00 0.00 ? 43  ILE A HD13 1 
ATOM 693  N N    . ILE A 1 43  ? 1.243   4.215   -0.839  1.00 0.00 ? 44  ILE A N    1 
ATOM 694  C CA   . ILE A 1 43  ? 0.711   5.364   -1.570  1.00 0.00 ? 44  ILE A CA   1 
ATOM 695  C C    . ILE A 1 43  ? 1.574   5.579   -2.825  1.00 0.00 ? 44  ILE A C    1 
ATOM 696  O O    . ILE A 1 43  ? 2.631   6.211   -2.761  1.00 0.00 ? 44  ILE A O    1 
ATOM 697  C CB   . ILE A 1 43  ? 0.579   6.600   -0.640  1.00 0.00 ? 44  ILE A CB   1 
ATOM 698  C CG1  . ILE A 1 43  ? -0.251  6.323   0.649   1.00 0.00 ? 44  ILE A CG1  1 
ATOM 699  C CG2  . ILE A 1 43  ? -0.077  7.758   -1.411  1.00 0.00 ? 44  ILE A CG2  1 
ATOM 700  C CD1  . ILE A 1 43  ? 0.244   7.105   1.868   1.00 0.00 ? 44  ILE A CD1  1 
ATOM 701  H H    . ILE A 1 43  ? 2.217   4.218   -0.545  1.00 0.00 ? 44  ILE A H    1 
ATOM 702  H HA   . ILE A 1 43  ? -0.297  5.129   -1.915  1.00 0.00 ? 44  ILE A HA   1 
ATOM 703  H HB   . ILE A 1 43  ? 1.580   6.916   -0.346  1.00 0.00 ? 44  ILE A HB   1 
ATOM 704  H HG12 . ILE A 1 43  ? -1.300  6.568   0.490   1.00 0.00 ? 44  ILE A HG12 1 
ATOM 705  H HG13 . ILE A 1 43  ? -0.212  5.274   0.930   1.00 0.00 ? 44  ILE A HG13 1 
ATOM 706  H HG21 . ILE A 1 43  ? -1.068  7.471   -1.776  1.00 0.00 ? 44  ILE A HG21 1 
ATOM 707  H HG22 . ILE A 1 43  ? -0.184  8.621   -0.756  1.00 0.00 ? 44  ILE A HG22 1 
ATOM 708  H HG23 . ILE A 1 43  ? 0.542   8.057   -2.257  1.00 0.00 ? 44  ILE A HG23 1 
ATOM 709  H HD11 . ILE A 1 43  ? 1.299   6.887   2.038   1.00 0.00 ? 44  ILE A HD11 1 
ATOM 710  H HD12 . ILE A 1 43  ? 0.100   8.173   1.715   1.00 0.00 ? 44  ILE A HD12 1 
ATOM 711  H HD13 . ILE A 1 43  ? -0.316  6.785   2.747   1.00 0.00 ? 44  ILE A HD13 1 
ATOM 712  N N    . ALA A 1 44  ? 1.128   5.016   -3.960  1.00 0.00 ? 45  ALA A N    1 
ATOM 713  C CA   . ALA A 1 44  ? 1.642   5.237   -5.317  1.00 0.00 ? 45  ALA A CA   1 
ATOM 714  C C    . ALA A 1 44  ? 0.570   5.926   -6.182  1.00 0.00 ? 45  ALA A C    1 
ATOM 715  O O    . ALA A 1 44  ? 0.118   5.420   -7.212  1.00 0.00 ? 45  ALA A O    1 
ATOM 716  C CB   . ALA A 1 44  ? 2.136   3.917   -5.927  1.00 0.00 ? 45  ALA A CB   1 
ATOM 717  H H    . ALA A 1 44  ? 0.332   4.384   -3.906  1.00 0.00 ? 45  ALA A H    1 
ATOM 718  H HA   . ALA A 1 44  ? 2.491   5.913   -5.263  1.00 0.00 ? 45  ALA A HA   1 
ATOM 719  H HB1  . ALA A 1 44  ? 2.827   3.418   -5.258  1.00 0.00 ? 45  ALA A HB1  1 
ATOM 720  H HB2  . ALA A 1 44  ? 1.295   3.254   -6.110  1.00 0.00 ? 45  ALA A HB2  1 
ATOM 721  H HB3  . ALA A 1 44  ? 2.638   4.117   -6.875  1.00 0.00 ? 45  ALA A HB3  1 
ATOM 722  N N    . ALA A 1 45  ? 0.135   7.095   -5.712  1.00 0.00 ? 46  ALA A N    1 
ATOM 723  C CA   . ALA A 1 45  ? -0.889  7.933   -6.318  1.00 0.00 ? 46  ALA A CA   1 
ATOM 724  C C    . ALA A 1 45  ? -0.591  9.400   -5.995  1.00 0.00 ? 46  ALA A C    1 
ATOM 725  O O    . ALA A 1 45  ? -0.079  9.680   -4.908  1.00 0.00 ? 46  ALA A O    1 
ATOM 726  C CB   . ALA A 1 45  ? -2.239  7.527   -5.714  1.00 0.00 ? 46  ALA A CB   1 
ATOM 727  H H    . ALA A 1 45  ? 0.547   7.446   -4.858  1.00 0.00 ? 46  ALA A H    1 
ATOM 728  H HA   . ALA A 1 45  ? -0.906  7.792   -7.401  1.00 0.00 ? 46  ALA A HA   1 
ATOM 729  H HB1  . ALA A 1 45  ? -2.196  7.599   -4.624  1.00 0.00 ? 46  ALA A HB1  1 
ATOM 730  H HB2  . ALA A 1 45  ? -3.017  8.194   -6.083  1.00 0.00 ? 46  ALA A HB2  1 
ATOM 731  H HB3  . ALA A 1 45  ? -2.476  6.501   -5.994  1.00 0.00 ? 46  ALA A HB3  1 
ATOM 732  N N    . ASN A 1 46  ? -0.951  10.325  -6.895  1.00 0.00 ? 47  ASN A N    1 
ATOM 733  C CA   . ASN A 1 46  ? -0.799  11.783  -6.792  1.00 0.00 ? 47  ASN A CA   1 
ATOM 734  C C    . ASN A 1 46  ? -1.602  12.351  -5.600  1.00 0.00 ? 47  ASN A C    1 
ATOM 735  O O    . ASN A 1 46  ? -2.669  12.942  -5.752  1.00 0.00 ? 47  ASN A O    1 
ATOM 736  C CB   . ASN A 1 46  ? -1.199  12.422  -8.139  1.00 0.00 ? 47  ASN A CB   1 
ATOM 737  C CG   . ASN A 1 46  ? -0.402  11.869  -9.315  1.00 0.00 ? 47  ASN A CG   1 
ATOM 738  O OD1  . ASN A 1 46  ? -0.459  10.687  -9.617  1.00 0.00 ? 47  ASN A OD1  1 
ATOM 739  N ND2  . ASN A 1 46  ? 0.374   12.687  -9.995  1.00 0.00 ? 47  ASN A ND2  1 
ATOM 740  H H    . ASN A 1 46  ? -1.274  9.995   -7.798  1.00 0.00 ? 47  ASN A H    1 
ATOM 741  H HA   . ASN A 1 46  ? 0.254   12.008  -6.615  1.00 0.00 ? 47  ASN A HA   1 
ATOM 742  H HB2  . ASN A 1 46  ? -2.255  12.231  -8.330  1.00 0.00 ? 47  ASN A HB2  1 
ATOM 743  H HB3  . ASN A 1 46  ? -1.058  13.501  -8.078  1.00 0.00 ? 47  ASN A HB3  1 
ATOM 744  H HD21 . ASN A 1 46  ? 0.444   13.671  -9.814  1.00 0.00 ? 47  ASN A HD21 1 
ATOM 745  H HD22 . ASN A 1 46  ? 0.904   12.220  -10.735 1.00 0.00 ? 47  ASN A HD22 1 
ATOM 746  N N    . THR A 1 47  ? -1.066  12.134  -4.399  1.00 0.00 ? 48  THR A N    1 
ATOM 747  C CA   . THR A 1 47  ? -1.713  12.322  -3.102  1.00 0.00 ? 48  THR A CA   1 
ATOM 748  C C    . THR A 1 47  ? -1.180  13.589  -2.419  1.00 0.00 ? 48  THR A C    1 
ATOM 749  O O    . THR A 1 47  ? -0.023  13.585  -1.989  1.00 0.00 ? 48  THR A O    1 
ATOM 750  C CB   . THR A 1 47  ? -1.473  11.067  -2.240  1.00 0.00 ? 48  THR A CB   1 
ATOM 751  O OG1  . THR A 1 47  ? -1.815  9.908   -2.965  1.00 0.00 ? 48  THR A OG1  1 
ATOM 752  C CG2  . THR A 1 47  ? -2.317  11.051  -0.975  1.00 0.00 ? 48  THR A CG2  1 
ATOM 753  H H    . THR A 1 47  ? -0.208  11.592  -4.396  1.00 0.00 ? 48  THR A H    1 
ATOM 754  H HA   . THR A 1 47  ? -2.787  12.394  -3.259  1.00 0.00 ? 48  THR A HA   1 
ATOM 755  H HB   . THR A 1 47  ? -0.423  11.010  -1.960  1.00 0.00 ? 48  THR A HB   1 
ATOM 756  H HG1  . THR A 1 47  ? -1.128  9.788   -3.654  1.00 0.00 ? 48  THR A HG1  1 
ATOM 757  H HG21 . THR A 1 47  ? -2.101  11.944  -0.399  1.00 0.00 ? 48  THR A HG21 1 
ATOM 758  H HG22 . THR A 1 47  ? -3.375  11.016  -1.234  1.00 0.00 ? 48  THR A HG22 1 
ATOM 759  H HG23 . THR A 1 47  ? -2.057  10.170  -0.385  1.00 0.00 ? 48  THR A HG23 1 
ATOM 760  N N    . PRO A 1 48  ? -1.963  14.685  -2.335  1.00 0.00 ? 49  PRO A N    1 
ATOM 761  C CA   . PRO A 1 48  ? -1.526  15.917  -1.678  1.00 0.00 ? 49  PRO A CA   1 
ATOM 762  C C    . PRO A 1 48  ? -1.479  15.777  -0.146  1.00 0.00 ? 49  PRO A C    1 
ATOM 763  O O    . PRO A 1 48  ? -2.010  14.825  0.430   1.00 0.00 ? 49  PRO A O    1 
ATOM 764  C CB   . PRO A 1 48  ? -2.521  16.989  -2.141  1.00 0.00 ? 49  PRO A CB   1 
ATOM 765  C CG   . PRO A 1 48  ? -3.805  16.200  -2.374  1.00 0.00 ? 49  PRO A CG   1 
ATOM 766  C CD   . PRO A 1 48  ? -3.298  14.856  -2.896  1.00 0.00 ? 49  PRO A CD   1 
ATOM 767  H HA   . PRO A 1 48  ? -0.529  16.183  -2.030  1.00 0.00 ? 49  PRO A HA   1 
ATOM 768  H HB2  . PRO A 1 48  ? -2.661  17.781  -1.404  1.00 0.00 ? 49  PRO A HB2  1 
ATOM 769  H HB3  . PRO A 1 48  ? -2.180  17.412  -3.089  1.00 0.00 ? 49  PRO A HB3  1 
ATOM 770  H HG2  . PRO A 1 48  ? -4.319  16.058  -1.424  1.00 0.00 ? 49  PRO A HG2  1 
ATOM 771  H HG3  . PRO A 1 48  ? -4.459  16.692  -3.094  1.00 0.00 ? 49  PRO A HG3  1 
ATOM 772  H HD2  . PRO A 1 48  ? -3.973  14.059  -2.586  1.00 0.00 ? 49  PRO A HD2  1 
ATOM 773  H HD3  . PRO A 1 48  ? -3.230  14.888  -3.985  1.00 0.00 ? 49  PRO A HD3  1 
ATOM 774  N N    . VAL A 1 49  ? -0.860  16.763  0.516   1.00 0.00 ? 50  VAL A N    1 
ATOM 775  C CA   . VAL A 1 49  ? -0.495  16.743  1.944   1.00 0.00 ? 50  VAL A CA   1 
ATOM 776  C C    . VAL A 1 49  ? -1.651  16.346  2.867   1.00 0.00 ? 50  VAL A C    1 
ATOM 777  O O    . VAL A 1 49  ? -1.479  15.446  3.685   1.00 0.00 ? 50  VAL A O    1 
ATOM 778  C CB   . VAL A 1 49  ? 0.127   18.090  2.380   1.00 0.00 ? 50  VAL A CB   1 
ATOM 779  C CG1  . VAL A 1 49  ? 0.566   18.062  3.853   1.00 0.00 ? 50  VAL A CG1  1 
ATOM 780  C CG2  . VAL A 1 49  ? 1.362   18.438  1.534   1.00 0.00 ? 50  VAL A CG2  1 
ATOM 781  H H    . VAL A 1 49  ? -0.474  17.509  -0.044  1.00 0.00 ? 50  VAL A H    1 
ATOM 782  H HA   . VAL A 1 49  ? 0.272   15.977  2.066   1.00 0.00 ? 50  VAL A HA   1 
ATOM 783  H HB   . VAL A 1 49  ? -0.613  18.881  2.255   1.00 0.00 ? 50  VAL A HB   1 
ATOM 784  H HG11 . VAL A 1 49  ? 1.267   17.244  4.025   1.00 0.00 ? 50  VAL A HG11 1 
ATOM 785  H HG12 . VAL A 1 49  ? 1.050   19.004  4.114   1.00 0.00 ? 50  VAL A HG12 1 
ATOM 786  H HG13 . VAL A 1 49  ? -0.295  17.940  4.511   1.00 0.00 ? 50  VAL A HG13 1 
ATOM 787  H HG21 . VAL A 1 49  ? 2.102   17.640  1.601   1.00 0.00 ? 50  VAL A HG21 1 
ATOM 788  H HG22 . VAL A 1 49  ? 1.087   18.588  0.491   1.00 0.00 ? 50  VAL A HG22 1 
ATOM 789  H HG23 . VAL A 1 49  ? 1.808   19.365  1.896   1.00 0.00 ? 50  VAL A HG23 1 
ATOM 790  N N    . LEU A 1 50  ? -2.826  16.976  2.761   1.00 0.00 ? 51  LEU A N    1 
ATOM 791  C CA   . LEU A 1 50  ? -3.974  16.648  3.621   1.00 0.00 ? 51  LEU A CA   1 
ATOM 792  C C    . LEU A 1 50  ? -4.489  15.216  3.388   1.00 0.00 ? 51  LEU A C    1 
ATOM 793  O O    . LEU A 1 50  ? -4.857  14.521  4.334   1.00 0.00 ? 51  LEU A O    1 
ATOM 794  C CB   . LEU A 1 50  ? -5.102  17.673  3.400   1.00 0.00 ? 51  LEU A CB   1 
ATOM 795  C CG   . LEU A 1 50  ? -4.726  19.135  3.720   1.00 0.00 ? 51  LEU A CG   1 
ATOM 796  C CD1  . LEU A 1 50  ? -5.913  20.045  3.401   1.00 0.00 ? 51  LEU A CD1  1 
ATOM 797  C CD2  . LEU A 1 50  ? -4.337  19.334  5.189   1.00 0.00 ? 51  LEU A CD2  1 
ATOM 798  H H    . LEU A 1 50  ? -2.907  17.721  2.086   1.00 0.00 ? 51  LEU A H    1 
ATOM 799  H HA   . LEU A 1 50  ? -3.658  16.697  4.663   1.00 0.00 ? 51  LEU A HA   1 
ATOM 800  H HB2  . LEU A 1 50  ? -5.424  17.616  2.359   1.00 0.00 ? 51  LEU A HB2  1 
ATOM 801  H HB3  . LEU A 1 50  ? -5.950  17.390  4.026   1.00 0.00 ? 51  LEU A HB3  1 
ATOM 802  H HG   . LEU A 1 50  ? -3.888  19.439  3.091   1.00 0.00 ? 51  LEU A HG   1 
ATOM 803  H HD11 . LEU A 1 50  ? -6.188  19.943  2.351   1.00 0.00 ? 51  LEU A HD11 1 
ATOM 804  H HD12 . LEU A 1 50  ? -6.769  19.781  4.025   1.00 0.00 ? 51  LEU A HD12 1 
ATOM 805  H HD13 . LEU A 1 50  ? -5.642  21.084  3.589   1.00 0.00 ? 51  LEU A HD13 1 
ATOM 806  H HD21 . LEU A 1 50  ? -5.139  18.986  5.841   1.00 0.00 ? 51  LEU A HD21 1 
ATOM 807  H HD22 . LEU A 1 50  ? -3.423  18.787  5.416   1.00 0.00 ? 51  LEU A HD22 1 
ATOM 808  H HD23 . LEU A 1 50  ? -4.156  20.391  5.381   1.00 0.00 ? 51  LEU A HD23 1 
ATOM 809  N N    . ARG A 1 51  ? -4.478  14.762  2.129   1.00 0.00 ? 52  ARG A N    1 
ATOM 810  C CA   . ARG A 1 51  ? -4.937  13.439  1.698   1.00 0.00 ? 52  ARG A CA   1 
ATOM 811  C C    . ARG A 1 51  ? -3.978  12.352  2.203   1.00 0.00 ? 52  ARG A C    1 
ATOM 812  O O    . ARG A 1 51  ? -4.424  11.370  2.806   1.00 0.00 ? 52  ARG A O    1 
ATOM 813  C CB   . ARG A 1 51  ? -5.094  13.477  0.164   1.00 0.00 ? 52  ARG A CB   1 
ATOM 814  C CG   . ARG A 1 51  ? -6.115  12.494  -0.414  1.00 0.00 ? 52  ARG A CG   1 
ATOM 815  C CD   . ARG A 1 51  ? -7.574  12.983  -0.340  1.00 0.00 ? 52  ARG A CD   1 
ATOM 816  N NE   . ARG A 1 51  ? -8.127  12.970  1.030   1.00 0.00 ? 52  ARG A NE   1 
ATOM 817  C CZ   . ARG A 1 51  ? -8.892  13.870  1.637   1.00 0.00 ? 52  ARG A CZ   1 
ATOM 818  N NH1  . ARG A 1 51  ? -9.208  15.009  1.064   1.00 0.00 ? 52  ARG A NH1  1 
ATOM 819  N NH2  . ARG A 1 51  ? -9.369  13.648  2.839   1.00 0.00 ? 52  ARG A NH2  1 
ATOM 820  H H    . ARG A 1 51  ? -4.040  15.360  1.441   1.00 0.00 ? 52  ARG A H    1 
ATOM 821  H HA   . ARG A 1 51  ? -5.898  13.219  2.159   1.00 0.00 ? 52  ARG A HA   1 
ATOM 822  H HB2  . ARG A 1 51  ? -5.394  14.477  -0.148  1.00 0.00 ? 52  ARG A HB2  1 
ATOM 823  H HB3  . ARG A 1 51  ? -4.129  13.263  -0.291  1.00 0.00 ? 52  ARG A HB3  1 
ATOM 824  H HG2  . ARG A 1 51  ? -5.875  12.350  -1.469  1.00 0.00 ? 52  ARG A HG2  1 
ATOM 825  H HG3  . ARG A 1 51  ? -6.005  11.542  0.083   1.00 0.00 ? 52  ARG A HG3  1 
ATOM 826  H HD2  . ARG A 1 51  ? -7.629  13.980  -0.775  1.00 0.00 ? 52  ARG A HD2  1 
ATOM 827  H HD3  . ARG A 1 51  ? -8.182  12.316  -0.954  1.00 0.00 ? 52  ARG A HD3  1 
ATOM 828  H HE   . ARG A 1 51  ? -7.932  12.136  1.576   1.00 0.00 ? 52  ARG A HE   1 
ATOM 829  H HH11 . ARG A 1 51  ? -8.871  15.184  0.136   1.00 0.00 ? 52  ARG A HH11 1 
ATOM 830  H HH12 . ARG A 1 51  ? -9.796  15.672  1.533   1.00 0.00 ? 52  ARG A HH12 1 
ATOM 831  H HH21 . ARG A 1 51  ? -9.228  12.746  3.324   1.00 0.00 ? 52  ARG A HH21 1 
ATOM 832  H HH22 . ARG A 1 51  ? -9.941  14.329  3.299   1.00 0.00 ? 52  ARG A HH22 1 
ATOM 833  N N    . LYS A 1 52  ? -2.657  12.564  2.039   1.00 0.00 ? 53  LYS A N    1 
ATOM 834  C CA   . LYS A 1 52  ? -1.657  11.644  2.599   1.00 0.00 ? 53  LYS A CA   1 
ATOM 835  C C    . LYS A 1 52  ? -1.781  11.644  4.121   1.00 0.00 ? 53  LYS A C    1 
ATOM 836  O O    . LYS A 1 52  ? -1.822  10.570  4.707   1.00 0.00 ? 53  LYS A O    1 
ATOM 837  C CB   . LYS A 1 52  ? -0.207  11.907  2.121   1.00 0.00 ? 53  LYS A CB   1 
ATOM 838  C CG   . LYS A 1 52  ? 0.630   12.906  2.943   1.00 0.00 ? 53  LYS A CG   1 
ATOM 839  C CD   . LYS A 1 52  ? 2.089   13.007  2.479   1.00 0.00 ? 53  LYS A CD   1 
ATOM 840  C CE   . LYS A 1 52  ? 2.999   13.593  3.573   1.00 0.00 ? 53  LYS A CE   1 
ATOM 841  N NZ   . LYS A 1 52  ? 3.241   12.645  4.693   1.00 0.00 ? 53  LYS A NZ   1 
ATOM 842  H H    . LYS A 1 52  ? -2.369  13.395  1.525   1.00 0.00 ? 53  LYS A H    1 
ATOM 843  H HA   . LYS A 1 52  ? -1.921  10.636  2.273   1.00 0.00 ? 53  LYS A HA   1 
ATOM 844  H HB2  . LYS A 1 52  ? 0.309   10.952  2.158   1.00 0.00 ? 53  LYS A HB2  1 
ATOM 845  H HB3  . LYS A 1 52  ? -0.220  12.227  1.079   1.00 0.00 ? 53  LYS A HB3  1 
ATOM 846  H HG2  . LYS A 1 52  ? 0.182   13.889  2.882   1.00 0.00 ? 53  LYS A HG2  1 
ATOM 847  H HG3  . LYS A 1 52  ? 0.636   12.580  3.983   1.00 0.00 ? 53  LYS A HG3  1 
ATOM 848  H HD2  . LYS A 1 52  ? 2.469   12.027  2.194   1.00 0.00 ? 53  LYS A HD2  1 
ATOM 849  H HD3  . LYS A 1 52  ? 2.129   13.647  1.597   1.00 0.00 ? 53  LYS A HD3  1 
ATOM 850  H HE2  . LYS A 1 52  ? 3.957   13.838  3.109   1.00 0.00 ? 53  LYS A HE2  1 
ATOM 851  H HE3  . LYS A 1 52  ? 2.561   14.519  3.954   1.00 0.00 ? 53  LYS A HE3  1 
ATOM 852  H HZ1  . LYS A 1 52  ? 3.386   11.697  4.367   1.00 0.00 ? 53  LYS A HZ1  1 
ATOM 853  H HZ2  . LYS A 1 52  ? 4.028   12.915  5.262   1.00 0.00 ? 53  LYS A HZ2  1 
ATOM 854  H HZ3  . LYS A 1 52  ? 2.457   12.562  5.361   1.00 0.00 ? 53  LYS A HZ3  1 
ATOM 855  N N    . SER A 1 53  ? -1.918  12.832  4.732   1.00 0.00 ? 54  SER A N    1 
ATOM 856  C CA   . SER A 1 53  ? -2.034  13.011  6.182   1.00 0.00 ? 54  SER A CA   1 
ATOM 857  C C    . SER A 1 53  ? -3.205  12.220  6.753   1.00 0.00 ? 54  SER A C    1 
ATOM 858  O O    . SER A 1 53  ? -3.048  11.621  7.804   1.00 0.00 ? 54  SER A O    1 
ATOM 859  C CB   . SER A 1 53  ? -2.180  14.481  6.592   1.00 0.00 ? 54  SER A CB   1 
ATOM 860  O OG   . SER A 1 53  ? -1.081  15.245  6.149   1.00 0.00 ? 54  SER A OG   1 
ATOM 861  H H    . SER A 1 53  ? -1.868  13.660  4.149   1.00 0.00 ? 54  SER A H    1 
ATOM 862  H HA   . SER A 1 53  ? -1.120  12.638  6.645   1.00 0.00 ? 54  SER A HA   1 
ATOM 863  H HB2  . SER A 1 53  ? -3.101  14.893  6.178   1.00 0.00 ? 54  SER A HB2  1 
ATOM 864  H HB3  . SER A 1 53  ? -2.232  14.540  7.680   1.00 0.00 ? 54  SER A HB3  1 
ATOM 865  H HG   . SER A 1 53  ? -1.171  15.343  5.168   1.00 0.00 ? 54  SER A HG   1 
ATOM 866  N N    . GLU A 1 54  ? -4.356  12.166  6.072   1.00 0.00 ? 55  GLU A N    1 
ATOM 867  C CA   . GLU A 1 54  ? -5.474  11.319  6.494   1.00 0.00 ? 55  GLU A CA   1 
ATOM 868  C C    . GLU A 1 54  ? -5.116  9.819   6.441   1.00 0.00 ? 55  GLU A C    1 
ATOM 869  O O    . GLU A 1 54  ? -5.345  9.106   7.419   1.00 0.00 ? 55  GLU A O    1 
ATOM 870  C CB   . GLU A 1 54  ? -6.707  11.619  5.624   1.00 0.00 ? 55  GLU A CB   1 
ATOM 871  C CG   . GLU A 1 54  ? -8.020  11.281  6.347   1.00 0.00 ? 55  GLU A CG   1 
ATOM 872  C CD   . GLU A 1 54  ? -9.209  10.994  5.414   1.00 0.00 ? 55  GLU A CD   1 
ATOM 873  O OE1  . GLU A 1 54  ? -9.150  11.355  4.207   1.00 0.00 ? 55  GLU A OE1  1 
ATOM 874  O OE2  . GLU A 1 54  ? -10.175 10.367  5.910   1.00 0.00 ? 55  GLU A OE2  1 
ATOM 875  H H    . GLU A 1 54  ? -4.468  12.757  5.250   1.00 0.00 ? 55  GLU A H    1 
ATOM 876  H HA   . GLU A 1 54  ? -5.701  11.567  7.536   1.00 0.00 ? 55  GLU A HA   1 
ATOM 877  H HB2  . GLU A 1 54  ? -6.731  12.676  5.352   1.00 0.00 ? 55  GLU A HB2  1 
ATOM 878  H HB3  . GLU A 1 54  ? -6.615  11.032  4.716   1.00 0.00 ? 55  GLU A HB3  1 
ATOM 879  H HG2  . GLU A 1 54  ? -7.855  10.406  6.975   1.00 0.00 ? 55  GLU A HG2  1 
ATOM 880  H HG3  . GLU A 1 54  ? -8.274  12.110  7.011   1.00 0.00 ? 55  GLU A HG3  1 
ATOM 881  N N    . LEU A 1 55  ? -4.524  9.324   5.337   1.00 0.00 ? 56  LEU A N    1 
ATOM 882  C CA   . LEU A 1 55  ? -4.086  7.911   5.256   1.00 0.00 ? 56  LEU A CA   1 
ATOM 883  C C    . LEU A 1 55  ? -3.056  7.553   6.325   1.00 0.00 ? 56  LEU A C    1 
ATOM 884  O O    . LEU A 1 55  ? -3.140  6.517   6.983   1.00 0.00 ? 56  LEU A O    1 
ATOM 885  C CB   . LEU A 1 55  ? -3.559  7.571   3.853   1.00 0.00 ? 56  LEU A CB   1 
ATOM 886  C CG   . LEU A 1 55  ? -4.635  7.640   2.756   1.00 0.00 ? 56  LEU A CG   1 
ATOM 887  C CD1  . LEU A 1 55  ? -4.331  6.586   1.704   1.00 0.00 ? 56  LEU A CD1  1 
ATOM 888  C CD2  . LEU A 1 55  ? -6.055  7.349   3.239   1.00 0.00 ? 56  LEU A CD2  1 
ATOM 889  H H    . LEU A 1 55  ? -4.351  9.958   4.557   1.00 0.00 ? 56  LEU A H    1 
ATOM 890  H HA   . LEU A 1 55  ? -4.929  7.253   5.444   1.00 0.00 ? 56  LEU A HA   1 
ATOM 891  H HB2  . LEU A 1 55  ? -2.725  8.220   3.577   1.00 0.00 ? 56  LEU A HB2  1 
ATOM 892  H HB3  . LEU A 1 55  ? -3.166  6.556   3.891   1.00 0.00 ? 56  LEU A HB3  1 
ATOM 893  H HG   . LEU A 1 55  ? -4.604  8.628   2.302   1.00 0.00 ? 56  LEU A HG   1 
ATOM 894  H HD11 . LEU A 1 55  ? -3.346  6.767   1.288   1.00 0.00 ? 56  LEU A HD11 1 
ATOM 895  H HD12 . LEU A 1 55  ? -4.361  5.604   2.180   1.00 0.00 ? 56  LEU A HD12 1 
ATOM 896  H HD13 . LEU A 1 55  ? -5.078  6.634   0.914   1.00 0.00 ? 56  LEU A HD13 1 
ATOM 897  H HD21 . LEU A 1 55  ? -6.073  6.407   3.783   1.00 0.00 ? 56  LEU A HD21 1 
ATOM 898  H HD22 . LEU A 1 55  ? -6.377  8.163   3.889   1.00 0.00 ? 56  LEU A HD22 1 
ATOM 899  H HD23 . LEU A 1 55  ? -6.731  7.285   2.389   1.00 0.00 ? 56  LEU A HD23 1 
ATOM 900  N N    . GLU A 1 56  ? -2.110  8.461   6.499   1.00 0.00 ? 57  GLU A N    1 
ATOM 901  C CA   . GLU A 1 56  ? -1.048  8.473   7.502   1.00 0.00 ? 57  GLU A CA   1 
ATOM 902  C C    . GLU A 1 56  ? -1.617  8.506   8.936   1.00 0.00 ? 57  GLU A C    1 
ATOM 903  O O    . GLU A 1 56  ? -1.136  7.775   9.798   1.00 0.00 ? 57  GLU A O    1 
ATOM 904  C CB   . GLU A 1 56  ? -0.151  9.666   7.141   1.00 0.00 ? 57  GLU A CB   1 
ATOM 905  C CG   . GLU A 1 56  ? 1.210   9.809   7.816   1.00 0.00 ? 57  GLU A CG   1 
ATOM 906  C CD   . GLU A 1 56  ? 2.083   10.683  6.903   1.00 0.00 ? 57  GLU A CD   1 
ATOM 907  O OE1  . GLU A 1 56  ? 1.893   11.918  6.855   1.00 0.00 ? 57  GLU A OE1  1 
ATOM 908  O OE2  . GLU A 1 56  ? 2.862   10.116  6.097   1.00 0.00 ? 57  GLU A OE2  1 
ATOM 909  H H    . GLU A 1 56  ? -2.209  9.235   5.840   1.00 0.00 ? 57  GLU A H    1 
ATOM 910  H HA   . GLU A 1 56  ? -0.462  7.563   7.397   1.00 0.00 ? 57  GLU A HA   1 
ATOM 911  H HB2  . GLU A 1 56  ? 0.053   9.574   6.072   1.00 0.00 ? 57  GLU A HB2  1 
ATOM 912  H HB3  . GLU A 1 56  ? -0.705  10.587  7.296   1.00 0.00 ? 57  GLU A HB3  1 
ATOM 913  H HG2  . GLU A 1 56  ? 1.094   10.266  8.800   1.00 0.00 ? 57  GLU A HG2  1 
ATOM 914  H HG3  . GLU A 1 56  ? 1.667   8.825   7.934   1.00 0.00 ? 57  GLU A HG3  1 
ATOM 915  N N    . TYR A 1 57  ? -2.698  9.259   9.178   1.00 0.00 ? 58  TYR A N    1 
ATOM 916  C CA   . TYR A 1 57  ? -3.469  9.254   10.424  1.00 0.00 ? 58  TYR A CA   1 
ATOM 917  C C    . TYR A 1 57  ? -4.099  7.882   10.693  1.00 0.00 ? 58  TYR A C    1 
ATOM 918  O O    . TYR A 1 57  ? -3.964  7.356   11.797  1.00 0.00 ? 58  TYR A O    1 
ATOM 919  C CB   . TYR A 1 57  ? -4.543  10.354  10.383  1.00 0.00 ? 58  TYR A CB   1 
ATOM 920  C CG   . TYR A 1 57  ? -5.070  10.785  11.733  1.00 0.00 ? 58  TYR A CG   1 
ATOM 921  C CD1  . TYR A 1 57  ? -4.371  11.772  12.450  1.00 0.00 ? 58  TYR A CD1  1 
ATOM 922  C CD2  . TYR A 1 57  ? -6.274  10.261  12.240  1.00 0.00 ? 58  TYR A CD2  1 
ATOM 923  C CE1  . TYR A 1 57  ? -4.853  12.226  13.692  1.00 0.00 ? 58  TYR A CE1  1 
ATOM 924  C CE2  . TYR A 1 57  ? -6.773  10.727  13.472  1.00 0.00 ? 58  TYR A CE2  1 
ATOM 925  C CZ   . TYR A 1 57  ? -6.059  11.698  14.207  1.00 0.00 ? 58  TYR A CZ   1 
ATOM 926  O OH   . TYR A 1 57  ? -6.547  12.131  15.400  1.00 0.00 ? 58  TYR A OH   1 
ATOM 927  H H    . TYR A 1 57  ? -2.995  9.906   8.451   1.00 0.00 ? 58  TYR A H    1 
ATOM 928  H HA   . TYR A 1 57  ? -2.784  9.474   11.243  1.00 0.00 ? 58  TYR A HA   1 
ATOM 929  H HB2  . TYR A 1 57  ? -4.120  11.247  9.928   1.00 0.00 ? 58  TYR A HB2  1 
ATOM 930  H HB3  . TYR A 1 57  ? -5.379  10.037  9.761   1.00 0.00 ? 58  TYR A HB3  1 
ATOM 931  H HD1  . TYR A 1 57  ? -3.471  12.190  12.020  1.00 0.00 ? 58  TYR A HD1  1 
ATOM 932  H HD2  . TYR A 1 57  ? -6.823  9.521   11.676  1.00 0.00 ? 58  TYR A HD2  1 
ATOM 933  H HE1  . TYR A 1 57  ? -4.309  12.983  14.236  1.00 0.00 ? 58  TYR A HE1  1 
ATOM 934  H HE2  . TYR A 1 57  ? -7.708  10.362  13.865  1.00 0.00 ? 58  TYR A HE2  1 
ATOM 935  H HH   . TYR A 1 57  ? -6.000  12.814  15.790  1.00 0.00 ? 58  TYR A HH   1 
ATOM 936  N N    . TYR A 1 58  ? -4.747  7.255   9.702   1.00 0.00 ? 59  TYR A N    1 
ATOM 937  C CA   . TYR A 1 58  ? -5.266  5.893   9.883   1.00 0.00 ? 59  TYR A CA   1 
ATOM 938  C C    . TYR A 1 58  ? -4.150  4.853   10.063  1.00 0.00 ? 59  TYR A C    1 
ATOM 939  O O    . TYR A 1 58  ? -4.297  3.947   10.887  1.00 0.00 ? 59  TYR A O    1 
ATOM 940  C CB   . TYR A 1 58  ? -6.208  5.493   8.748   1.00 0.00 ? 59  TYR A CB   1 
ATOM 941  C CG   . TYR A 1 58  ? -7.372  6.431   8.513   1.00 0.00 ? 59  TYR A CG   1 
ATOM 942  C CD1  . TYR A 1 58  ? -8.256  6.750   9.564   1.00 0.00 ? 59  TYR A CD1  1 
ATOM 943  C CD2  . TYR A 1 58  ? -7.575  6.980   7.235   1.00 0.00 ? 59  TYR A CD2  1 
ATOM 944  C CE1  . TYR A 1 58  ? -9.328  7.632   9.343   1.00 0.00 ? 59  TYR A CE1  1 
ATOM 945  C CE2  . TYR A 1 58  ? -8.648  7.857   7.010   1.00 0.00 ? 59  TYR A CE2  1 
ATOM 946  C CZ   . TYR A 1 58  ? -9.531  8.185   8.060   1.00 0.00 ? 59  TYR A CZ   1 
ATOM 947  O OH   . TYR A 1 58  ? -10.607 8.988   7.827   1.00 0.00 ? 59  TYR A OH   1 
ATOM 948  H H    . TYR A 1 58  ? -4.871  7.742   8.814   1.00 0.00 ? 59  TYR A H    1 
ATOM 949  H HA   . TYR A 1 58  ? -5.848  5.884   10.804  1.00 0.00 ? 59  TYR A HA   1 
ATOM 950  H HB2  . TYR A 1 58  ? -5.639  5.378   7.826   1.00 0.00 ? 59  TYR A HB2  1 
ATOM 951  H HB3  . TYR A 1 58  ? -6.625  4.522   9.006   1.00 0.00 ? 59  TYR A HB3  1 
ATOM 952  H HD1  . TYR A 1 58  ? -8.115  6.312   10.541  1.00 0.00 ? 59  TYR A HD1  1 
ATOM 953  H HD2  . TYR A 1 58  ? -6.895  6.744   6.430   1.00 0.00 ? 59  TYR A HD2  1 
ATOM 954  H HE1  . TYR A 1 58  ? -9.996  7.890   10.151  1.00 0.00 ? 59  TYR A HE1  1 
ATOM 955  H HE2  . TYR A 1 58  ? -8.802  8.282   6.033   1.00 0.00 ? 59  TYR A HE2  1 
ATOM 956  H HH   . TYR A 1 58  ? -10.449 9.571   6.993   1.00 0.00 ? 59  TYR A HH   1 
ATOM 957  N N    . ALA A 1 59  ? -3.024  4.990   9.351   1.00 0.00 ? 60  ALA A N    1 
ATOM 958  C CA   . ALA A 1 59  ? -1.801  4.216   9.567   1.00 0.00 ? 60  ALA A CA   1 
ATOM 959  C C    . ALA A 1 59  ? -1.116  4.470   10.933  1.00 0.00 ? 60  ALA A C    1 
ATOM 960  O O    . ALA A 1 59  ? -0.271  3.677   11.337  1.00 0.00 ? 60  ALA A O    1 
ATOM 961  C CB   . ALA A 1 59  ? -0.838  4.513   8.425   1.00 0.00 ? 60  ALA A CB   1 
ATOM 962  H H    . ALA A 1 59  ? -3.016  5.655   8.578   1.00 0.00 ? 60  ALA A H    1 
ATOM 963  H HA   . ALA A 1 59  ? -2.048  3.160   9.486   1.00 0.00 ? 60  ALA A HA   1 
ATOM 964  H HB1  . ALA A 1 59  ? -1.312  4.281   7.473   1.00 0.00 ? 60  ALA A HB1  1 
ATOM 965  H HB2  . ALA A 1 59  ? -0.555  5.563   8.447   1.00 0.00 ? 60  ALA A HB2  1 
ATOM 966  H HB3  . ALA A 1 59  ? 0.057   3.900   8.537   1.00 0.00 ? 60  ALA A HB3  1 
ATOM 967  N N    . MET A 1 60  ? -1.461  5.558   11.638  1.00 0.00 ? 61  MET A N    1 
ATOM 968  C CA   . MET A 1 60  ? -1.050  5.858   13.017  1.00 0.00 ? 61  MET A CA   1 
ATOM 969  C C    . MET A 1 60  ? -2.048  5.309   14.056  1.00 0.00 ? 61  MET A C    1 
ATOM 970  O O    . MET A 1 60  ? -1.624  4.750   15.073  1.00 0.00 ? 61  MET A O    1 
ATOM 971  C CB   . MET A 1 60  ? -0.876  7.380   13.151  1.00 0.00 ? 61  MET A CB   1 
ATOM 972  C CG   . MET A 1 60  ? -0.455  7.835   14.553  1.00 0.00 ? 61  MET A CG   1 
ATOM 973  S SD   . MET A 1 60  ? -0.442  9.634   14.782  1.00 0.00 ? 61  MET A SD   1 
ATOM 974  C CE   . MET A 1 60  ? -2.224  9.984   14.755  1.00 0.00 ? 61  MET A CE   1 
ATOM 975  H H    . MET A 1 60  ? -2.009  6.258   11.149  1.00 0.00 ? 61  MET A H    1 
ATOM 976  H HA   . MET A 1 60  ? -0.084  5.387   13.209  1.00 0.00 ? 61  MET A HA   1 
ATOM 977  H HB2  . MET A 1 60  ? -0.121  7.716   12.438  1.00 0.00 ? 61  MET A HB2  1 
ATOM 978  H HB3  . MET A 1 60  ? -1.811  7.869   12.898  1.00 0.00 ? 61  MET A HB3  1 
ATOM 979  H HG2  . MET A 1 60  ? -1.133  7.415   15.293  1.00 0.00 ? 61  MET A HG2  1 
ATOM 980  H HG3  . MET A 1 60  ? 0.548   7.452   14.752  1.00 0.00 ? 61  MET A HG3  1 
ATOM 981  H HE1  . MET A 1 60  ? -2.728  9.392   15.518  1.00 0.00 ? 61  MET A HE1  1 
ATOM 982  H HE2  . MET A 1 60  ? -2.386  11.043  14.956  1.00 0.00 ? 61  MET A HE2  1 
ATOM 983  H HE3  . MET A 1 60  ? -2.640  9.744   13.777  1.00 0.00 ? 61  MET A HE3  1 
ATOM 984  N N    . LEU A 1 61  ? -3.361  5.478   13.824  1.00 0.00 ? 62  LEU A N    1 
ATOM 985  C CA   . LEU A 1 61  ? -4.446  4.905   14.634  1.00 0.00 ? 62  LEU A CA   1 
ATOM 986  C C    . LEU A 1 61  ? -4.340  3.376   14.643  1.00 0.00 ? 62  LEU A C    1 
ATOM 987  O O    . LEU A 1 61  ? -4.103  2.774   15.696  1.00 0.00 ? 62  LEU A O    1 
ATOM 988  C CB   . LEU A 1 61  ? -5.816  5.356   14.095  1.00 0.00 ? 62  LEU A CB   1 
ATOM 989  C CG   . LEU A 1 61  ? -6.182  6.829   14.357  1.00 0.00 ? 62  LEU A CG   1 
ATOM 990  C CD1  . LEU A 1 61  ? -7.481  7.131   13.606  1.00 0.00 ? 62  LEU A CD1  1 
ATOM 991  C CD2  . LEU A 1 61  ? -6.402  7.124   15.843  1.00 0.00 ? 62  LEU A CD2  1 
ATOM 992  H H    . LEU A 1 61  ? -3.609  6.031   13.005  1.00 0.00 ? 62  LEU A H    1 
ATOM 993  H HA   . LEU A 1 61  ? -4.334  5.239   15.664  1.00 0.00 ? 62  LEU A HA   1 
ATOM 994  H HB2  . LEU A 1 61  ? -5.843  5.174   13.020  1.00 0.00 ? 62  LEU A HB2  1 
ATOM 995  H HB3  . LEU A 1 61  ? -6.586  4.732   14.552  1.00 0.00 ? 62  LEU A HB3  1 
ATOM 996  H HG   . LEU A 1 61  ? -5.397  7.486   13.983  1.00 0.00 ? 62  LEU A HG   1 
ATOM 997  H HD11 . LEU A 1 61  ? -8.253  6.411   13.878  1.00 0.00 ? 62  LEU A HD11 1 
ATOM 998  H HD12 . LEU A 1 61  ? -7.833  8.128   13.857  1.00 0.00 ? 62  LEU A HD12 1 
ATOM 999  H HD13 . LEU A 1 61  ? -7.294  7.085   12.535  1.00 0.00 ? 62  LEU A HD13 1 
ATOM 1000 H HD21 . LEU A 1 61  ? -7.172  6.468   16.249  1.00 0.00 ? 62  LEU A HD21 1 
ATOM 1001 H HD22 . LEU A 1 61  ? -5.474  6.986   16.396  1.00 0.00 ? 62  LEU A HD22 1 
ATOM 1002 H HD23 . LEU A 1 61  ? -6.716  8.161   15.967  1.00 0.00 ? 62  LEU A HD23 1 
ATOM 1003 N N    . SER A 1 62  ? -4.485  2.751   13.470  1.00 0.00 ? 63  SER A N    1 
ATOM 1004 C CA   . SER A 1 62  ? -4.117  1.346   13.289  1.00 0.00 ? 63  SER A CA   1 
ATOM 1005 C C    . SER A 1 62  ? -2.605  1.241   13.516  1.00 0.00 ? 63  SER A C    1 
ATOM 1006 O O    . SER A 1 62  ? -1.860  2.148   13.150  1.00 0.00 ? 63  SER A O    1 
ATOM 1007 C CB   . SER A 1 62  ? -4.491  0.854   11.883  1.00 0.00 ? 63  SER A CB   1 
ATOM 1008 O OG   . SER A 1 62  ? -3.711  1.486   10.884  1.00 0.00 ? 63  SER A OG   1 
ATOM 1009 H H    . SER A 1 62  ? -4.601  3.330   12.645  1.00 0.00 ? 63  SER A H    1 
ATOM 1010 H HA   . SER A 1 62  ? -4.643  0.738   14.027  1.00 0.00 ? 63  SER A HA   1 
ATOM 1011 H HB2  . SER A 1 62  ? -4.310  -0.218  11.827  1.00 0.00 ? 63  SER A HB2  1 
ATOM 1012 H HB3  . SER A 1 62  ? -5.550  1.040   11.696  1.00 0.00 ? 63  SER A HB3  1 
ATOM 1013 H HG   . SER A 1 62  ? -3.946  2.453   10.881  1.00 0.00 ? 63  SER A HG   1 
ATOM 1014 N N    . LYS A 1 63  ? -2.116  0.159   14.129  1.00 0.00 ? 64  LYS A N    1 
ATOM 1015 C CA   . LYS A 1 63  ? -0.671  -0.004  14.341  1.00 0.00 ? 64  LYS A CA   1 
ATOM 1016 C C    . LYS A 1 63  ? -0.070  -0.590  13.063  1.00 0.00 ? 64  LYS A C    1 
ATOM 1017 O O    . LYS A 1 63  ? 0.072   -1.804  12.912  1.00 0.00 ? 64  LYS A O    1 
ATOM 1018 C CB   . LYS A 1 63  ? -0.391  -0.749  15.656  1.00 0.00 ? 64  LYS A CB   1 
ATOM 1019 C CG   . LYS A 1 63  ? -0.914  0.055   16.871  1.00 0.00 ? 64  LYS A CG   1 
ATOM 1020 C CD   . LYS A 1 63  ? -0.127  1.351   17.160  1.00 0.00 ? 64  LYS A CD   1 
ATOM 1021 C CE   . LYS A 1 63  ? -0.916  2.343   18.026  1.00 0.00 ? 64  LYS A CE   1 
ATOM 1022 N NZ   . LYS A 1 63  ? -1.903  3.134   17.245  1.00 0.00 ? 64  LYS A NZ   1 
ATOM 1023 H H    . LYS A 1 63  ? -2.752  -0.571  14.415  1.00 0.00 ? 64  LYS A H    1 
ATOM 1024 H HA   . LYS A 1 63  ? -0.217  0.980   14.431  1.00 0.00 ? 64  LYS A HA   1 
ATOM 1025 H HB2  . LYS A 1 63  ? -0.885  -1.723  15.632  1.00 0.00 ? 64  LYS A HB2  1 
ATOM 1026 H HB3  . LYS A 1 63  ? 0.681   -0.909  15.766  1.00 0.00 ? 64  LYS A HB3  1 
ATOM 1027 H HG2  . LYS A 1 63  ? -1.967  0.295   16.720  1.00 0.00 ? 64  LYS A HG2  1 
ATOM 1028 H HG3  . LYS A 1 63  ? -0.856  -0.579  17.756  1.00 0.00 ? 64  LYS A HG3  1 
ATOM 1029 H HD2  . LYS A 1 63  ? 0.789   1.079   17.688  1.00 0.00 ? 64  LYS A HD2  1 
ATOM 1030 H HD3  . LYS A 1 63  ? 0.168   1.862   16.244  1.00 0.00 ? 64  LYS A HD3  1 
ATOM 1031 H HE2  . LYS A 1 63  ? -1.418  1.794   18.828  1.00 0.00 ? 64  LYS A HE2  1 
ATOM 1032 H HE3  . LYS A 1 63  ? -0.201  3.031   18.486  1.00 0.00 ? 64  LYS A HE3  1 
ATOM 1033 H HZ1  . LYS A 1 63  ? -1.476  3.658   16.475  1.00 0.00 ? 64  LYS A HZ1  1 
ATOM 1034 H HZ2  . LYS A 1 63  ? -2.629  2.566   16.805  1.00 0.00 ? 64  LYS A HZ2  1 
ATOM 1035 H HZ3  . LYS A 1 63  ? -2.374  3.807   17.830  1.00 0.00 ? 64  LYS A HZ3  1 
ATOM 1036 N N    . THR A 1 64  ? 0.214   0.325   12.135  1.00 0.00 ? 65  THR A N    1 
ATOM 1037 C CA   . THR A 1 64  ? 0.527   0.104   10.720  1.00 0.00 ? 65  THR A CA   1 
ATOM 1038 C C    . THR A 1 64  ? 1.792   0.879   10.293  1.00 0.00 ? 65  THR A C    1 
ATOM 1039 O O    . THR A 1 64  ? 2.220   1.810   10.973  1.00 0.00 ? 65  THR A O    1 
ATOM 1040 C CB   . THR A 1 64  ? -0.728  0.589   9.960   1.00 0.00 ? 65  THR A CB   1 
ATOM 1041 O OG1  . THR A 1 64  ? -1.865  -0.209  10.233  1.00 0.00 ? 65  THR A OG1  1 
ATOM 1042 C CG2  . THR A 1 64  ? -0.655  0.699   8.448   1.00 0.00 ? 65  THR A CG2  1 
ATOM 1043 H H    . THR A 1 64  ? 0.003   1.290   12.378  1.00 0.00 ? 65  THR A H    1 
ATOM 1044 H HA   . THR A 1 64  ? 0.676   -0.956  10.531  1.00 0.00 ? 65  THR A HA   1 
ATOM 1045 H HB   . THR A 1 64  ? -0.957  1.583   10.331  1.00 0.00 ? 65  THR A HB   1 
ATOM 1046 H HG1  . THR A 1 64  ? -2.556  0.442   10.530  1.00 0.00 ? 65  THR A HG1  1 
ATOM 1047 H HG21 . THR A 1 64  ? -0.367  -0.248  8.007   1.00 0.00 ? 65  THR A HG21 1 
ATOM 1048 H HG22 . THR A 1 64  ? -1.646  0.974   8.086   1.00 0.00 ? 65  THR A HG22 1 
ATOM 1049 H HG23 . THR A 1 64  ? 0.047   1.481   8.157   1.00 0.00 ? 65  THR A HG23 1 
ATOM 1050 N N    . LYS A 1 65  ? 2.387   0.518   9.147   1.00 0.00 ? 66  LYS A N    1 
ATOM 1051 C CA   . LYS A 1 65  ? 3.482   1.239   8.475   1.00 0.00 ? 66  LYS A CA   1 
ATOM 1052 C C    . LYS A 1 65  ? 2.989   1.900   7.178   1.00 0.00 ? 66  LYS A C    1 
ATOM 1053 O O    . LYS A 1 65  ? 2.231   1.300   6.420   1.00 0.00 ? 66  LYS A O    1 
ATOM 1054 C CB   . LYS A 1 65  ? 4.625   0.236   8.226   1.00 0.00 ? 66  LYS A CB   1 
ATOM 1055 C CG   . LYS A 1 65  ? 5.794   0.714   7.343   1.00 0.00 ? 66  LYS A CG   1 
ATOM 1056 C CD   . LYS A 1 65  ? 6.551   1.980   7.788   1.00 0.00 ? 66  LYS A CD   1 
ATOM 1057 C CE   . LYS A 1 65  ? 7.176   1.954   9.188   1.00 0.00 ? 66  LYS A CE   1 
ATOM 1058 N NZ   . LYS A 1 65  ? 8.225   0.921   9.305   1.00 0.00 ? 66  LYS A NZ   1 
ATOM 1059 H H    . LYS A 1 65  ? 2.055   -0.337  8.702   1.00 0.00 ? 66  LYS A H    1 
ATOM 1060 H HA   . LYS A 1 65  ? 3.846   2.025   9.136   1.00 0.00 ? 66  LYS A HA   1 
ATOM 1061 H HB2  . LYS A 1 65  ? 5.018   -0.082  9.192   1.00 0.00 ? 66  LYS A HB2  1 
ATOM 1062 H HB3  . LYS A 1 65  ? 4.206   -0.649  7.742   1.00 0.00 ? 66  LYS A HB3  1 
ATOM 1063 H HG2  . LYS A 1 65  ? 6.507   -0.107  7.268   1.00 0.00 ? 66  LYS A HG2  1 
ATOM 1064 H HG3  . LYS A 1 65  ? 5.418   0.889   6.334   1.00 0.00 ? 66  LYS A HG3  1 
ATOM 1065 H HD2  . LYS A 1 65  ? 7.346   2.165   7.061   1.00 0.00 ? 66  LYS A HD2  1 
ATOM 1066 H HD3  . LYS A 1 65  ? 5.886   2.838   7.744   1.00 0.00 ? 66  LYS A HD3  1 
ATOM 1067 H HE2  . LYS A 1 65  ? 7.624   2.936   9.365   1.00 0.00 ? 66  LYS A HE2  1 
ATOM 1068 H HE3  . LYS A 1 65  ? 6.398   1.794   9.938   1.00 0.00 ? 66  LYS A HE3  1 
ATOM 1069 H HZ1  . LYS A 1 65  ? 8.724   0.772   8.412   1.00 0.00 ? 66  LYS A HZ1  1 
ATOM 1070 H HZ2  . LYS A 1 65  ? 8.924   1.120   10.005  1.00 0.00 ? 66  LYS A HZ2  1 
ATOM 1071 H HZ3  . LYS A 1 65  ? 7.847   0.003   9.487   1.00 0.00 ? 66  LYS A HZ3  1 
ATOM 1072 N N    . VAL A 1 66  ? 3.451   3.127   6.914   1.00 0.00 ? 67  VAL A N    1 
ATOM 1073 C CA   . VAL A 1 66  ? 3.261   3.859   5.653   1.00 0.00 ? 67  VAL A CA   1 
ATOM 1074 C C    . VAL A 1 66  ? 4.485   3.688   4.753   1.00 0.00 ? 67  VAL A C    1 
ATOM 1075 O O    . VAL A 1 66  ? 5.609   3.942   5.186   1.00 0.00 ? 67  VAL A O    1 
ATOM 1076 C CB   . VAL A 1 66  ? 3.036   5.366   5.918   1.00 0.00 ? 67  VAL A CB   1 
ATOM 1077 C CG1  . VAL A 1 66  ? 2.700   6.118   4.622   1.00 0.00 ? 67  VAL A CG1  1 
ATOM 1078 C CG2  . VAL A 1 66  ? 1.881   5.608   6.894   1.00 0.00 ? 67  VAL A CG2  1 
ATOM 1079 H H    . VAL A 1 66  ? 4.056   3.554   7.596   1.00 0.00 ? 67  VAL A H    1 
ATOM 1080 H HA   . VAL A 1 66  ? 2.391   3.462   5.132   1.00 0.00 ? 67  VAL A HA   1 
ATOM 1081 H HB   . VAL A 1 66  ? 3.940   5.798   6.350   1.00 0.00 ? 67  VAL A HB   1 
ATOM 1082 H HG11 . VAL A 1 66  ? 1.833   5.671   4.138   1.00 0.00 ? 67  VAL A HG11 1 
ATOM 1083 H HG12 . VAL A 1 66  ? 2.476   7.161   4.850   1.00 0.00 ? 67  VAL A HG12 1 
ATOM 1084 H HG13 . VAL A 1 66  ? 3.548   6.095   3.937   1.00 0.00 ? 67  VAL A HG13 1 
ATOM 1085 H HG21 . VAL A 1 66  ? 0.972   5.165   6.498   1.00 0.00 ? 67  VAL A HG21 1 
ATOM 1086 H HG22 . VAL A 1 66  ? 2.100   5.170   7.868   1.00 0.00 ? 67  VAL A HG22 1 
ATOM 1087 H HG23 . VAL A 1 66  ? 1.731   6.678   7.032   1.00 0.00 ? 67  VAL A HG23 1 
ATOM 1088 N N    . TYR A 1 67  ? 4.264   3.324   3.488   1.00 0.00 ? 68  TYR A N    1 
ATOM 1089 C CA   . TYR A 1 67  ? 5.289   3.283   2.448   1.00 0.00 ? 68  TYR A CA   1 
ATOM 1090 C C    . TYR A 1 67  ? 4.901   4.186   1.270   1.00 0.00 ? 68  TYR A C    1 
ATOM 1091 O O    . TYR A 1 67  ? 3.982   3.898   0.499   1.00 0.00 ? 68  TYR A O    1 
ATOM 1092 C CB   . TYR A 1 67  ? 5.519   1.835   2.016   1.00 0.00 ? 68  TYR A CB   1 
ATOM 1093 C CG   . TYR A 1 67  ? 6.671   1.653   1.048   1.00 0.00 ? 68  TYR A CG   1 
ATOM 1094 C CD1  . TYR A 1 67  ? 6.463   1.776   -0.342  1.00 0.00 ? 68  TYR A CD1  1 
ATOM 1095 C CD2  . TYR A 1 67  ? 7.953   1.349   1.543   1.00 0.00 ? 68  TYR A CD2  1 
ATOM 1096 C CE1  . TYR A 1 67  ? 7.526   1.554   -1.233  1.00 0.00 ? 68  TYR A CE1  1 
ATOM 1097 C CE2  . TYR A 1 67  ? 9.020   1.127   0.652   1.00 0.00 ? 68  TYR A CE2  1 
ATOM 1098 C CZ   . TYR A 1 67  ? 8.793   1.197   -0.738  1.00 0.00 ? 68  TYR A CZ   1 
ATOM 1099 O OH   . TYR A 1 67  ? 9.793   0.918   -1.612  1.00 0.00 ? 68  TYR A OH   1 
ATOM 1100 H H    . TYR A 1 67  ? 3.330   3.011   3.226   1.00 0.00 ? 68  TYR A H    1 
ATOM 1101 H HA   . TYR A 1 67  ? 6.235   3.644   2.856   1.00 0.00 ? 68  TYR A HA   1 
ATOM 1102 H HB2  . TYR A 1 67  ? 5.706   1.223   2.900   1.00 0.00 ? 68  TYR A HB2  1 
ATOM 1103 H HB3  . TYR A 1 67  ? 4.607   1.476   1.553   1.00 0.00 ? 68  TYR A HB3  1 
ATOM 1104 H HD1  . TYR A 1 67  ? 5.486   2.019   -0.735  1.00 0.00 ? 68  TYR A HD1  1 
ATOM 1105 H HD2  . TYR A 1 67  ? 8.112   1.256   2.611   1.00 0.00 ? 68  TYR A HD2  1 
ATOM 1106 H HE1  . TYR A 1 67  ? 7.378   1.609   -2.299  1.00 0.00 ? 68  TYR A HE1  1 
ATOM 1107 H HE2  . TYR A 1 67  ? 9.992   0.865   1.039   1.00 0.00 ? 68  TYR A HE2  1 
ATOM 1108 H HH   . TYR A 1 67  ? 10.348  0.205   -1.288  1.00 0.00 ? 68  TYR A HH   1 
ATOM 1109 N N    . TYR A 1 68  ? 5.629   5.294   1.117   1.00 0.00 ? 69  TYR A N    1 
ATOM 1110 C CA   . TYR A 1 68  ? 5.476   6.175   -0.035  1.00 0.00 ? 69  TYR A CA   1 
ATOM 1111 C C    . TYR A 1 68  ? 6.187   5.596   -1.256  1.00 0.00 ? 69  TYR A C    1 
ATOM 1112 O O    . TYR A 1 68  ? 7.399   5.358   -1.245  1.00 0.00 ? 69  TYR A O    1 
ATOM 1113 C CB   . TYR A 1 68  ? 5.989   7.581   0.299   1.00 0.00 ? 69  TYR A CB   1 
ATOM 1114 C CG   . TYR A 1 68  ? 5.040   8.303   1.227   1.00 0.00 ? 69  TYR A CG   1 
ATOM 1115 C CD1  . TYR A 1 68  ? 3.819   8.783   0.716   1.00 0.00 ? 69  TYR A CD1  1 
ATOM 1116 C CD2  . TYR A 1 68  ? 5.327   8.411   2.602   1.00 0.00 ? 69  TYR A CD2  1 
ATOM 1117 C CE1  . TYR A 1 68  ? 2.871   9.336   1.589   1.00 0.00 ? 69  TYR A CE1  1 
ATOM 1118 C CE2  . TYR A 1 68  ? 4.376   8.963   3.477   1.00 0.00 ? 69  TYR A CE2  1 
ATOM 1119 C CZ   . TYR A 1 68  ? 3.136   9.410   2.973   1.00 0.00 ? 69  TYR A CZ   1 
ATOM 1120 O OH   . TYR A 1 68  ? 2.201   9.929   3.812   1.00 0.00 ? 69  TYR A OH   1 
ATOM 1121 H H    . TYR A 1 68  ? 6.340   5.509   1.794   1.00 0.00 ? 69  TYR A H    1 
ATOM 1122 H HA   . TYR A 1 68  ? 4.413   6.258   -0.274  1.00 0.00 ? 69  TYR A HA   1 
ATOM 1123 H HB2  . TYR A 1 68  ? 6.983   7.524   0.746   1.00 0.00 ? 69  TYR A HB2  1 
ATOM 1124 H HB3  . TYR A 1 68  ? 6.068   8.164   -0.619  1.00 0.00 ? 69  TYR A HB3  1 
ATOM 1125 H HD1  . TYR A 1 68  ? 3.588   8.710   -0.341  1.00 0.00 ? 69  TYR A HD1  1 
ATOM 1126 H HD2  . TYR A 1 68  ? 6.261   8.049   3.000   1.00 0.00 ? 69  TYR A HD2  1 
ATOM 1127 H HE1  . TYR A 1 68  ? 1.925   9.679   1.202   1.00 0.00 ? 69  TYR A HE1  1 
ATOM 1128 H HE2  . TYR A 1 68  ? 4.574   9.012   4.539   1.00 0.00 ? 69  TYR A HE2  1 
ATOM 1129 H HH   . TYR A 1 68  ? 2.485   9.924   4.798   1.00 0.00 ? 69  TYR A HH   1 
ATOM 1130 N N    . PHE A 1 69  ? 5.409   5.406   -2.321  1.00 0.00 ? 70  PHE A N    1 
ATOM 1131 C CA   . PHE A 1 69  ? 5.837   5.011   -3.658  1.00 0.00 ? 70  PHE A CA   1 
ATOM 1132 C C    . PHE A 1 69  ? 5.267   6.009   -4.685  1.00 0.00 ? 70  PHE A C    1 
ATOM 1133 O O    . PHE A 1 69  ? 4.887   5.670   -5.803  1.00 0.00 ? 70  PHE A O    1 
ATOM 1134 C CB   . PHE A 1 69  ? 5.412   3.553   -3.847  1.00 0.00 ? 70  PHE A CB   1 
ATOM 1135 C CG   . PHE A 1 69  ? 5.844   2.826   -5.109  1.00 0.00 ? 70  PHE A CG   1 
ATOM 1136 C CD1  . PHE A 1 69  ? 6.707   3.398   -6.067  1.00 0.00 ? 70  PHE A CD1  1 
ATOM 1137 C CD2  . PHE A 1 69  ? 5.338   1.534   -5.321  1.00 0.00 ? 70  PHE A CD2  1 
ATOM 1138 C CE1  . PHE A 1 69  ? 7.028   2.696   -7.240  1.00 0.00 ? 70  PHE A CE1  1 
ATOM 1139 C CE2  . PHE A 1 69  ? 5.670   0.825   -6.491  1.00 0.00 ? 70  PHE A CE2  1 
ATOM 1140 C CZ   . PHE A 1 69  ? 6.510   1.411   -7.450  1.00 0.00 ? 70  PHE A CZ   1 
ATOM 1141 H H    . PHE A 1 69  ? 4.407   5.559   -2.231  1.00 0.00 ? 70  PHE A H    1 
ATOM 1142 H HA   . PHE A 1 69  ? 6.922   5.066   -3.720  1.00 0.00 ? 70  PHE A HA   1 
ATOM 1143 H HB2  . PHE A 1 69  ? 5.797   2.991   -3.000  1.00 0.00 ? 70  PHE A HB2  1 
ATOM 1144 H HB3  . PHE A 1 69  ? 4.329   3.507   -3.766  1.00 0.00 ? 70  PHE A HB3  1 
ATOM 1145 H HD1  . PHE A 1 69  ? 7.102   4.393   -5.945  1.00 0.00 ? 70  PHE A HD1  1 
ATOM 1146 H HD2  . PHE A 1 69  ? 4.683   1.108   -4.575  1.00 0.00 ? 70  PHE A HD2  1 
ATOM 1147 H HE1  . PHE A 1 69  ? 7.660   3.151   -7.987  1.00 0.00 ? 70  PHE A HE1  1 
ATOM 1148 H HE2  . PHE A 1 69  ? 5.285   -0.166  -6.676  1.00 0.00 ? 70  PHE A HE2  1 
ATOM 1149 H HZ   . PHE A 1 69  ? 6.752   0.873   -8.351  1.00 0.00 ? 70  PHE A HZ   1 
ATOM 1150 N N    . GLN A 1 70  ? 5.178   7.275   -4.272  1.00 0.00 ? 71  GLN A N    1 
ATOM 1151 C CA   . GLN A 1 70  ? 4.498   8.347   -4.981  1.00 0.00 ? 71  GLN A CA   1 
ATOM 1152 C C    . GLN A 1 70  ? 5.317   8.855   -6.182  1.00 0.00 ? 71  GLN A C    1 
ATOM 1153 O O    . GLN A 1 70  ? 5.766   9.997   -6.210  1.00 0.00 ? 71  GLN A O    1 
ATOM 1154 C CB   . GLN A 1 70  ? 4.112   9.415   -3.944  1.00 0.00 ? 71  GLN A CB   1 
ATOM 1155 C CG   . GLN A 1 70  ? 3.122   10.460  -4.485  1.00 0.00 ? 71  GLN A CG   1 
ATOM 1156 C CD   . GLN A 1 70  ? 2.338   11.176  -3.380  1.00 0.00 ? 71  GLN A CD   1 
ATOM 1157 O OE1  . GLN A 1 70  ? 1.981   10.611  -2.357  1.00 0.00 ? 71  GLN A OE1  1 
ATOM 1158 N NE2  . GLN A 1 70  ? 2.003   12.440  -3.566  1.00 0.00 ? 71  GLN A NE2  1 
ATOM 1159 H H    . GLN A 1 70  ? 5.499   7.470   -3.337  1.00 0.00 ? 71  GLN A H    1 
ATOM 1160 H HA   . GLN A 1 70  ? 3.573   7.931   -5.375  1.00 0.00 ? 71  GLN A HA   1 
ATOM 1161 H HB2  . GLN A 1 70  ? 3.646   8.896   -3.104  1.00 0.00 ? 71  GLN A HB2  1 
ATOM 1162 H HB3  . GLN A 1 70  ? 5.009   9.912   -3.579  1.00 0.00 ? 71  GLN A HB3  1 
ATOM 1163 H HG2  . GLN A 1 70  ? 3.669   11.193  -5.076  1.00 0.00 ? 71  GLN A HG2  1 
ATOM 1164 H HG3  . GLN A 1 70  ? 2.410   9.967   -5.143  1.00 0.00 ? 71  GLN A HG3  1 
ATOM 1165 H HE21 . GLN A 1 70  ? 2.322   12.968  -4.358  1.00 0.00 ? 71  GLN A HE21 1 
ATOM 1166 H HE22 . GLN A 1 70  ? 1.424   12.853  -2.831  1.00 0.00 ? 71  GLN A HE22 1 
ATOM 1167 N N    . GLY A 1 71  ? 5.453   8.004   -7.209  1.00 0.00 ? 72  GLY A N    1 
ATOM 1168 C CA   . GLY A 1 71  ? 6.071   8.303   -8.510  1.00 0.00 ? 72  GLY A CA   1 
ATOM 1169 C C    . GLY A 1 71  ? 5.322   9.345   -9.344  1.00 0.00 ? 72  GLY A C    1 
ATOM 1170 O O    . GLY A 1 71  ? 5.791   9.726   -10.413 1.00 0.00 ? 72  GLY A O    1 
ATOM 1171 H H    . GLY A 1 71  ? 5.116   7.056   -7.048  1.00 0.00 ? 72  GLY A H    1 
ATOM 1172 H HA2  . GLY A 1 71  ? 7.090   8.658   -8.357  1.00 0.00 ? 72  GLY A HA2  1 
ATOM 1173 H HA3  . GLY A 1 71  ? 6.107   7.391   -9.107  1.00 0.00 ? 72  GLY A HA3  1 
ATOM 1174 N N    . GLY A 1 72  ? 4.155   9.801   -8.874  1.00 0.00 ? 73  GLY A N    1 
ATOM 1175 C CA   . GLY A 1 72  ? 3.338   10.816  -9.533  1.00 0.00 ? 73  GLY A CA   1 
ATOM 1176 C C    . GLY A 1 72  ? 2.628   10.320  -10.796 1.00 0.00 ? 73  GLY A C    1 
ATOM 1177 O O    . GLY A 1 72  ? 2.098   11.148  -11.541 1.00 0.00 ? 73  GLY A O    1 
ATOM 1178 H H    . GLY A 1 72  ? 3.871   9.451   -7.974  1.00 0.00 ? 73  GLY A H    1 
ATOM 1179 H HA2  . GLY A 1 72  ? 2.584   11.174  -8.832  1.00 0.00 ? 73  GLY A HA2  1 
ATOM 1180 H HA3  . GLY A 1 72  ? 3.973   11.658  -9.811  1.00 0.00 ? 73  GLY A HA3  1 
ATOM 1181 N N    . ASN A 1 73  ? 2.639   9.010   -11.072 1.00 0.00 ? 74  ASN A N    1 
ATOM 1182 C CA   . ASN A 1 73  ? 2.025   8.401   -12.248 1.00 0.00 ? 74  ASN A CA   1 
ATOM 1183 C C    . ASN A 1 73  ? 1.154   7.191   -11.860 1.00 0.00 ? 74  ASN A C    1 
ATOM 1184 O O    . ASN A 1 73  ? -0.045  7.378   -11.664 1.00 0.00 ? 74  ASN A O    1 
ATOM 1185 C CB   . ASN A 1 73  ? 3.118   8.099   -13.298 1.00 0.00 ? 74  ASN A CB   1 
ATOM 1186 C CG   . ASN A 1 73  ? 3.372   9.198   -14.327 1.00 0.00 ? 74  ASN A CG   1 
ATOM 1187 O OD1  . ASN A 1 73  ? 3.739   8.923   -15.459 1.00 0.00 ? 74  ASN A OD1  1 
ATOM 1188 N ND2  . ASN A 1 73  ? 3.189   10.463  -14.009 1.00 0.00 ? 74  ASN A ND2  1 
ATOM 1189 H H    . ASN A 1 73  ? 3.160   8.397   -10.457 1.00 0.00 ? 74  ASN A H    1 
ATOM 1190 H HA   . ASN A 1 73  ? 1.320   9.106   -12.692 1.00 0.00 ? 74  ASN A HA   1 
ATOM 1191 H HB2  . ASN A 1 73  ? 4.061   7.874   -12.795 1.00 0.00 ? 74  ASN A HB2  1 
ATOM 1192 H HB3  . ASN A 1 73  ? 2.830   7.220   -13.872 1.00 0.00 ? 74  ASN A HB3  1 
ATOM 1193 H HD21 . ASN A 1 73  ? 2.835   10.752  -13.099 1.00 0.00 ? 74  ASN A HD21 1 
ATOM 1194 H HD22 . ASN A 1 73  ? 3.396   11.111  -14.747 1.00 0.00 ? 74  ASN A HD22 1 
ATOM 1195 N N    . ASN A 1 74  ? 1.706   5.969   -11.786 1.00 0.00 ? 75  ASN A N    1 
ATOM 1196 C CA   . ASN A 1 74  ? 0.892   4.740   -11.679 1.00 0.00 ? 75  ASN A CA   1 
ATOM 1197 C C    . ASN A 1 74  ? 1.648   3.428   -11.372 1.00 0.00 ? 75  ASN A C    1 
ATOM 1198 O O    . ASN A 1 74  ? 1.102   2.336   -11.536 1.00 0.00 ? 75  ASN A O    1 
ATOM 1199 C CB   . ASN A 1 74  ? 0.165   4.560   -13.029 1.00 0.00 ? 75  ASN A CB   1 
ATOM 1200 C CG   . ASN A 1 74  ? 0.998   4.002   -14.184 1.00 0.00 ? 75  ASN A CG   1 
ATOM 1201 O OD1  . ASN A 1 74  ? 0.444   3.313   -15.031 1.00 0.00 ? 75  ASN A OD1  1 
ATOM 1202 N ND2  . ASN A 1 74  ? 2.289   4.245   -14.320 1.00 0.00 ? 75  ASN A ND2  1 
ATOM 1203 H H    . ASN A 1 74  ? 2.721   5.910   -11.908 1.00 0.00 ? 75  ASN A H    1 
ATOM 1204 H HA   . ASN A 1 74  ? 0.156   4.889   -10.890 1.00 0.00 ? 75  ASN A HA   1 
ATOM 1205 H HB2  . ASN A 1 74  ? -0.652  3.862   -12.859 1.00 0.00 ? 75  ASN A HB2  1 
ATOM 1206 H HB3  . ASN A 1 74  ? -0.283  5.495   -13.356 1.00 0.00 ? 75  ASN A HB3  1 
ATOM 1207 H HD21 . ASN A 1 74  ? 2.910   4.752   -13.667 1.00 0.00 ? 75  ASN A HD21 1 
ATOM 1208 H HD22 . ASN A 1 74  ? 2.695   3.835   -15.140 1.00 0.00 ? 75  ASN A HD22 1 
ATOM 1209 N N    . GLU A 1 75  ? 2.902   3.528   -10.949 1.00 0.00 ? 76  GLU A N    1 
ATOM 1210 C CA   . GLU A 1 75  ? 3.921   2.470   -10.975 1.00 0.00 ? 76  GLU A CA   1 
ATOM 1211 C C    . GLU A 1 75  ? 3.562   1.163   -10.253 1.00 0.00 ? 76  GLU A C    1 
ATOM 1212 O O    . GLU A 1 75  ? 4.016   0.093   -10.677 1.00 0.00 ? 76  GLU A O    1 
ATOM 1213 C CB   . GLU A 1 75  ? 5.257   3.060   -10.483 1.00 0.00 ? 76  GLU A CB   1 
ATOM 1214 C CG   . GLU A 1 75  ? 5.866   4.140   -11.413 1.00 0.00 ? 76  GLU A CG   1 
ATOM 1215 C CD   . GLU A 1 75  ? 4.889   5.286   -11.719 1.00 0.00 ? 76  GLU A CD   1 
ATOM 1216 O OE1  . GLU A 1 75  ? 4.474   5.992   -10.773 1.00 0.00 ? 76  GLU A OE1  1 
ATOM 1217 O OE2  . GLU A 1 75  ? 4.302   5.284   -12.826 1.00 0.00 ? 76  GLU A OE2  1 
ATOM 1218 H H    . GLU A 1 75  ? 3.233   4.471   -10.749 1.00 0.00 ? 76  GLU A H    1 
ATOM 1219 H HA   . GLU A 1 75  ? 4.064   2.190   -12.021 1.00 0.00 ? 76  GLU A HA   1 
ATOM 1220 H HB2  . GLU A 1 75  ? 5.108   3.485   -9.490  1.00 0.00 ? 76  GLU A HB2  1 
ATOM 1221 H HB3  . GLU A 1 75  ? 5.980   2.249   -10.394 1.00 0.00 ? 76  GLU A HB3  1 
ATOM 1222 H HG2  . GLU A 1 75  ? 6.762   4.546   -10.939 1.00 0.00 ? 76  GLU A HG2  1 
ATOM 1223 H HG3  . GLU A 1 75  ? 6.171   3.663   -12.348 1.00 0.00 ? 76  GLU A HG3  1 
ATOM 1224 N N    . LEU A 1 76  ? 2.720   1.224   -9.217  1.00 0.00 ? 77  LEU A N    1 
ATOM 1225 C CA   . LEU A 1 76  ? 2.226   0.058   -8.480  1.00 0.00 ? 77  LEU A CA   1 
ATOM 1226 C C    . LEU A 1 76  ? 0.962   -0.578  -9.085  1.00 0.00 ? 77  LEU A C    1 
ATOM 1227 O O    . LEU A 1 76  ? 0.652   -1.730  -8.773  1.00 0.00 ? 77  LEU A O    1 
ATOM 1228 C CB   . LEU A 1 76  ? 1.977   0.501   -7.037  1.00 0.00 ? 77  LEU A CB   1 
ATOM 1229 C CG   . LEU A 1 76  ? 1.688   -0.630  -6.034  1.00 0.00 ? 77  LEU A CG   1 
ATOM 1230 C CD1  . LEU A 1 76  ? 2.842   -1.621  -5.852  1.00 0.00 ? 77  LEU A CD1  1 
ATOM 1231 C CD2  . LEU A 1 76  ? 1.447   0.043   -4.694  1.00 0.00 ? 77  LEU A CD2  1 
ATOM 1232 H H    . LEU A 1 76  ? 2.409   2.145   -8.943  1.00 0.00 ? 77  LEU A H    1 
ATOM 1233 H HA   . LEU A 1 76  ? 3.007   -0.700  -8.481  1.00 0.00 ? 77  LEU A HA   1 
ATOM 1234 H HB2  . LEU A 1 76  ? 2.849   1.058   -6.694  1.00 0.00 ? 77  LEU A HB2  1 
ATOM 1235 H HB3  . LEU A 1 76  ? 1.124   1.180   -7.043  1.00 0.00 ? 77  LEU A HB3  1 
ATOM 1236 H HG   . LEU A 1 76  ? 0.783   -1.167  -6.311  1.00 0.00 ? 77  LEU A HG   1 
ATOM 1237 H HD11 . LEU A 1 76  ? 3.103   -2.079  -6.804  1.00 0.00 ? 77  LEU A HD11 1 
ATOM 1238 H HD12 . LEU A 1 76  ? 3.715   -1.116  -5.447  1.00 0.00 ? 77  LEU A HD12 1 
ATOM 1239 H HD13 . LEU A 1 76  ? 2.535   -2.406  -5.159  1.00 0.00 ? 77  LEU A HD13 1 
ATOM 1240 H HD21 . LEU A 1 76  ? 2.303   0.668   -4.475  1.00 0.00 ? 77  LEU A HD21 1 
ATOM 1241 H HD22 . LEU A 1 76  ? 0.567   0.680   -4.757  1.00 0.00 ? 77  LEU A HD22 1 
ATOM 1242 H HD23 . LEU A 1 76  ? 1.310   -0.703  -3.910  1.00 0.00 ? 77  LEU A HD23 1 
ATOM 1243 N N    . GLY A 1 77  ? 0.259   0.125   -9.989  1.00 0.00 ? 78  GLY A N    1 
ATOM 1244 C CA   . GLY A 1 77  ? -0.862  -0.418  -10.766 1.00 0.00 ? 78  GLY A CA   1 
ATOM 1245 C C    . GLY A 1 77  ? -0.477  -1.729  -11.458 1.00 0.00 ? 78  GLY A C    1 
ATOM 1246 O O    . GLY A 1 77  ? -1.271  -2.669  -11.501 1.00 0.00 ? 78  GLY A O    1 
ATOM 1247 H H    . GLY A 1 77  ? 0.616   1.036   -10.272 1.00 0.00 ? 78  GLY A H    1 
ATOM 1248 H HA2  . GLY A 1 77  ? -1.711  -0.597  -10.108 1.00 0.00 ? 78  GLY A HA2  1 
ATOM 1249 H HA3  . GLY A 1 77  ? -1.162  0.305   -11.525 1.00 0.00 ? 78  GLY A HA3  1 
ATOM 1250 N N    . THR A 1 78  ? 0.784   -1.791  -11.907 1.00 0.00 ? 79  THR A N    1 
ATOM 1251 C CA   . THR A 1 78  ? 1.530   -2.944  -12.415 1.00 0.00 ? 79  THR A CA   1 
ATOM 1252 C C    . THR A 1 78  ? 1.307   -4.197  -11.557 1.00 0.00 ? 79  THR A C    1 
ATOM 1253 O O    . THR A 1 78  ? 0.818   -5.213  -12.059 1.00 0.00 ? 79  THR A O    1 
ATOM 1254 C CB   . THR A 1 78  ? 3.037   -2.593  -12.469 1.00 0.00 ? 79  THR A CB   1 
ATOM 1255 O OG1  . THR A 1 78  ? 3.247   -1.235  -12.804 1.00 0.00 ? 79  THR A OG1  1 
ATOM 1256 C CG2  . THR A 1 78  ? 3.784   -3.457  -13.484 1.00 0.00 ? 79  THR A CG2  1 
ATOM 1257 H H    . THR A 1 78  ? 1.328   -0.939  -11.853 1.00 0.00 ? 79  THR A H    1 
ATOM 1258 H HA   . THR A 1 78  ? 1.182   -3.154  -13.425 1.00 0.00 ? 79  THR A HA   1 
ATOM 1259 H HB   . THR A 1 78  ? 3.483   -2.755  -11.491 1.00 0.00 ? 79  THR A HB   1 
ATOM 1260 H HG1  . THR A 1 78  ? 3.620   -0.779  -12.014 1.00 0.00 ? 79  THR A HG1  1 
ATOM 1261 H HG21 . THR A 1 78  ? 3.679   -4.511  -13.223 1.00 0.00 ? 79  THR A HG21 1 
ATOM 1262 H HG22 . THR A 1 78  ? 3.388   -3.283  -14.485 1.00 0.00 ? 79  THR A HG22 1 
ATOM 1263 H HG23 . THR A 1 78  ? 4.841   -3.194  -13.473 1.00 0.00 ? 79  THR A HG23 1 
ATOM 1264 N N    . ALA A 1 79  ? 1.636   -4.125  -10.260 1.00 0.00 ? 80  ALA A N    1 
ATOM 1265 C CA   . ALA A 1 79  ? 1.459   -5.206  -9.297  1.00 0.00 ? 80  ALA A CA   1 
ATOM 1266 C C    . ALA A 1 79  ? -0.012  -5.510  -9.009  1.00 0.00 ? 80  ALA A C    1 
ATOM 1267 O O    . ALA A 1 79  ? -0.413  -6.671  -9.108  1.00 0.00 ? 80  ALA A O    1 
ATOM 1268 C CB   . ALA A 1 79  ? 2.167   -4.834  -7.987  1.00 0.00 ? 80  ALA A CB   1 
ATOM 1269 H H    . ALA A 1 79  ? 2.013   -3.255  -9.896  1.00 0.00 ? 80  ALA A H    1 
ATOM 1270 H HA   . ALA A 1 79  ? 1.916   -6.112  -9.695  1.00 0.00 ? 80  ALA A HA   1 
ATOM 1271 H HB1  . ALA A 1 79  ? 1.842   -3.853  -7.644  1.00 0.00 ? 80  ALA A HB1  1 
ATOM 1272 H HB2  . ALA A 1 79  ? 1.944   -5.563  -7.208  1.00 0.00 ? 80  ALA A HB2  1 
ATOM 1273 H HB3  . ALA A 1 79  ? 3.240   -4.826  -8.153  1.00 0.00 ? 80  ALA A HB3  1 
ATOM 1274 N N    . VAL A 1 80  ? -0.812  -4.489  -8.673  1.00 0.00 ? 81  VAL A N    1 
ATOM 1275 C CA   . VAL A 1 80  ? -2.151  -4.699  -8.104  1.00 0.00 ? 81  VAL A CA   1 
ATOM 1276 C C    . VAL A 1 80  ? -3.259  -5.022  -9.111  1.00 0.00 ? 81  VAL A C    1 
ATOM 1277 O O    . VAL A 1 80  ? -3.717  -6.160  -9.138  1.00 0.00 ? 81  VAL A O    1 
ATOM 1278 C CB   . VAL A 1 80  ? -2.532  -3.591  -7.102  1.00 0.00 ? 81  VAL A CB   1 
ATOM 1279 C CG1  . VAL A 1 80  ? -1.488  -3.538  -5.981  1.00 0.00 ? 81  VAL A CG1  1 
ATOM 1280 C CG2  . VAL A 1 80  ? -2.678  -2.173  -7.675  1.00 0.00 ? 81  VAL A CG2  1 
ATOM 1281 H H    . VAL A 1 80  ? -0.403  -3.558  -8.661  1.00 0.00 ? 81  VAL A H    1 
ATOM 1282 H HA   . VAL A 1 80  ? -2.083  -5.604  -7.498  1.00 0.00 ? 81  VAL A HA   1 
ATOM 1283 H HB   . VAL A 1 80  ? -3.482  -3.876  -6.656  1.00 0.00 ? 81  VAL A HB   1 
ATOM 1284 H HG11 . VAL A 1 80  ? -1.259  -4.539  -5.631  1.00 0.00 ? 81  VAL A HG11 1 
ATOM 1285 H HG12 . VAL A 1 80  ? -0.568  -3.073  -6.336  1.00 0.00 ? 81  VAL A HG12 1 
ATOM 1286 H HG13 . VAL A 1 80  ? -1.887  -2.971  -5.148  1.00 0.00 ? 81  VAL A HG13 1 
ATOM 1287 H HG21 . VAL A 1 80  ? -1.819  -1.928  -8.292  1.00 0.00 ? 81  VAL A HG21 1 
ATOM 1288 H HG22 . VAL A 1 80  ? -3.592  -2.085  -8.257  1.00 0.00 ? 81  VAL A HG22 1 
ATOM 1289 H HG23 . VAL A 1 80  ? -2.735  -1.450  -6.861  1.00 0.00 ? 81  VAL A HG23 1 
ATOM 1290 N N    . GLY A 1 81  ? -3.694  -4.067  -9.943  1.00 0.00 ? 82  GLY A N    1 
ATOM 1291 C CA   . GLY A 1 81  ? -4.913  -4.213  -10.755 1.00 0.00 ? 82  GLY A CA   1 
ATOM 1292 C C    . GLY A 1 81  ? -4.765  -4.004  -12.260 1.00 0.00 ? 82  GLY A C    1 
ATOM 1293 O O    . GLY A 1 81  ? -5.738  -4.216  -12.978 1.00 0.00 ? 82  GLY A O    1 
ATOM 1294 H H    . GLY A 1 81  ? -3.218  -3.176  -9.902  1.00 0.00 ? 82  GLY A H    1 
ATOM 1295 H HA2  . GLY A 1 81  ? -5.347  -5.204  -10.613 1.00 0.00 ? 82  GLY A HA2  1 
ATOM 1296 H HA3  . GLY A 1 81  ? -5.655  -3.500  -10.401 1.00 0.00 ? 82  GLY A HA3  1 
ATOM 1297 N N    . LYS A 1 82  ? -3.580  -3.605  -12.744 1.00 0.00 ? 83  LYS A N    1 
ATOM 1298 C CA   . LYS A 1 82  ? -3.178  -3.340  -14.137 1.00 0.00 ? 83  LYS A CA   1 
ATOM 1299 C C    . LYS A 1 82  ? -3.983  -2.273  -14.905 1.00 0.00 ? 83  LYS A C    1 
ATOM 1300 O O    . LYS A 1 82  ? -3.397  -1.612  -15.761 1.00 0.00 ? 83  LYS A O    1 
ATOM 1301 C CB   . LYS A 1 82  ? -3.080  -4.647  -14.954 1.00 0.00 ? 83  LYS A CB   1 
ATOM 1302 C CG   . LYS A 1 82  ? -2.170  -5.754  -14.377 1.00 0.00 ? 83  LYS A CG   1 
ATOM 1303 C CD   . LYS A 1 82  ? -2.879  -6.767  -13.449 1.00 0.00 ? 83  LYS A CD   1 
ATOM 1304 C CE   . LYS A 1 82  ? -2.483  -6.679  -11.969 1.00 0.00 ? 83  LYS A CE   1 
ATOM 1305 N NZ   . LYS A 1 82  ? -1.101  -7.141  -11.709 1.00 0.00 ? 83  LYS A NZ   1 
ATOM 1306 H H    . LYS A 1 82  ? -2.843  -3.433  -12.061 1.00 0.00 ? 83  LYS A H    1 
ATOM 1307 H HA   . LYS A 1 82  ? -2.164  -2.936  -14.092 1.00 0.00 ? 83  LYS A HA   1 
ATOM 1308 H HB2  . LYS A 1 82  ? -4.080  -5.045  -15.136 1.00 0.00 ? 83  LYS A HB2  1 
ATOM 1309 H HB3  . LYS A 1 82  ? -2.670  -4.378  -15.930 1.00 0.00 ? 83  LYS A HB3  1 
ATOM 1310 H HG2  . LYS A 1 82  ? -1.790  -6.322  -15.227 1.00 0.00 ? 83  LYS A HG2  1 
ATOM 1311 H HG3  . LYS A 1 82  ? -1.308  -5.307  -13.882 1.00 0.00 ? 83  LYS A HG3  1 
ATOM 1312 H HD2  . LYS A 1 82  ? -3.959  -6.633  -13.521 1.00 0.00 ? 83  LYS A HD2  1 
ATOM 1313 H HD3  . LYS A 1 82  ? -2.663  -7.777  -13.802 1.00 0.00 ? 83  LYS A HD3  1 
ATOM 1314 H HE2  . LYS A 1 82  ? -2.590  -5.648  -11.631 1.00 0.00 ? 83  LYS A HE2  1 
ATOM 1315 H HE3  . LYS A 1 82  ? -3.183  -7.289  -11.387 1.00 0.00 ? 83  LYS A HE3  1 
ATOM 1316 H HZ1  . LYS A 1 82  ? -0.935  -8.055  -12.103 1.00 0.00 ? 83  LYS A HZ1  1 
ATOM 1317 H HZ2  . LYS A 1 82  ? -0.415  -6.475  -12.072 1.00 0.00 ? 83  LYS A HZ2  1 
ATOM 1318 H HZ3  . LYS A 1 82  ? -0.936  -7.176  -10.699 1.00 0.00 ? 83  LYS A HZ3  1 
ATOM 1319 N N    . LEU A 1 83  ? -5.276  -2.078  -14.615 1.00 0.00 ? 84  LEU A N    1 
ATOM 1320 C CA   . LEU A 1 83  ? -6.218  -1.212  -15.335 1.00 0.00 ? 84  LEU A CA   1 
ATOM 1321 C C    . LEU A 1 83  ? -6.276  0.217   -14.773 1.00 0.00 ? 84  LEU A C    1 
ATOM 1322 O O    . LEU A 1 83  ? -5.959  1.167   -15.493 1.00 0.00 ? 84  LEU A O    1 
ATOM 1323 C CB   . LEU A 1 83  ? -7.613  -1.872  -15.353 1.00 0.00 ? 84  LEU A CB   1 
ATOM 1324 C CG   . LEU A 1 83  ? -7.678  -3.232  -16.080 1.00 0.00 ? 84  LEU A CG   1 
ATOM 1325 C CD1  . LEU A 1 83  ? -9.095  -3.804  -15.979 1.00 0.00 ? 84  LEU A CD1  1 
ATOM 1326 C CD2  . LEU A 1 83  ? -7.311  -3.122  -17.565 1.00 0.00 ? 84  LEU A CD2  1 
ATOM 1327 H H    . LEU A 1 83  ? -5.662  -2.740  -13.951 1.00 0.00 ? 84  LEU A H    1 
ATOM 1328 H HA   . LEU A 1 83  ? -5.876  -1.105  -16.362 1.00 0.00 ? 84  LEU A HA   1 
ATOM 1329 H HB2  . LEU A 1 83  ? -7.947  -2.016  -14.324 1.00 0.00 ? 84  LEU A HB2  1 
ATOM 1330 H HB3  . LEU A 1 83  ? -8.316  -1.190  -15.837 1.00 0.00 ? 84  LEU A HB3  1 
ATOM 1331 H HG   . LEU A 1 83  ? -6.995  -3.934  -15.603 1.00 0.00 ? 84  LEU A HG   1 
ATOM 1332 H HD11 . LEU A 1 83  ? -9.369  -3.931  -14.932 1.00 0.00 ? 84  LEU A HD11 1 
ATOM 1333 H HD12 . LEU A 1 83  ? -9.808  -3.135  -16.461 1.00 0.00 ? 84  LEU A HD12 1 
ATOM 1334 H HD13 . LEU A 1 83  ? -9.135  -4.778  -16.467 1.00 0.00 ? 84  LEU A HD13 1 
ATOM 1335 H HD21 . LEU A 1 83  ? -7.944  -2.382  -18.055 1.00 0.00 ? 84  LEU A HD21 1 
ATOM 1336 H HD22 . LEU A 1 83  ? -6.266  -2.838  -17.675 1.00 0.00 ? 84  LEU A HD22 1 
ATOM 1337 H HD23 . LEU A 1 83  ? -7.450  -4.088  -18.050 1.00 0.00 ? 84  LEU A HD23 1 
ATOM 1338 N N    . PHE A 1 84  ? -6.659  0.397   -13.505 1.00 0.00 ? 85  PHE A N    1 
ATOM 1339 C CA   . PHE A 1 84  ? -6.601  1.711   -12.863 1.00 0.00 ? 85  PHE A CA   1 
ATOM 1340 C C    . PHE A 1 84  ? -5.165  2.141   -12.502 1.00 0.00 ? 85  PHE A C    1 
ATOM 1341 O O    . PHE A 1 84  ? -4.265  1.315   -12.345 1.00 0.00 ? 85  PHE A O    1 
ATOM 1342 C CB   . PHE A 1 84  ? -7.594  1.805   -11.691 1.00 0.00 ? 85  PHE A CB   1 
ATOM 1343 C CG   . PHE A 1 84  ? -7.617  0.755   -10.589 1.00 0.00 ? 85  PHE A CG   1 
ATOM 1344 C CD1  . PHE A 1 84  ? -6.567  -0.158  -10.348 1.00 0.00 ? 85  PHE A CD1  1 
ATOM 1345 C CD2  . PHE A 1 84  ? -8.752  0.731   -9.755  1.00 0.00 ? 85  PHE A CD2  1 
ATOM 1346 C CE1  . PHE A 1 84  ? -6.658  -1.063  -9.274  1.00 0.00 ? 85  PHE A CE1  1 
ATOM 1347 C CE2  . PHE A 1 84  ? -8.848  -0.184  -8.694  1.00 0.00 ? 85  PHE A CE2  1 
ATOM 1348 C CZ   . PHE A 1 84  ? -7.798  -1.080  -8.452  1.00 0.00 ? 85  PHE A CZ   1 
ATOM 1349 H H    . PHE A 1 84  ? -6.919  -0.406  -12.952 1.00 0.00 ? 85  PHE A H    1 
ATOM 1350 H HA   . PHE A 1 84  ? -6.948  2.438   -13.598 1.00 0.00 ? 85  PHE A HA   1 
ATOM 1351 H HB2  . PHE A 1 84  ? -7.472  2.777   -11.212 1.00 0.00 ? 85  PHE A HB2  1 
ATOM 1352 H HB3  . PHE A 1 84  ? -8.589  1.811   -12.137 1.00 0.00 ? 85  PHE A HB3  1 
ATOM 1353 H HD1  . PHE A 1 84  ? -5.682  -0.183  -10.963 1.00 0.00 ? 85  PHE A HD1  1 
ATOM 1354 H HD2  . PHE A 1 84  ? -9.560  1.425   -9.928  1.00 0.00 ? 85  PHE A HD2  1 
ATOM 1355 H HE1  . PHE A 1 84  ? -5.849  -1.746  -9.072  1.00 0.00 ? 85  PHE A HE1  1 
ATOM 1356 H HE2  . PHE A 1 84  ? -9.727  -0.194  -8.064  1.00 0.00 ? 85  PHE A HE2  1 
ATOM 1357 H HZ   . PHE A 1 84  ? -7.877  -1.777  -7.631  1.00 0.00 ? 85  PHE A HZ   1 
ATOM 1358 N N    . ARG A 1 85  ? -4.958  3.462   -12.407 1.00 0.00 ? 86  ARG A N    1 
ATOM 1359 C CA   . ARG A 1 85  ? -3.646  4.112   -12.229 1.00 0.00 ? 86  ARG A CA   1 
ATOM 1360 C C    . ARG A 1 85  ? -3.347  4.469   -10.762 1.00 0.00 ? 86  ARG A C    1 
ATOM 1361 O O    . ARG A 1 85  ? -2.184  4.575   -10.392 1.00 0.00 ? 86  ARG A O    1 
ATOM 1362 C CB   . ARG A 1 85  ? -3.600  5.398   -13.090 1.00 0.00 ? 86  ARG A CB   1 
ATOM 1363 C CG   . ARG A 1 85  ? -3.254  5.280   -14.596 1.00 0.00 ? 86  ARG A CG   1 
ATOM 1364 C CD   . ARG A 1 85  ? -3.519  3.947   -15.324 1.00 0.00 ? 86  ARG A CD   1 
ATOM 1365 N NE   . ARG A 1 85  ? -2.343  3.057   -15.278 1.00 0.00 ? 86  ARG A NE   1 
ATOM 1366 C CZ   . ARG A 1 85  ? -2.277  1.774   -15.602 1.00 0.00 ? 86  ARG A CZ   1 
ATOM 1367 N NH1  . ARG A 1 85  ? -3.316  1.063   -15.941 1.00 0.00 ? 86  ARG A NH1  1 
ATOM 1368 N NH2  . ARG A 1 85  ? -1.113  1.174   -15.598 1.00 0.00 ? 86  ARG A NH2  1 
ATOM 1369 H H    . ARG A 1 85  ? -5.755  4.054   -12.589 1.00 0.00 ? 86  ARG A H    1 
ATOM 1370 H HA   . ARG A 1 85  ? -2.853  3.436   -12.546 1.00 0.00 ? 86  ARG A HA   1 
ATOM 1371 H HB2  . ARG A 1 85  ? -4.568  5.902   -12.997 1.00 0.00 ? 86  ARG A HB2  1 
ATOM 1372 H HB3  . ARG A 1 85  ? -2.862  6.079   -12.656 1.00 0.00 ? 86  ARG A HB3  1 
ATOM 1373 H HG2  . ARG A 1 85  ? -3.825  6.053   -15.114 1.00 0.00 ? 86  ARG A HG2  1 
ATOM 1374 H HG3  . ARG A 1 85  ? -2.204  5.540   -14.736 1.00 0.00 ? 86  ARG A HG3  1 
ATOM 1375 H HD2  . ARG A 1 85  ? -4.404  3.460   -14.918 1.00 0.00 ? 86  ARG A HD2  1 
ATOM 1376 H HD3  . ARG A 1 85  ? -3.722  4.174   -16.371 1.00 0.00 ? 86  ARG A HD3  1 
ATOM 1377 H HE   . ARG A 1 85  ? -1.430  3.467   -15.106 1.00 0.00 ? 86  ARG A HE   1 
ATOM 1378 H HH11 . ARG A 1 85  ? -4.260  1.442   -15.871 1.00 0.00 ? 86  ARG A HH11 1 
ATOM 1379 H HH12 . ARG A 1 85  ? -3.222  0.054   -16.060 1.00 0.00 ? 86  ARG A HH12 1 
ATOM 1380 H HH21 . ARG A 1 85  ? -0.299  1.760   -15.391 1.00 0.00 ? 86  ARG A HH21 1 
ATOM 1381 H HH22 . ARG A 1 85  ? -1.028  0.212   -15.867 1.00 0.00 ? 86  ARG A HH22 1 
ATOM 1382 N N    . VAL A 1 86  ? -4.382  4.664   -9.937  1.00 0.00 ? 87  VAL A N    1 
ATOM 1383 C CA   . VAL A 1 86  ? -4.292  5.135   -8.544  1.00 0.00 ? 87  VAL A CA   1 
ATOM 1384 C C    . VAL A 1 86  ? -3.747  4.023   -7.633  1.00 0.00 ? 87  VAL A C    1 
ATOM 1385 O O    . VAL A 1 86  ? -4.513  3.264   -7.037  1.00 0.00 ? 87  VAL A O    1 
ATOM 1386 C CB   . VAL A 1 86  ? -5.669  5.657   -8.060  1.00 0.00 ? 87  VAL A CB   1 
ATOM 1387 C CG1  . VAL A 1 86  ? -5.599  6.277   -6.656  1.00 0.00 ? 87  VAL A CG1  1 
ATOM 1388 C CG2  . VAL A 1 86  ? -6.228  6.739   -8.998  1.00 0.00 ? 87  VAL A CG2  1 
ATOM 1389 H H    . VAL A 1 86  ? -5.297  4.514   -10.328 1.00 0.00 ? 87  VAL A H    1 
ATOM 1390 H HA   . VAL A 1 86  ? -3.591  5.970   -8.508  1.00 0.00 ? 87  VAL A HA   1 
ATOM 1391 H HB   . VAL A 1 86  ? -6.381  4.831   -8.040  1.00 0.00 ? 87  VAL A HB   1 
ATOM 1392 H HG11 . VAL A 1 86  ? -5.191  5.569   -5.938  1.00 0.00 ? 87  VAL A HG11 1 
ATOM 1393 H HG12 . VAL A 1 86  ? -4.980  7.172   -6.672  1.00 0.00 ? 87  VAL A HG12 1 
ATOM 1394 H HG13 . VAL A 1 86  ? -6.602  6.553   -6.327  1.00 0.00 ? 87  VAL A HG13 1 
ATOM 1395 H HG21 . VAL A 1 86  ? -5.516  7.560   -9.093  1.00 0.00 ? 87  VAL A HG21 1 
ATOM 1396 H HG22 . VAL A 1 86  ? -6.431  6.326   -9.984  1.00 0.00 ? 87  VAL A HG22 1 
ATOM 1397 H HG23 . VAL A 1 86  ? -7.165  7.129   -8.598  1.00 0.00 ? 87  VAL A HG23 1 
ATOM 1398 N N    . GLY A 1 87  ? -2.420  3.922   -7.501  1.00 0.00 ? 88  GLY A N    1 
ATOM 1399 C CA   . GLY A 1 87  ? -1.742  2.860   -6.755  1.00 0.00 ? 88  GLY A CA   1 
ATOM 1400 C C    . GLY A 1 87  ? -1.758  3.066   -5.238  1.00 0.00 ? 88  GLY A C    1 
ATOM 1401 O O    . GLY A 1 87  ? -0.714  2.979   -4.596  1.00 0.00 ? 88  GLY A O    1 
ATOM 1402 H H    . GLY A 1 87  ? -1.812  4.577   -7.987  1.00 0.00 ? 88  GLY A H    1 
ATOM 1403 H HA2  . GLY A 1 87  ? -2.212  1.902   -6.978  1.00 0.00 ? 88  GLY A HA2  1 
ATOM 1404 H HA3  . GLY A 1 87  ? -0.706  2.811   -7.088  1.00 0.00 ? 88  GLY A HA3  1 
ATOM 1405 N N    . VAL A 1 88  ? -2.930  3.335   -4.653  1.00 0.00 ? 89  VAL A N    1 
ATOM 1406 C CA   . VAL A 1 88  ? -3.108  3.391   -3.197  1.00 0.00 ? 89  VAL A CA   1 
ATOM 1407 C C    . VAL A 1 88  ? -3.635  2.038   -2.705  1.00 0.00 ? 89  VAL A C    1 
ATOM 1408 O O    . VAL A 1 88  ? -4.694  1.565   -3.132  1.00 0.00 ? 89  VAL A O    1 
ATOM 1409 C CB   . VAL A 1 88  ? -3.930  4.623   -2.777  1.00 0.00 ? 89  VAL A CB   1 
ATOM 1410 C CG1  . VAL A 1 88  ? -5.441  4.498   -2.986  1.00 0.00 ? 89  VAL A CG1  1 
ATOM 1411 C CG2  . VAL A 1 88  ? -3.654  4.962   -1.312  1.00 0.00 ? 89  VAL A CG2  1 
ATOM 1412 H H    . VAL A 1 88  ? -3.746  3.328   -5.260  1.00 0.00 ? 89  VAL A H    1 
ATOM 1413 H HA   . VAL A 1 88  ? -2.118  3.520   -2.755  1.00 0.00 ? 89  VAL A HA   1 
ATOM 1414 H HB   . VAL A 1 88  ? -3.583  5.472   -3.370  1.00 0.00 ? 89  VAL A HB   1 
ATOM 1415 H HG11 . VAL A 1 88  ? -5.645  4.172   -4.005  1.00 0.00 ? 89  VAL A HG11 1 
ATOM 1416 H HG12 . VAL A 1 88  ? -5.858  3.777   -2.279  1.00 0.00 ? 89  VAL A HG12 1 
ATOM 1417 H HG13 . VAL A 1 88  ? -5.911  5.467   -2.818  1.00 0.00 ? 89  VAL A HG13 1 
ATOM 1418 H HG21 . VAL A 1 88  ? -2.590  5.143   -1.165  1.00 0.00 ? 89  VAL A HG21 1 
ATOM 1419 H HG22 . VAL A 1 88  ? -4.198  5.866   -1.049  1.00 0.00 ? 89  VAL A HG22 1 
ATOM 1420 H HG23 . VAL A 1 88  ? -3.965  4.142   -0.667  1.00 0.00 ? 89  VAL A HG23 1 
ATOM 1421 N N    . VAL A 1 89  ? -2.834  1.389   -1.857  1.00 0.00 ? 90  VAL A N    1 
ATOM 1422 C CA   . VAL A 1 89  ? -2.982  -0.019  -1.463  1.00 0.00 ? 90  VAL A CA   1 
ATOM 1423 C C    . VAL A 1 89  ? -2.792  -0.168  0.040   1.00 0.00 ? 90  VAL A C    1 
ATOM 1424 O O    . VAL A 1 89  ? -2.176  0.673   0.699   1.00 0.00 ? 90  VAL A O    1 
ATOM 1425 C CB   . VAL A 1 89  ? -1.913  -0.885  -2.183  1.00 0.00 ? 90  VAL A CB   1 
ATOM 1426 C CG1  . VAL A 1 89  ? -2.103  -2.402  -2.003  1.00 0.00 ? 90  VAL A CG1  1 
ATOM 1427 C CG2  . VAL A 1 89  ? -1.803  -0.560  -3.679  1.00 0.00 ? 90  VAL A CG2  1 
ATOM 1428 H H    . VAL A 1 89  ? -2.021  1.891   -1.498  1.00 0.00 ? 90  VAL A H    1 
ATOM 1429 H HA   . VAL A 1 89  ? -3.975  -0.373  -1.737  1.00 0.00 ? 90  VAL A HA   1 
ATOM 1430 H HB   . VAL A 1 89  ? -0.945  -0.650  -1.747  1.00 0.00 ? 90  VAL A HB   1 
ATOM 1431 H HG11 . VAL A 1 89  ? -3.133  -2.700  -2.188  1.00 0.00 ? 90  VAL A HG11 1 
ATOM 1432 H HG12 . VAL A 1 89  ? -1.457  -2.945  -2.691  1.00 0.00 ? 90  VAL A HG12 1 
ATOM 1433 H HG13 . VAL A 1 89  ? -1.829  -2.701  -0.993  1.00 0.00 ? 90  VAL A HG13 1 
ATOM 1434 H HG21 . VAL A 1 89  ? -2.767  -0.686  -4.168  1.00 0.00 ? 90  VAL A HG21 1 
ATOM 1435 H HG22 . VAL A 1 89  ? -1.464  0.466   -3.809  1.00 0.00 ? 90  VAL A HG22 1 
ATOM 1436 H HG23 . VAL A 1 89  ? -1.054  -1.200  -4.142  1.00 0.00 ? 90  VAL A HG23 1 
ATOM 1437 N N    . SER A 1 90  ? -3.308  -1.242  0.632   1.00 0.00 ? 91  SER A N    1 
ATOM 1438 C CA   . SER A 1 90  ? -2.939  -1.624  1.993   1.00 0.00 ? 91  SER A CA   1 
ATOM 1439 C C    . SER A 1 90  ? -3.042  -3.135  2.168   1.00 0.00 ? 91  SER A C    1 
ATOM 1440 O O    . SER A 1 90  ? -3.839  -3.782  1.489   1.00 0.00 ? 91  SER A O    1 
ATOM 1441 C CB   . SER A 1 90  ? -3.791  -0.870  3.014   1.00 0.00 ? 91  SER A CB   1 
ATOM 1442 O OG   . SER A 1 90  ? -3.794  0.522   2.738   1.00 0.00 ? 91  SER A OG   1 
ATOM 1443 H H    . SER A 1 90  ? -3.935  -1.854  0.116   1.00 0.00 ? 91  SER A H    1 
ATOM 1444 H HA   . SER A 1 90  ? -1.896  -1.359  2.152   1.00 0.00 ? 91  SER A HA   1 
ATOM 1445 H HB2  . SER A 1 90  ? -4.807  -1.233  2.964   1.00 0.00 ? 91  SER A HB2  1 
ATOM 1446 H HB3  . SER A 1 90  ? -3.400  -1.054  4.013   1.00 0.00 ? 91  SER A HB3  1 
ATOM 1447 H HG   . SER A 1 90  ? -3.135  0.669   2.018   1.00 0.00 ? 91  SER A HG   1 
ATOM 1448 N N    . ILE A 1 91  ? -2.234  -3.688  3.076   1.00 0.00 ? 92  ILE A N    1 
ATOM 1449 C CA   . ILE A 1 91  ? -2.111  -5.120  3.357   1.00 0.00 ? 92  ILE A CA   1 
ATOM 1450 C C    . ILE A 1 91  ? -2.393  -5.364  4.849   1.00 0.00 ? 92  ILE A C    1 
ATOM 1451 O O    . ILE A 1 91  ? -1.930  -4.618  5.729   1.00 0.00 ? 92  ILE A O    1 
ATOM 1452 C CB   . ILE A 1 91  ? -0.730  -5.674  2.925   1.00 0.00 ? 92  ILE A CB   1 
ATOM 1453 C CG1  . ILE A 1 91  ? -0.224  -5.209  1.534   1.00 0.00 ? 92  ILE A CG1  1 
ATOM 1454 C CG2  . ILE A 1 91  ? -0.744  -7.214  2.969   1.00 0.00 ? 92  ILE A CG2  1 
ATOM 1455 C CD1  . ILE A 1 91  ? -1.033  -5.691  0.329   1.00 0.00 ? 92  ILE A CD1  1 
ATOM 1456 H H    . ILE A 1 91  ? -1.599  -3.065  3.575   1.00 0.00 ? 92  ILE A H    1 
ATOM 1457 H HA   . ILE A 1 91  ? -2.868  -5.648  2.780   1.00 0.00 ? 92  ILE A HA   1 
ATOM 1458 H HB   . ILE A 1 91  ? 0.002   -5.324  3.654   1.00 0.00 ? 92  ILE A HB   1 
ATOM 1459 H HG12 . ILE A 1 91  ? -0.202  -4.121  1.500   1.00 0.00 ? 92  ILE A HG12 1 
ATOM 1460 H HG13 . ILE A 1 91  ? 0.802   -5.556  1.402   1.00 0.00 ? 92  ILE A HG13 1 
ATOM 1461 H HG21 . ILE A 1 91  ? -0.971  -7.571  3.972   1.00 0.00 ? 92  ILE A HG21 1 
ATOM 1462 H HG22 . ILE A 1 91  ? -1.499  -7.610  2.289   1.00 0.00 ? 92  ILE A HG22 1 
ATOM 1463 H HG23 . ILE A 1 91  ? 0.232   -7.600  2.675   1.00 0.00 ? 92  ILE A HG23 1 
ATOM 1464 H HD11 . ILE A 1 91  ? -2.066  -5.379  0.444   1.00 0.00 ? 92  ILE A HD11 1 
ATOM 1465 H HD12 . ILE A 1 91  ? -0.630  -5.244  -0.579  1.00 0.00 ? 92  ILE A HD12 1 
ATOM 1466 H HD13 . ILE A 1 91  ? -0.979  -6.776  0.238   1.00 0.00 ? 92  ILE A HD13 1 
ATOM 1467 N N    . LEU A 1 92  ? -3.178  -6.418  5.104   1.00 0.00 ? 93  LEU A N    1 
ATOM 1468 C CA   . LEU A 1 92  ? -3.778  -6.761  6.391   1.00 0.00 ? 93  LEU A CA   1 
ATOM 1469 C C    . LEU A 1 92  ? -3.267  -8.108  6.926   1.00 0.00 ? 93  LEU A C    1 
ATOM 1470 O O    . LEU A 1 92  ? -2.946  -8.209  8.112   1.00 0.00 ? 93  LEU A O    1 
ATOM 1471 C CB   . LEU A 1 92  ? -5.314  -6.779  6.260   1.00 0.00 ? 93  LEU A CB   1 
ATOM 1472 C CG   . LEU A 1 92  ? -5.981  -5.477  5.762   1.00 0.00 ? 93  LEU A CG   1 
ATOM 1473 C CD1  . LEU A 1 92  ? -6.114  -5.392  4.234   1.00 0.00 ? 93  LEU A CD1  1 
ATOM 1474 C CD2  . LEU A 1 92  ? -7.394  -5.387  6.341   1.00 0.00 ? 93  LEU A CD2  1 
ATOM 1475 H H    . LEU A 1 92  ? -3.494  -6.951  4.295   1.00 0.00 ? 93  LEU A H    1 
ATOM 1476 H HA   . LEU A 1 92  ? -3.505  -6.006  7.127   1.00 0.00 ? 93  LEU A HA   1 
ATOM 1477 H HB2  . LEU A 1 92  ? -5.618  -7.604  5.612   1.00 0.00 ? 93  LEU A HB2  1 
ATOM 1478 H HB3  . LEU A 1 92  ? -5.702  -7.000  7.253   1.00 0.00 ? 93  LEU A HB3  1 
ATOM 1479 H HG   . LEU A 1 92  ? -5.414  -4.616  6.115   1.00 0.00 ? 93  LEU A HG   1 
ATOM 1480 H HD11 . LEU A 1 92  ? -6.649  -6.262  3.853   1.00 0.00 ? 93  LEU A HD11 1 
ATOM 1481 H HD12 . LEU A 1 92  ? -6.665  -4.492  3.962   1.00 0.00 ? 93  LEU A HD12 1 
ATOM 1482 H HD13 . LEU A 1 92  ? -5.138  -5.340  3.762   1.00 0.00 ? 93  LEU A HD13 1 
ATOM 1483 H HD21 . LEU A 1 92  ? -7.351  -5.380  7.430   1.00 0.00 ? 93  LEU A HD21 1 
ATOM 1484 H HD22 . LEU A 1 92  ? -7.871  -4.469  6.008   1.00 0.00 ? 93  LEU A HD22 1 
ATOM 1485 H HD23 . LEU A 1 92  ? -7.984  -6.242  6.005   1.00 0.00 ? 93  LEU A HD23 1 
ATOM 1486 N N    . GLU A 1 93  ? -3.155  -9.126  6.065   1.00 0.00 ? 94  GLU A N    1 
ATOM 1487 C CA   . GLU A 1 93  ? -2.490  -10.398 6.368   1.00 0.00 ? 94  GLU A CA   1 
ATOM 1488 C C    . GLU A 1 93  ? -1.611  -10.813 5.184   1.00 0.00 ? 94  GLU A C    1 
ATOM 1489 O O    . GLU A 1 93  ? -2.105  -11.408 4.222   1.00 0.00 ? 94  GLU A O    1 
ATOM 1490 C CB   . GLU A 1 93  ? -3.464  -11.548 6.702   1.00 0.00 ? 94  GLU A CB   1 
ATOM 1491 C CG   . GLU A 1 93  ? -4.408  -11.334 7.891   1.00 0.00 ? 94  GLU A CG   1 
ATOM 1492 C CD   . GLU A 1 93  ? -5.796  -10.878 7.431   1.00 0.00 ? 94  GLU A CD   1 
ATOM 1493 O OE1  . GLU A 1 93  ? -6.546  -11.752 6.935   1.00 0.00 ? 94  GLU A OE1  1 
ATOM 1494 O OE2  . GLU A 1 93  ? -6.100  -9.675  7.595   1.00 0.00 ? 94  GLU A OE2  1 
ATOM 1495 H H    . GLU A 1 93  ? -3.475  -8.964  5.117   1.00 0.00 ? 94  GLU A H    1 
ATOM 1496 H HA   . GLU A 1 93  ? -1.840  -10.262 7.233   1.00 0.00 ? 94  GLU A HA   1 
ATOM 1497 H HB2  . GLU A 1 93  ? -4.056  -11.801 5.824   1.00 0.00 ? 94  GLU A HB2  1 
ATOM 1498 H HB3  . GLU A 1 93  ? -2.851  -12.421 6.930   1.00 0.00 ? 94  GLU A HB3  1 
ATOM 1499 H HG2  . GLU A 1 93  ? -4.518  -12.287 8.413   1.00 0.00 ? 94  GLU A HG2  1 
ATOM 1500 H HG3  . GLU A 1 93  ? -3.968  -10.631 8.600   1.00 0.00 ? 94  GLU A HG3  1 
ATOM 1501 N N    . ALA A 1 94  ? -0.305  -10.529 5.243   1.00 0.00 ? 95  ALA A N    1 
ATOM 1502 C CA   . ALA A 1 94  ? 0.652   -11.070 4.279   1.00 0.00 ? 95  ALA A CA   1 
ATOM 1503 C C    . ALA A 1 94  ? 0.953   -12.558 4.555   1.00 0.00 ? 95  ALA A C    1 
ATOM 1504 O O    . ALA A 1 94  ? 2.092   -12.942 4.812   1.00 0.00 ? 95  ALA A O    1 
ATOM 1505 C CB   . ALA A 1 94  ? 1.917   -10.213 4.217   1.00 0.00 ? 95  ALA A CB   1 
ATOM 1506 H H    . ALA A 1 94  ? 0.054   -10.019 6.034   1.00 0.00 ? 95  ALA A H    1 
ATOM 1507 H HA   . ALA A 1 94  ? 0.198   -10.998 3.299   1.00 0.00 ? 95  ALA A HA   1 
ATOM 1508 H HB1  . ALA A 1 94  ? 1.669   -9.188  3.960   1.00 0.00 ? 95  ALA A HB1  1 
ATOM 1509 H HB2  . ALA A 1 94  ? 2.454   -10.264 5.163   1.00 0.00 ? 95  ALA A HB2  1 
ATOM 1510 H HB3  . ALA A 1 94  ? 2.555   -10.595 3.424   1.00 0.00 ? 95  ALA A HB3  1 
ATOM 1511 N N    . GLY A 1 95  ? -0.077  -13.412 4.487   1.00 0.00 ? 96  GLY A N    1 
ATOM 1512 C CA   . GLY A 1 95  ? 0.000   -14.865 4.700   1.00 0.00 ? 96  GLY A CA   1 
ATOM 1513 C C    . GLY A 1 95  ? 0.685   -15.627 3.560   1.00 0.00 ? 96  GLY A C    1 
ATOM 1514 O O    . GLY A 1 95  ? 0.223   -16.700 3.183   1.00 0.00 ? 96  GLY A O    1 
ATOM 1515 H H    . GLY A 1 95  ? -0.979  -12.998 4.271   1.00 0.00 ? 96  GLY A H    1 
ATOM 1516 H HA2  . GLY A 1 95  ? 0.548   -15.066 5.620   1.00 0.00 ? 96  GLY A HA2  1 
ATOM 1517 H HA3  . GLY A 1 95  ? -1.009  -15.260 4.813   1.00 0.00 ? 96  GLY A HA3  1 
ATOM 1518 N N    . ASP A 1 96  ? 1.746   -15.048 2.989   1.00 0.00 ? 97  ASP A N    1 
ATOM 1519 C CA   . ASP A 1 96  ? 2.408   -15.492 1.766   1.00 0.00 ? 97  ASP A CA   1 
ATOM 1520 C C    . ASP A 1 96  ? 3.922   -15.218 1.883   1.00 0.00 ? 97  ASP A C    1 
ATOM 1521 O O    . ASP A 1 96  ? 4.663   -16.091 2.332   1.00 0.00 ? 97  ASP A O    1 
ATOM 1522 C CB   . ASP A 1 96  ? 1.710   -14.796 0.582   1.00 0.00 ? 97  ASP A CB   1 
ATOM 1523 C CG   . ASP A 1 96  ? 1.963   -15.506 -0.744  1.00 0.00 ? 97  ASP A CG   1 
ATOM 1524 O OD1  . ASP A 1 96  ? 3.143   -15.773 -1.069  1.00 0.00 ? 97  ASP A OD1  1 
ATOM 1525 O OD2  . ASP A 1 96  ? 0.974   -15.792 -1.468  1.00 0.00 ? 97  ASP A OD2  1 
ATOM 1526 H H    . ASP A 1 96  ? 2.101   -14.225 3.469   1.00 0.00 ? 97  ASP A H    1 
ATOM 1527 H HA   . ASP A 1 96  ? 2.272   -16.570 1.662   1.00 0.00 ? 97  ASP A HA   1 
ATOM 1528 H HB2  . ASP A 1 96  ? 0.633   -14.787 0.761   1.00 0.00 ? 97  ASP A HB2  1 
ATOM 1529 H HB3  . ASP A 1 96  ? 2.018   -13.754 0.518   1.00 0.00 ? 97  ASP A HB3  1 
ATOM 1530 N N    . SER A 1 97  ? 4.379   -14.004 1.540   1.00 0.00 ? 98  SER A N    1 
ATOM 1531 C CA   . SER A 1 97  ? 5.723   -13.495 1.845   1.00 0.00 ? 98  SER A CA   1 
ATOM 1532 C C    . SER A 1 97  ? 5.657   -12.424 2.939   1.00 0.00 ? 98  SER A C    1 
ATOM 1533 O O    . SER A 1 97  ? 4.725   -11.635 3.048   1.00 0.00 ? 98  SER A O    1 
ATOM 1534 C CB   . SER A 1 97  ? 6.461   -13.023 0.576   1.00 0.00 ? 98  SER A CB   1 
ATOM 1535 O OG   . SER A 1 97  ? 7.579   -12.157 0.786   1.00 0.00 ? 98  SER A OG   1 
ATOM 1536 H H    . SER A 1 97  ? 3.698   -13.341 1.205   1.00 0.00 ? 98  SER A H    1 
ATOM 1537 H HA   . SER A 1 97  ? 6.314   -14.318 2.251   1.00 0.00 ? 98  SER A HA   1 
ATOM 1538 H HB2  . SER A 1 97  ? 6.799   -13.909 0.039   1.00 0.00 ? 98  SER A HB2  1 
ATOM 1539 H HB3  . SER A 1 97  ? 5.759   -12.499 -0.073  1.00 0.00 ? 98  SER A HB3  1 
ATOM 1540 H HG   . SER A 1 97  ? 8.195   -12.466 1.532   1.00 0.00 ? 98  SER A HG   1 
ATOM 1541 N N    . ASP A 1 98  ? 6.759   -12.347 3.663   1.00 0.00 ? 99  ASP A N    1 
ATOM 1542 C CA   . ASP A 1 98  ? 7.223   -11.512 4.764   1.00 0.00 ? 99  ASP A CA   1 
ATOM 1543 C C    . ASP A 1 98  ? 7.135   -9.977  4.586   1.00 0.00 ? 99  ASP A C    1 
ATOM 1544 O O    . ASP A 1 98  ? 7.720   -9.263  5.400   1.00 0.00 ? 99  ASP A O    1 
ATOM 1545 C CB   . ASP A 1 98  ? 8.706   -11.928 4.895   1.00 0.00 ? 99  ASP A CB   1 
ATOM 1546 C CG   . ASP A 1 98  ? 9.449   -11.717 3.563   1.00 0.00 ? 99  ASP A CG   1 
ATOM 1547 O OD1  . ASP A 1 98  ? 9.211   -12.491 2.598   1.00 0.00 ? 99  ASP A OD1  1 
ATOM 1548 O OD2  . ASP A 1 98  ? 10.132  -10.680 3.408   1.00 0.00 ? 99  ASP A OD2  1 
ATOM 1549 H H    . ASP A 1 98  ? 7.484   -12.988 3.353   1.00 0.00 ? 99  ASP A H    1 
ATOM 1550 H HA   . ASP A 1 98  ? 6.694   -11.780 5.679   1.00 0.00 ? 99  ASP A HA   1 
ATOM 1551 H HB2  . ASP A 1 98  ? 9.191   -11.359 5.687   1.00 0.00 ? 99  ASP A HB2  1 
ATOM 1552 H HB3  . ASP A 1 98  ? 8.759   -12.984 5.166   1.00 0.00 ? 99  ASP A HB3  1 
ATOM 1553 N N    . ILE A 1 99  ? 6.436   -9.441  3.571   1.00 0.00 ? 100 ILE A N    1 
ATOM 1554 C CA   . ILE A 1 99  ? 6.499   -8.013  3.197   1.00 0.00 ? 100 ILE A CA   1 
ATOM 1555 C C    . ILE A 1 99  ? 6.339   -7.067  4.398   1.00 0.00 ? 100 ILE A C    1 
ATOM 1556 O O    . ILE A 1 99  ? 7.250   -6.301  4.682   1.00 0.00 ? 100 ILE A O    1 
ATOM 1557 C CB   . ILE A 1 99  ? 5.584   -7.681  1.987   1.00 0.00 ? 100 ILE A CB   1 
ATOM 1558 C CG1  . ILE A 1 99  ? 6.117   -6.441  1.240   1.00 0.00 ? 100 ILE A CG1  1 
ATOM 1559 C CG2  . ILE A 1 99  ? 4.111   -7.434  2.359   1.00 0.00 ? 100 ILE A CG2  1 
ATOM 1560 C CD1  . ILE A 1 99  ? 5.456   -6.185  -0.118  1.00 0.00 ? 100 ILE A CD1  1 
ATOM 1561 H H    . ILE A 1 99  ? 5.873   -10.091 3.027   1.00 0.00 ? 100 ILE A H    1 
ATOM 1562 H HA   . ILE A 1 99  ? 7.525   -7.859  2.866   1.00 0.00 ? 100 ILE A HA   1 
ATOM 1563 H HB   . ILE A 1 99  ? 5.636   -8.526  1.300   1.00 0.00 ? 100 ILE A HB   1 
ATOM 1564 H HG12 . ILE A 1 99  ? 5.961   -5.563  1.861   1.00 0.00 ? 100 ILE A HG12 1 
ATOM 1565 H HG13 . ILE A 1 99  ? 7.186   -6.562  1.070   1.00 0.00 ? 100 ILE A HG13 1 
ATOM 1566 H HG21 . ILE A 1 99  ? 3.747   -8.235  3.001   1.00 0.00 ? 100 ILE A HG21 1 
ATOM 1567 H HG22 . ILE A 1 99  ? 4.008   -6.464  2.854   1.00 0.00 ? 100 ILE A HG22 1 
ATOM 1568 H HG23 . ILE A 1 99  ? 3.498   -7.416  1.458   1.00 0.00 ? 100 ILE A HG23 1 
ATOM 1569 H HD11 . ILE A 1 99  ? 5.483   -7.093  -0.716  1.00 0.00 ? 100 ILE A HD11 1 
ATOM 1570 H HD12 . ILE A 1 99  ? 4.422   -5.870  0.017   1.00 0.00 ? 100 ILE A HD12 1 
ATOM 1571 H HD13 . ILE A 1 99  ? 5.994   -5.395  -0.642  1.00 0.00 ? 100 ILE A HD13 1 
ATOM 1572 N N    . LEU A 1 100 ? 5.252   -7.171  5.166   1.00 0.00 ? 101 LEU A N    1 
ATOM 1573 C CA   . LEU A 1 100 ? 5.016   -6.397  6.392   1.00 0.00 ? 101 LEU A CA   1 
ATOM 1574 C C    . LEU A 1 100 ? 6.027   -6.571  7.545   1.00 0.00 ? 101 LEU A C    1 
ATOM 1575 O O    . LEU A 1 100 ? 5.967   -5.784  8.488   1.00 0.00 ? 101 LEU A O    1 
ATOM 1576 C CB   . LEU A 1 100 ? 3.534   -6.383  6.830   1.00 0.00 ? 101 LEU A CB   1 
ATOM 1577 C CG   . LEU A 1 100 ? 2.643   -7.585  6.456   1.00 0.00 ? 101 LEU A CG   1 
ATOM 1578 C CD1  . LEU A 1 100 ? 1.990   -8.351  7.603   1.00 0.00 ? 101 LEU A CD1  1 
ATOM 1579 C CD2  . LEU A 1 100 ? 1.539   -7.021  5.563   1.00 0.00 ? 101 LEU A CD2  1 
ATOM 1580 H H    . LEU A 1 100 ? 4.580   -7.871  4.891   1.00 0.00 ? 101 LEU A H    1 
ATOM 1581 H HA   . LEU A 1 100 ? 5.166   -5.365  6.074   1.00 0.00 ? 101 LEU A HA   1 
ATOM 1582 H HB2  . LEU A 1 100 ? 3.495   -6.255  7.911   1.00 0.00 ? 101 LEU A HB2  1 
ATOM 1583 H HB3  . LEU A 1 100 ? 3.105   -5.472  6.416   1.00 0.00 ? 101 LEU A HB3  1 
ATOM 1584 H HG   . LEU A 1 100 ? 3.209   -8.312  5.885   1.00 0.00 ? 101 LEU A HG   1 
ATOM 1585 H HD11 . LEU A 1 100 ? 2.758   -8.708  8.288   1.00 0.00 ? 101 LEU A HD11 1 
ATOM 1586 H HD12 . LEU A 1 100 ? 1.281   -7.719  8.133   1.00 0.00 ? 101 LEU A HD12 1 
ATOM 1587 H HD13 . LEU A 1 100 ? 1.462   -9.213  7.183   1.00 0.00 ? 101 LEU A HD13 1 
ATOM 1588 H HD21 . LEU A 1 100 ? 1.024   -6.202  6.062   1.00 0.00 ? 101 LEU A HD21 1 
ATOM 1589 H HD22 . LEU A 1 100 ? 2.000   -6.641  4.650   1.00 0.00 ? 101 LEU A HD22 1 
ATOM 1590 H HD23 . LEU A 1 100 ? 0.807   -7.789  5.338   1.00 0.00 ? 101 LEU A HD23 1 
ATOM 1591 N N    . THR A 1 101 ? 6.954   -7.543  7.493   1.00 0.00 ? 102 THR A N    1 
ATOM 1592 C CA   . THR A 1 101 ? 8.101   -7.617  8.417   1.00 0.00 ? 102 THR A CA   1 
ATOM 1593 C C    . THR A 1 101 ? 9.470   -7.300  7.790   1.00 0.00 ? 102 THR A C    1 
ATOM 1594 O O    . THR A 1 101 ? 10.412  -7.106  8.558   1.00 0.00 ? 102 THR A O    1 
ATOM 1595 C CB   . THR A 1 101 ? 8.125   -8.925  9.228   1.00 0.00 ? 102 THR A CB   1 
ATOM 1596 O OG1  . THR A 1 101 ? 9.135   -8.827  10.206  1.00 0.00 ? 102 THR A OG1  1 
ATOM 1597 C CG2  . THR A 1 101 ? 8.391   -10.184 8.406   1.00 0.00 ? 102 THR A CG2  1 
ATOM 1598 H H    . THR A 1 101 ? 6.971   -8.153  6.678   1.00 0.00 ? 102 THR A H    1 
ATOM 1599 H HA   . THR A 1 101 ? 7.967   -6.838  9.167   1.00 0.00 ? 102 THR A HA   1 
ATOM 1600 H HB   . THR A 1 101 ? 7.168   -9.041  9.736   1.00 0.00 ? 102 THR A HB   1 
ATOM 1601 H HG1  . THR A 1 101 ? 9.850   -8.286  9.824   1.00 0.00 ? 102 THR A HG1  1 
ATOM 1602 H HG21 . THR A 1 101 ? 9.315   -10.085 7.840   1.00 0.00 ? 102 THR A HG21 1 
ATOM 1603 H HG22 . THR A 1 101 ? 8.475   -11.040 9.076   1.00 0.00 ? 102 THR A HG22 1 
ATOM 1604 H HG23 . THR A 1 101 ? 7.559   -10.360 7.726   1.00 0.00 ? 102 THR A HG23 1 
ATOM 1605 N N    . THR A 1 102 ? 9.619   -7.268  6.456   1.00 0.00 ? 103 THR A N    1 
ATOM 1606 C CA   . THR A 1 102 ? 10.876  -6.901  5.767   1.00 0.00 ? 103 THR A CA   1 
ATOM 1607 C C    . THR A 1 102 ? 10.828  -5.527  5.095   1.00 0.00 ? 103 THR A C    1 
ATOM 1608 O O    . THR A 1 102 ? 11.719  -4.709  5.308   1.00 0.00 ? 103 THR A O    1 
ATOM 1609 C CB   . THR A 1 102 ? 11.322  -7.985  4.774   1.00 0.00 ? 103 THR A CB   1 
ATOM 1610 O OG1  . THR A 1 102 ? 10.286  -8.296  3.866   1.00 0.00 ? 103 THR A OG1  1 
ATOM 1611 C CG2  . THR A 1 102 ? 11.764  -9.248  5.515   1.00 0.00 ? 103 THR A CG2  1 
ATOM 1612 H H    . THR A 1 102 ? 8.836   -7.564  5.877   1.00 0.00 ? 103 THR A H    1 
ATOM 1613 H HA   . THR A 1 102 ? 11.669  -6.821  6.511   1.00 0.00 ? 103 THR A HA   1 
ATOM 1614 H HB   . THR A 1 102 ? 12.178  -7.612  4.211   1.00 0.00 ? 103 THR A HB   1 
ATOM 1615 H HG1  . THR A 1 102 ? 10.265  -9.304  3.730   1.00 0.00 ? 103 THR A HG1  1 
ATOM 1616 H HG21 . THR A 1 102 ? 12.530  -8.999  6.248   1.00 0.00 ? 103 THR A HG21 1 
ATOM 1617 H HG22 . THR A 1 102 ? 10.912  -9.701  6.020   1.00 0.00 ? 103 THR A HG22 1 
ATOM 1618 H HG23 . THR A 1 102 ? 12.184  -9.961  4.805   1.00 0.00 ? 103 THR A HG23 1 
ATOM 1619 N N    . LEU A 1 103 ? 9.765   -5.227  4.343   1.00 0.00 ? 104 LEU A N    1 
ATOM 1620 C CA   . LEU A 1 103 ? 9.398   -3.917  3.777   1.00 0.00 ? 104 LEU A CA   1 
ATOM 1621 C C    . LEU A 1 103 ? 8.786   -3.024  4.886   1.00 0.00 ? 104 LEU A C    1 
ATOM 1622 O O    . LEU A 1 103 ? 7.788   -2.336  4.675   1.00 0.00 ? 104 LEU A O    1 
ATOM 1623 C CB   . LEU A 1 103 ? 8.440   -4.227  2.599   1.00 0.00 ? 104 LEU A CB   1 
ATOM 1624 C CG   . LEU A 1 103 ? 8.103   -3.196  1.503   1.00 0.00 ? 104 LEU A CG   1 
ATOM 1625 C CD1  . LEU A 1 103 ? 6.736   -2.522  1.688   1.00 0.00 ? 104 LEU A CD1  1 
ATOM 1626 C CD2  . LEU A 1 103 ? 9.197   -2.154  1.286   1.00 0.00 ? 104 LEU A CD2  1 
ATOM 1627 H H    . LEU A 1 103 ? 9.034   -5.934  4.310   1.00 0.00 ? 104 LEU A H    1 
ATOM 1628 H HA   . LEU A 1 103 ? 10.299  -3.434  3.403   1.00 0.00 ? 104 LEU A HA   1 
ATOM 1629 H HB2  . LEU A 1 103 ? 8.868   -5.080  2.069   1.00 0.00 ? 104 LEU A HB2  1 
ATOM 1630 H HB3  . LEU A 1 103 ? 7.502   -4.561  3.027   1.00 0.00 ? 104 LEU A HB3  1 
ATOM 1631 H HG   . LEU A 1 103 ? 8.023   -3.760  0.572   1.00 0.00 ? 104 LEU A HG   1 
ATOM 1632 H HD11 . LEU A 1 103 ? 5.964   -3.275  1.872   1.00 0.00 ? 104 LEU A HD11 1 
ATOM 1633 H HD12 . LEU A 1 103 ? 6.765   -1.827  2.524   1.00 0.00 ? 104 LEU A HD12 1 
ATOM 1634 H HD13 . LEU A 1 103 ? 6.474   -1.967  0.789   1.00 0.00 ? 104 LEU A HD13 1 
ATOM 1635 H HD21 . LEU A 1 103 ? 10.154  -2.653  1.128   1.00 0.00 ? 104 LEU A HD21 1 
ATOM 1636 H HD22 . LEU A 1 103 ? 8.953   -1.568  0.403   1.00 0.00 ? 104 LEU A HD22 1 
ATOM 1637 H HD23 . LEU A 1 103 ? 9.260   -1.500  2.157   1.00 0.00 ? 104 LEU A HD23 1 
ATOM 1638 N N    . ALA A 1 104 ? 9.354   -3.113  6.097   1.00 0.00 ? 105 ALA A N    1 
ATOM 1639 C CA   . ALA A 1 104 ? 8.840   -2.568  7.351   1.00 0.00 ? 105 ALA A CA   1 
ATOM 1640 C C    . ALA A 1 104 ? 9.456   -1.212  7.735   1.00 0.00 ? 105 ALA A C    1 
ATOM 1641 O O    . ALA A 1 104 ? 9.138   -0.204  7.063   1.00 0.00 ? 105 ALA A O    1 
ATOM 1642 C CB   . ALA A 1 104 ? 8.994   -3.657  8.427   1.00 0.00 ? 105 ALA A CB   1 
ATOM 1643 O OXT  . ALA A 1 104 ? 10.047  -1.098  8.832   1.00 0.00 ? 105 ALA A OXT  1 
ATOM 1644 H H    . ALA A 1 104 ? 10.219  -3.639  6.140   1.00 0.00 ? 105 ALA A H    1 
ATOM 1645 H HA   . ALA A 1 104 ? 7.773   -2.384  7.227   1.00 0.00 ? 105 ALA A HA   1 
ATOM 1646 H HB1  . ALA A 1 104 ? 8.450   -4.551  8.125   1.00 0.00 ? 105 ALA A HB1  1 
ATOM 1647 H HB2  . ALA A 1 104 ? 10.050  -3.898  8.567   1.00 0.00 ? 105 ALA A HB2  1 
ATOM 1648 H HB3  . ALA A 1 104 ? 8.588   -3.299  9.375   1.00 0.00 ? 105 ALA A HB3  1 
# 
